data_7BTM
#
_entry.id   7BTM
#
_cell.length_a   117.149
_cell.length_b   134.438
_cell.length_c   117.216
_cell.angle_alpha   90.000
_cell.angle_beta   90.041
_cell.angle_gamma   90.000
#
_symmetry.space_group_name_H-M   'P 1 2 1'
#
loop_
_entity.id
_entity.type
_entity.pdbx_description
1 polymer 'Short chain dehydrogenase'
2 water water
#
_entity_poly.entity_id   1
_entity_poly.type   'polypeptide(L)'
_entity_poly.pdbx_seq_one_letter_code
;MGSSHHHHHHSSGLVPRGSHMERTPDTPAPDLRGKIALVAGATRGAGRAIAVQLGAAGATVYVTGRTTRERRSEYNRSET
IEETAELVTEAGGTGIAVPTDHLVPEQVRALADRVDTEQGRLDVLVNDVWGGERLFEFDKKVWEHDLDAGLRLMRLGVDT
HAISSHFLLPLLVRRPGGLVVEMTDGTAAYNGSHYRNSYFYDLVKNSVLRMGYVLAHELEPYGGTAVTLTPGWMRSEMML
ETLGVTEENWRDALTEVPHFCISESPSYVGRAVAALAGDADVARWNGQSVSSGQLAQEYGFTDLDGSRPDCWRYLVEVQE
AGKPADPSGYR
;
_entity_poly.pdbx_strand_id   A,B,C,D,E,F,G,H
#
# COMPACT_ATOMS: atom_id res chain seq x y z
N ALA A 29 -21.58 -46.14 18.00
CA ALA A 29 -20.81 -46.05 16.76
C ALA A 29 -20.42 -44.61 16.45
N PRO A 30 -19.22 -44.42 15.91
CA PRO A 30 -18.77 -43.08 15.57
C PRO A 30 -19.54 -42.48 14.42
N ASP A 31 -19.80 -41.21 14.52
CA ASP A 31 -20.45 -40.45 13.48
C ASP A 31 -19.35 -39.65 12.82
N LEU A 32 -18.96 -40.08 11.63
CA LEU A 32 -17.87 -39.47 10.89
C LEU A 32 -18.37 -38.77 9.63
N ARG A 33 -19.65 -38.39 9.63
CA ARG A 33 -20.21 -37.66 8.50
C ARG A 33 -19.47 -36.34 8.34
N GLY A 34 -19.13 -36.02 7.10
CA GLY A 34 -18.38 -34.81 6.83
C GLY A 34 -16.88 -34.94 6.96
N LYS A 35 -16.38 -36.07 7.46
CA LYS A 35 -14.95 -36.28 7.61
C LYS A 35 -14.34 -36.75 6.28
N ILE A 36 -13.10 -36.33 6.05
CA ILE A 36 -12.34 -36.74 4.86
C ILE A 36 -11.22 -37.66 5.32
N ALA A 37 -11.17 -38.85 4.76
CA ALA A 37 -10.15 -39.82 5.13
C ALA A 37 -9.43 -40.28 3.89
N LEU A 38 -8.20 -40.73 4.09
CA LEU A 38 -7.42 -41.35 3.05
C LEU A 38 -6.77 -42.59 3.66
N VAL A 39 -6.91 -43.71 2.99
CA VAL A 39 -6.27 -44.96 3.38
C VAL A 39 -5.29 -45.33 2.29
N ALA A 40 -4.00 -45.25 2.60
CA ALA A 40 -2.97 -45.61 1.65
C ALA A 40 -2.74 -47.11 1.68
N GLY A 41 -2.87 -47.77 0.54
CA GLY A 41 -2.78 -49.21 0.48
C GLY A 41 -4.05 -49.87 0.97
N ALA A 42 -5.16 -49.64 0.28
CA ALA A 42 -6.46 -50.10 0.74
C ALA A 42 -7.08 -51.11 -0.21
N THR A 43 -6.29 -51.73 -1.08
CA THR A 43 -6.85 -52.71 -2.01
C THR A 43 -7.40 -53.92 -1.27
N ARG A 44 -6.71 -54.36 -0.23
CA ARG A 44 -7.06 -55.58 0.48
C ARG A 44 -6.65 -55.44 1.94
N GLY A 45 -6.93 -56.48 2.71
CA GLY A 45 -6.43 -56.61 4.07
C GLY A 45 -7.00 -55.54 4.98
N ALA A 46 -6.18 -55.12 5.94
CA ALA A 46 -6.66 -54.16 6.92
C ALA A 46 -7.05 -52.85 6.25
N GLY A 47 -6.31 -52.44 5.22
CA GLY A 47 -6.61 -51.19 4.56
C GLY A 47 -8.01 -51.13 3.97
N ARG A 48 -8.44 -52.18 3.29
CA ARG A 48 -9.79 -52.19 2.77
C ARG A 48 -10.81 -52.16 3.89
N ALA A 49 -10.64 -53.01 4.90
CA ALA A 49 -11.61 -53.05 5.98
C ALA A 49 -11.64 -51.74 6.76
N ILE A 50 -10.48 -51.10 6.90
CA ILE A 50 -10.43 -49.78 7.54
C ILE A 50 -11.20 -48.76 6.71
N ALA A 51 -10.95 -48.72 5.40
CA ALA A 51 -11.64 -47.78 4.56
C ALA A 51 -13.14 -48.03 4.59
N VAL A 52 -13.53 -49.30 4.60
CA VAL A 52 -14.94 -49.65 4.58
C VAL A 52 -15.63 -49.21 5.87
N GLN A 53 -15.01 -49.50 7.01
CA GLN A 53 -15.64 -49.13 8.28
C GLN A 53 -15.65 -47.62 8.48
N LEU A 54 -14.72 -46.90 7.85
CA LEU A 54 -14.80 -45.44 7.89
C LEU A 54 -15.98 -44.96 7.08
N GLY A 55 -16.22 -45.58 5.92
CA GLY A 55 -17.39 -45.23 5.14
C GLY A 55 -18.67 -45.62 5.85
N ALA A 56 -18.65 -46.75 6.57
CA ALA A 56 -19.82 -47.13 7.35
C ALA A 56 -20.10 -46.11 8.44
N ALA A 57 -19.08 -45.40 8.91
CA ALA A 57 -19.28 -44.33 9.87
C ALA A 57 -19.64 -43.02 9.19
N GLY A 58 -19.73 -43.03 7.87
CA GLY A 58 -20.21 -41.88 7.11
C GLY A 58 -19.16 -41.05 6.44
N ALA A 59 -17.92 -41.49 6.39
CA ALA A 59 -16.84 -40.67 5.87
C ALA A 59 -16.67 -40.83 4.35
N THR A 60 -16.07 -39.81 3.75
CA THR A 60 -15.53 -39.88 2.40
C THR A 60 -14.11 -40.41 2.51
N VAL A 61 -13.84 -41.52 1.83
CA VAL A 61 -12.57 -42.21 2.00
C VAL A 61 -11.88 -42.29 0.66
N TYR A 62 -10.75 -41.61 0.55
CA TYR A 62 -9.85 -41.82 -0.58
C TYR A 62 -9.09 -43.10 -0.33
N VAL A 63 -9.05 -43.98 -1.33
CA VAL A 63 -8.40 -45.27 -1.20
C VAL A 63 -7.39 -45.42 -2.33
N THR A 64 -6.17 -45.84 -1.98
CA THR A 64 -5.08 -45.88 -2.95
C THR A 64 -4.45 -47.27 -3.03
N GLY A 65 -3.82 -47.54 -4.16
CA GLY A 65 -3.21 -48.82 -4.44
C GLY A 65 -2.83 -48.87 -5.90
N ARG A 66 -2.03 -49.89 -6.23
CA ARG A 66 -1.59 -50.01 -7.62
C ARG A 66 -2.50 -50.90 -8.46
N THR A 67 -3.13 -51.91 -7.86
CA THR A 67 -3.91 -52.89 -8.62
C THR A 67 -5.26 -52.29 -8.98
N THR A 68 -5.44 -51.99 -10.26
CA THR A 68 -6.67 -51.42 -10.81
C THR A 68 -7.34 -52.37 -11.79
N ARG A 69 -8.54 -52.00 -12.21
CA ARG A 69 -9.35 -52.81 -13.12
C ARG A 69 -8.87 -52.75 -14.57
N SER A 78 -14.26 -58.04 -6.64
CA SER A 78 -13.04 -57.71 -7.35
C SER A 78 -11.94 -57.38 -6.36
N GLU A 79 -10.72 -57.76 -6.69
CA GLU A 79 -9.56 -57.47 -5.85
C GLU A 79 -8.83 -56.24 -6.38
N THR A 80 -9.53 -55.10 -6.37
CA THR A 80 -8.99 -53.85 -6.88
C THR A 80 -9.30 -52.72 -5.92
N ILE A 81 -8.60 -51.61 -6.14
CA ILE A 81 -8.84 -50.43 -5.34
C ILE A 81 -10.20 -49.85 -5.70
N GLU A 82 -10.62 -50.00 -6.97
CA GLU A 82 -11.95 -49.56 -7.37
C GLU A 82 -13.00 -50.34 -6.63
N GLU A 83 -12.77 -51.65 -6.48
CA GLU A 83 -13.69 -52.44 -5.70
C GLU A 83 -13.71 -51.96 -4.26
N THR A 84 -12.55 -51.58 -3.74
CA THR A 84 -12.51 -51.02 -2.40
C THR A 84 -13.35 -49.75 -2.33
N ALA A 85 -13.17 -48.86 -3.30
CA ALA A 85 -13.95 -47.62 -3.29
C ALA A 85 -15.44 -47.90 -3.34
N GLU A 86 -15.83 -48.88 -4.16
CA GLU A 86 -17.23 -49.26 -4.28
C GLU A 86 -17.77 -49.84 -2.98
N LEU A 87 -16.94 -50.58 -2.24
CA LEU A 87 -17.35 -51.11 -0.95
C LEU A 87 -17.54 -50.03 0.09
N VAL A 88 -16.75 -48.95 0.01
CA VAL A 88 -16.90 -47.84 0.95
C VAL A 88 -18.24 -47.15 0.75
N THR A 89 -18.61 -46.94 -0.51
CA THR A 89 -19.90 -46.31 -0.77
C THR A 89 -21.04 -47.22 -0.36
N GLU A 90 -20.93 -48.51 -0.70
CA GLU A 90 -21.98 -49.46 -0.36
C GLU A 90 -22.19 -49.47 1.14
N ALA A 91 -21.12 -49.32 1.90
CA ALA A 91 -21.23 -49.29 3.35
C ALA A 91 -21.92 -48.04 3.85
N GLY A 92 -22.11 -47.05 3.00
CA GLY A 92 -22.81 -45.87 3.45
C GLY A 92 -21.93 -44.65 3.45
N GLY A 93 -20.76 -44.75 2.84
CA GLY A 93 -19.92 -43.59 2.78
C GLY A 93 -19.67 -43.22 1.33
N THR A 94 -18.54 -42.58 1.06
CA THR A 94 -18.14 -42.22 -0.29
C THR A 94 -16.69 -42.66 -0.42
N GLY A 95 -16.45 -43.64 -1.28
CA GLY A 95 -15.11 -44.10 -1.56
C GLY A 95 -14.64 -43.54 -2.89
N ILE A 96 -13.42 -43.00 -2.88
CA ILE A 96 -12.83 -42.45 -4.09
C ILE A 96 -11.50 -43.14 -4.28
N ALA A 97 -11.37 -43.93 -5.33
CA ALA A 97 -10.15 -44.67 -5.57
C ALA A 97 -9.18 -43.77 -6.30
N VAL A 98 -7.95 -43.68 -5.81
CA VAL A 98 -6.91 -42.97 -6.53
C VAL A 98 -5.72 -43.90 -6.72
N PRO A 99 -5.57 -44.53 -7.88
CA PRO A 99 -4.41 -45.40 -8.10
C PRO A 99 -3.11 -44.64 -7.96
N THR A 100 -2.25 -45.16 -7.12
CA THR A 100 -1.02 -44.48 -6.73
C THR A 100 0.08 -45.50 -6.55
N ASP A 101 1.25 -45.22 -7.11
CA ASP A 101 2.45 -45.95 -6.77
C ASP A 101 3.09 -45.14 -5.66
N HIS A 102 3.00 -45.63 -4.43
CA HIS A 102 3.48 -44.90 -3.26
C HIS A 102 4.98 -44.85 -3.14
N LEU A 103 5.72 -45.49 -4.05
CA LEU A 103 7.14 -45.25 -4.13
C LEU A 103 7.49 -44.17 -5.15
N VAL A 104 6.52 -43.64 -5.89
CA VAL A 104 6.77 -42.59 -6.88
C VAL A 104 6.30 -41.27 -6.28
N PRO A 105 7.21 -40.39 -5.85
CA PRO A 105 6.79 -39.19 -5.15
C PRO A 105 5.84 -38.29 -5.92
N GLU A 106 6.03 -38.11 -7.23
CA GLU A 106 5.10 -37.24 -7.94
C GLU A 106 3.68 -37.81 -7.91
N GLN A 107 3.53 -39.14 -7.86
CA GLN A 107 2.18 -39.68 -7.80
C GLN A 107 1.54 -39.40 -6.45
N VAL A 108 2.33 -39.40 -5.38
CA VAL A 108 1.78 -39.10 -4.07
C VAL A 108 1.55 -37.62 -3.92
N ARG A 109 2.37 -36.79 -4.57
CA ARG A 109 2.11 -35.36 -4.58
C ARG A 109 0.80 -35.06 -5.29
N ALA A 110 0.59 -35.69 -6.44
CA ALA A 110 -0.66 -35.49 -7.15
C ALA A 110 -1.83 -35.94 -6.31
N LEU A 111 -1.67 -37.04 -5.59
CA LEU A 111 -2.72 -37.50 -4.70
C LEU A 111 -3.07 -36.43 -3.68
N ALA A 112 -2.05 -35.82 -3.07
CA ALA A 112 -2.29 -34.80 -2.06
C ALA A 112 -2.93 -33.56 -2.65
N ASP A 113 -2.52 -33.14 -3.85
CA ASP A 113 -3.17 -32.01 -4.49
C ASP A 113 -4.62 -32.30 -4.77
N ARG A 114 -4.94 -33.55 -5.07
CA ARG A 114 -6.30 -33.89 -5.44
C ARG A 114 -7.25 -33.74 -4.25
N VAL A 115 -6.86 -34.25 -3.08
CA VAL A 115 -7.70 -34.13 -1.90
C VAL A 115 -7.90 -32.67 -1.53
N ASP A 116 -6.84 -31.89 -1.64
CA ASP A 116 -6.98 -30.47 -1.40
C ASP A 116 -7.91 -29.83 -2.41
N THR A 117 -7.77 -30.21 -3.68
CA THR A 117 -8.61 -29.65 -4.72
C THR A 117 -10.07 -30.01 -4.52
N GLU A 118 -10.34 -31.28 -4.21
CA GLU A 118 -11.71 -31.75 -4.13
C GLU A 118 -12.33 -31.47 -2.78
N GLN A 119 -11.54 -31.47 -1.72
CA GLN A 119 -12.06 -31.37 -0.36
C GLN A 119 -11.55 -30.20 0.43
N GLY A 120 -10.31 -29.74 0.18
CA GLY A 120 -9.71 -28.69 0.97
C GLY A 120 -9.33 -29.09 2.38
N ARG A 121 -9.34 -30.38 2.70
CA ARG A 121 -9.06 -30.80 4.06
C ARG A 121 -8.74 -32.28 4.04
N LEU A 122 -8.08 -32.73 5.10
CA LEU A 122 -7.80 -34.14 5.34
C LEU A 122 -7.87 -34.36 6.84
N ASP A 123 -8.82 -35.17 7.30
CA ASP A 123 -9.03 -35.41 8.70
C ASP A 123 -8.33 -36.67 9.20
N VAL A 124 -8.26 -37.72 8.39
CA VAL A 124 -7.69 -39.00 8.80
C VAL A 124 -6.76 -39.48 7.71
N LEU A 125 -5.54 -39.87 8.10
CA LEU A 125 -4.58 -40.45 7.17
C LEU A 125 -4.19 -41.82 7.72
N VAL A 126 -4.40 -42.86 6.92
CA VAL A 126 -4.03 -44.22 7.31
C VAL A 126 -3.02 -44.72 6.28
N ASN A 127 -1.87 -45.17 6.77
CA ASN A 127 -0.78 -45.65 5.93
C ASN A 127 -0.74 -47.17 5.94
N ASP A 139 12.19 -68.04 9.54
CA ASP A 139 12.82 -69.33 9.32
C ASP A 139 14.22 -69.18 8.76
N LYS A 140 14.68 -67.95 8.65
CA LYS A 140 15.93 -67.65 7.97
C LYS A 140 16.74 -66.63 8.73
N LYS A 141 18.06 -66.81 8.74
CA LYS A 141 18.93 -65.79 9.29
C LYS A 141 19.15 -64.69 8.27
N VAL A 142 19.64 -63.54 8.74
CA VAL A 142 19.81 -62.42 7.82
C VAL A 142 20.76 -62.81 6.70
N TRP A 143 21.70 -63.68 6.97
CA TRP A 143 22.63 -64.05 5.92
C TRP A 143 22.10 -65.18 5.06
N GLU A 144 21.01 -65.83 5.43
CA GLU A 144 20.44 -66.81 4.52
C GLU A 144 19.36 -66.24 3.65
N HIS A 145 18.68 -65.23 4.15
CA HIS A 145 17.63 -64.55 3.43
C HIS A 145 18.18 -64.01 2.11
N ASP A 146 17.32 -63.96 1.09
CA ASP A 146 17.68 -63.30 -0.16
C ASP A 146 17.83 -61.80 0.06
N LEU A 147 18.97 -61.25 -0.31
CA LEU A 147 19.28 -59.87 0.05
C LEU A 147 18.45 -58.89 -0.75
N ASP A 148 18.34 -59.10 -2.07
CA ASP A 148 17.59 -58.16 -2.90
C ASP A 148 16.14 -58.05 -2.44
N ALA A 149 15.54 -59.17 -2.07
CA ALA A 149 14.16 -59.16 -1.59
C ALA A 149 14.02 -58.43 -0.26
N GLY A 150 14.99 -58.62 0.65
CA GLY A 150 14.90 -57.97 1.95
C GLY A 150 15.01 -56.47 1.86
N LEU A 151 15.92 -55.99 1.03
CA LEU A 151 16.05 -54.54 0.85
C LEU A 151 14.80 -53.97 0.20
N ARG A 152 14.24 -54.68 -0.78
CA ARG A 152 13.00 -54.24 -1.42
C ARG A 152 11.85 -54.22 -0.42
N LEU A 153 11.78 -55.23 0.43
CA LEU A 153 10.75 -55.28 1.46
C LEU A 153 10.85 -54.08 2.38
N MET A 154 12.07 -53.67 2.73
CA MET A 154 12.23 -52.53 3.62
C MET A 154 11.88 -51.23 2.91
N ARG A 155 12.19 -51.13 1.63
CA ARG A 155 11.82 -49.93 0.90
C ARG A 155 10.31 -49.84 0.71
N LEU A 156 9.67 -50.97 0.37
CA LEU A 156 8.23 -50.94 0.20
C LEU A 156 7.50 -50.72 1.49
N GLY A 157 8.09 -51.12 2.61
CA GLY A 157 7.38 -51.07 3.87
C GLY A 157 7.65 -49.82 4.66
N VAL A 158 8.76 -49.15 4.39
CA VAL A 158 9.16 -47.97 5.15
C VAL A 158 9.13 -46.71 4.29
N ASP A 159 9.73 -46.76 3.10
CA ASP A 159 9.81 -45.57 2.25
C ASP A 159 8.41 -45.11 1.84
N THR A 160 7.50 -46.05 1.64
CA THR A 160 6.15 -45.69 1.25
C THR A 160 5.47 -44.84 2.31
N HIS A 161 5.70 -45.16 3.57
CA HIS A 161 5.12 -44.35 4.63
C HIS A 161 5.76 -42.97 4.70
N ALA A 162 7.08 -42.89 4.52
CA ALA A 162 7.76 -41.61 4.60
C ALA A 162 7.34 -40.70 3.45
N ILE A 163 7.25 -41.23 2.23
CA ILE A 163 6.80 -40.45 1.09
C ILE A 163 5.39 -39.95 1.32
N SER A 164 4.56 -40.81 1.90
CA SER A 164 3.18 -40.46 2.15
C SER A 164 3.08 -39.30 3.13
N SER A 165 3.82 -39.37 4.24
CA SER A 165 3.77 -38.31 5.24
C SER A 165 4.31 -37.00 4.70
N HIS A 166 5.35 -37.07 3.88
CA HIS A 166 5.95 -35.84 3.37
C HIS A 166 4.95 -35.01 2.58
N PHE A 167 4.13 -35.67 1.78
CA PHE A 167 3.24 -34.96 0.88
C PHE A 167 1.86 -34.72 1.43
N LEU A 168 1.37 -35.59 2.31
CA LEU A 168 -0.01 -35.48 2.75
C LEU A 168 -0.15 -34.79 4.09
N LEU A 169 0.90 -34.75 4.88
CA LEU A 169 0.76 -34.12 6.18
C LEU A 169 0.49 -32.62 6.13
N PRO A 170 1.01 -31.83 5.16
CA PRO A 170 0.66 -30.40 5.16
C PRO A 170 -0.83 -30.14 5.19
N LEU A 171 -1.60 -30.87 4.38
CA LEU A 171 -3.05 -30.68 4.36
C LEU A 171 -3.67 -31.07 5.69
N LEU A 172 -3.12 -32.08 6.36
CA LEU A 172 -3.72 -32.55 7.61
C LEU A 172 -3.49 -31.58 8.76
N VAL A 173 -2.33 -30.93 8.83
CA VAL A 173 -2.01 -30.03 9.94
C VAL A 173 -2.52 -28.63 9.63
N ARG A 174 -3.21 -28.48 8.50
CA ARG A 174 -3.78 -27.19 8.13
C ARG A 174 -4.79 -26.73 9.17
N ARG A 175 -5.48 -27.66 9.81
CA ARG A 175 -6.35 -27.32 10.92
C ARG A 175 -6.09 -28.33 12.03
N PRO A 176 -6.34 -27.95 13.28
CA PRO A 176 -6.17 -28.92 14.38
C PRO A 176 -7.20 -30.02 14.30
N GLY A 177 -6.89 -31.14 14.95
CA GLY A 177 -7.77 -32.28 15.01
C GLY A 177 -7.46 -33.42 14.07
N GLY A 178 -6.41 -33.31 13.25
CA GLY A 178 -6.08 -34.38 12.35
C GLY A 178 -5.52 -35.58 13.07
N LEU A 179 -5.70 -36.75 12.47
CA LEU A 179 -5.25 -38.02 13.03
C LEU A 179 -4.50 -38.81 11.97
N VAL A 180 -3.33 -39.33 12.33
CA VAL A 180 -2.56 -40.21 11.49
C VAL A 180 -2.51 -41.56 12.15
N VAL A 181 -2.77 -42.61 11.39
CA VAL A 181 -2.70 -43.97 11.91
C VAL A 181 -1.70 -44.71 11.02
N GLU A 182 -0.57 -45.07 11.59
CA GLU A 182 0.43 -45.89 10.90
C GLU A 182 0.16 -47.33 11.28
N MET A 183 -0.12 -48.18 10.29
CA MET A 183 -0.43 -49.58 10.55
C MET A 183 0.83 -50.42 10.60
N THR A 184 0.89 -51.37 11.54
CA THR A 184 2.04 -52.26 11.67
C THR A 184 1.55 -53.61 12.19
N ASP A 185 2.51 -54.52 12.40
CA ASP A 185 2.29 -55.87 12.93
C ASP A 185 2.95 -55.93 14.30
N GLY A 186 2.13 -55.97 15.33
CA GLY A 186 2.55 -56.05 16.72
C GLY A 186 2.42 -54.72 17.43
N THR A 187 2.41 -54.80 18.76
CA THR A 187 2.47 -53.65 19.65
C THR A 187 3.91 -53.42 20.09
N ALA A 188 4.16 -52.25 20.69
CA ALA A 188 5.50 -51.98 21.21
C ALA A 188 5.85 -52.94 22.33
N ALA A 189 4.88 -53.25 23.19
CA ALA A 189 5.13 -54.16 24.30
C ALA A 189 5.47 -55.56 23.81
N TYR A 190 4.76 -56.03 22.79
CA TYR A 190 5.02 -57.36 22.26
C TYR A 190 6.32 -57.39 21.47
N ASN A 191 6.48 -56.48 20.50
CA ASN A 191 7.68 -56.48 19.65
C ASN A 191 8.94 -56.21 20.45
N GLY A 192 8.82 -55.49 21.56
CA GLY A 192 9.97 -55.20 22.37
C GLY A 192 10.61 -56.42 22.99
N SER A 193 9.88 -57.53 23.09
CA SER A 193 10.47 -58.72 23.68
C SER A 193 10.36 -59.91 22.74
N HIS A 194 10.10 -59.68 21.46
CA HIS A 194 9.89 -60.74 20.48
C HIS A 194 10.52 -60.37 19.14
N TYR A 195 11.34 -61.26 18.62
CA TYR A 195 11.80 -61.20 17.25
C TYR A 195 10.67 -61.59 16.29
N ARG A 196 10.49 -60.81 15.23
CA ARG A 196 9.35 -60.95 14.33
C ARG A 196 9.79 -61.53 12.98
N ASN A 197 9.71 -62.86 12.86
CA ASN A 197 9.77 -63.58 11.59
C ASN A 197 11.13 -63.53 10.91
N SER A 198 11.60 -62.34 10.53
CA SER A 198 12.86 -62.22 9.81
C SER A 198 13.48 -60.86 10.11
N TYR A 199 14.75 -60.70 9.73
CA TYR A 199 15.48 -59.46 9.98
C TYR A 199 14.80 -58.29 9.29
N PHE A 200 14.49 -58.44 8.00
CA PHE A 200 13.94 -57.33 7.23
C PHE A 200 12.50 -57.04 7.62
N TYR A 201 11.72 -58.08 7.89
CA TYR A 201 10.35 -57.90 8.35
C TYR A 201 10.35 -57.17 9.67
N ASP A 202 11.17 -57.62 10.58
CA ASP A 202 11.24 -57.04 11.90
C ASP A 202 11.62 -55.57 11.83
N LEU A 203 12.59 -55.24 10.99
CA LEU A 203 13.01 -53.85 10.91
C LEU A 203 11.88 -52.97 10.39
N VAL A 204 11.15 -53.45 9.39
CA VAL A 204 10.05 -52.66 8.83
C VAL A 204 8.98 -52.41 9.87
N LYS A 205 8.55 -53.47 10.54
CA LYS A 205 7.43 -53.34 11.46
C LYS A 205 7.79 -52.47 12.64
N ASN A 206 9.04 -52.54 13.09
CA ASN A 206 9.42 -51.69 14.20
C ASN A 206 9.72 -50.28 13.76
N SER A 207 10.12 -50.08 12.50
CA SER A 207 10.21 -48.71 12.00
C SER A 207 8.86 -48.05 11.99
N VAL A 208 7.81 -48.78 11.61
CA VAL A 208 6.51 -48.15 11.57
C VAL A 208 6.02 -47.81 12.97
N LEU A 209 6.38 -48.62 13.97
CA LEU A 209 6.11 -48.27 15.36
C LEU A 209 6.72 -46.93 15.74
N ARG A 210 7.99 -46.72 15.38
CA ARG A 210 8.67 -45.48 15.69
C ARG A 210 8.06 -44.31 14.93
N MET A 211 7.60 -44.57 13.71
CA MET A 211 7.03 -43.50 12.88
C MET A 211 5.88 -42.81 13.59
N GLY A 212 5.06 -43.57 14.31
CA GLY A 212 3.97 -42.97 15.07
C GLY A 212 4.45 -42.11 16.22
N TYR A 213 5.50 -42.53 16.90
CA TYR A 213 6.06 -41.70 17.96
C TYR A 213 6.66 -40.44 17.39
N VAL A 214 7.38 -40.57 16.28
CA VAL A 214 8.03 -39.42 15.63
C VAL A 214 6.99 -38.44 15.14
N LEU A 215 5.97 -38.94 14.44
CA LEU A 215 4.93 -38.06 13.94
C LEU A 215 4.13 -37.43 15.08
N ALA A 216 3.97 -38.14 16.17
CA ALA A 216 3.22 -37.59 17.29
C ALA A 216 3.89 -36.35 17.84
N HIS A 217 5.22 -36.33 17.89
CA HIS A 217 5.90 -35.12 18.34
C HIS A 217 5.83 -34.03 17.28
N GLU A 218 5.86 -34.39 15.99
CA GLU A 218 5.81 -33.35 14.96
C GLU A 218 4.41 -32.77 14.79
N LEU A 219 3.37 -33.53 15.09
CA LEU A 219 2.02 -33.04 14.83
C LEU A 219 1.38 -32.31 16.01
N GLU A 220 1.85 -32.53 17.23
CA GLU A 220 1.19 -31.96 18.40
C GLU A 220 1.04 -30.44 18.33
N PRO A 221 2.03 -29.66 17.92
CA PRO A 221 1.83 -28.20 17.84
C PRO A 221 0.76 -27.77 16.87
N TYR A 222 0.33 -28.64 15.97
CA TYR A 222 -0.72 -28.37 15.02
C TYR A 222 -2.06 -28.92 15.49
N GLY A 223 -2.12 -29.43 16.71
CA GLY A 223 -3.32 -30.09 17.16
C GLY A 223 -3.56 -31.44 16.52
N GLY A 224 -2.51 -32.04 15.94
CA GLY A 224 -2.62 -33.34 15.30
C GLY A 224 -2.19 -34.48 16.20
N THR A 225 -2.65 -35.68 15.86
CA THR A 225 -2.39 -36.90 16.62
C THR A 225 -1.85 -37.97 15.66
N ALA A 226 -0.87 -38.73 16.13
CA ALA A 226 -0.40 -39.89 15.38
C ALA A 226 -0.29 -41.07 16.33
N VAL A 227 -0.74 -42.23 15.88
CA VAL A 227 -0.59 -43.46 16.63
C VAL A 227 -0.13 -44.52 15.64
N THR A 228 0.43 -45.60 16.17
CA THR A 228 0.69 -46.79 15.39
C THR A 228 -0.25 -47.87 15.88
N LEU A 229 -0.98 -48.48 14.96
CA LEU A 229 -2.02 -49.44 15.31
C LEU A 229 -1.75 -50.77 14.66
N THR A 230 -1.98 -51.85 15.40
CA THR A 230 -1.87 -53.17 14.84
C THR A 230 -3.17 -53.94 14.99
N PRO A 231 -3.52 -54.78 14.02
CA PRO A 231 -4.60 -55.75 14.21
C PRO A 231 -4.10 -56.92 15.03
N GLY A 232 -4.98 -57.91 15.19
CA GLY A 232 -4.58 -59.16 15.76
C GLY A 232 -4.22 -60.12 14.65
N TRP A 233 -4.69 -61.34 14.74
CA TRP A 233 -4.48 -62.34 13.69
C TRP A 233 -5.67 -62.28 12.74
N MET A 234 -5.51 -61.62 11.60
CA MET A 234 -6.64 -61.30 10.75
C MET A 234 -7.07 -62.46 9.88
N ARG A 235 -8.38 -62.66 9.80
CA ARG A 235 -8.97 -63.58 8.84
C ARG A 235 -9.09 -62.86 7.49
N SER A 236 -7.93 -62.51 6.97
CA SER A 236 -7.89 -61.81 5.70
C SER A 236 -8.28 -62.75 4.58
N GLU A 237 -8.59 -62.16 3.44
CA GLU A 237 -8.93 -62.93 2.26
C GLU A 237 -7.82 -63.89 1.91
N MET A 238 -6.58 -63.46 2.10
CA MET A 238 -5.47 -64.33 1.81
C MET A 238 -5.35 -65.42 2.85
N MET A 239 -5.55 -65.05 4.11
CA MET A 239 -5.42 -66.03 5.17
C MET A 239 -6.48 -67.11 5.03
N LEU A 240 -7.70 -66.70 4.68
CA LEU A 240 -8.79 -67.66 4.57
C LEU A 240 -8.54 -68.66 3.45
N GLU A 241 -8.14 -68.17 2.27
CA GLU A 241 -7.94 -69.11 1.17
C GLU A 241 -6.78 -70.04 1.45
N THR A 242 -5.78 -69.56 2.16
CA THR A 242 -4.65 -70.38 2.58
C THR A 242 -5.11 -71.55 3.45
N LEU A 243 -6.13 -71.34 4.26
CA LEU A 243 -6.66 -72.41 5.08
C LEU A 243 -7.76 -73.18 4.39
N GLY A 244 -8.16 -72.76 3.20
CA GLY A 244 -9.18 -73.46 2.44
C GLY A 244 -10.58 -73.31 2.98
N VAL A 245 -10.86 -72.20 3.66
CA VAL A 245 -12.16 -71.97 4.27
C VAL A 245 -12.70 -70.61 3.83
N THR A 246 -13.98 -70.39 4.09
CA THR A 246 -14.58 -69.09 3.92
C THR A 246 -14.79 -68.46 5.28
N GLU A 247 -15.15 -67.19 5.26
CA GLU A 247 -15.50 -66.53 6.50
C GLU A 247 -16.69 -67.20 7.15
N GLU A 248 -17.64 -67.69 6.35
CA GLU A 248 -18.83 -68.30 6.91
C GLU A 248 -18.50 -69.56 7.68
N ASN A 249 -17.39 -70.20 7.38
CA ASN A 249 -17.04 -71.49 7.98
C ASN A 249 -15.59 -71.49 8.44
N TRP A 250 -15.14 -70.41 9.08
CA TRP A 250 -13.71 -70.29 9.35
C TRP A 250 -13.23 -71.25 10.43
N ARG A 251 -14.08 -71.62 11.38
CA ARG A 251 -13.56 -72.49 12.44
C ARG A 251 -13.30 -73.91 11.95
N ASP A 252 -13.65 -74.22 10.70
CA ASP A 252 -13.29 -75.49 10.13
C ASP A 252 -11.78 -75.66 10.12
N ALA A 253 -11.04 -74.55 10.07
CA ALA A 253 -9.58 -74.59 10.02
C ALA A 253 -8.93 -74.86 11.37
N LEU A 254 -9.71 -74.90 12.45
CA LEU A 254 -9.10 -75.05 13.77
C LEU A 254 -8.43 -76.41 13.92
N THR A 255 -8.89 -77.42 13.18
CA THR A 255 -8.18 -78.69 13.24
C THR A 255 -6.79 -78.53 12.67
N GLU A 256 -6.64 -77.71 11.64
CA GLU A 256 -5.33 -77.50 11.05
C GLU A 256 -4.49 -76.53 11.87
N VAL A 257 -5.08 -75.40 12.24
CA VAL A 257 -4.40 -74.39 13.04
C VAL A 257 -5.21 -74.15 14.31
N PRO A 258 -4.94 -74.86 15.40
CA PRO A 258 -5.77 -74.67 16.59
C PRO A 258 -5.66 -73.27 17.17
N HIS A 259 -4.49 -72.64 17.12
CA HIS A 259 -4.37 -71.32 17.70
C HIS A 259 -5.01 -70.24 16.87
N PHE A 260 -5.51 -70.58 15.70
CA PHE A 260 -6.28 -69.65 14.92
C PHE A 260 -7.59 -69.28 15.59
N CYS A 261 -7.90 -69.91 16.72
CA CYS A 261 -9.11 -69.60 17.44
C CYS A 261 -9.12 -68.18 18.01
N ILE A 262 -7.98 -67.47 17.98
CA ILE A 262 -7.94 -66.07 18.43
C ILE A 262 -8.14 -65.08 17.30
N SER A 263 -8.34 -65.56 16.08
CA SER A 263 -8.35 -64.65 14.94
C SER A 263 -9.57 -63.73 14.95
N GLU A 264 -9.44 -62.65 14.21
CA GLU A 264 -10.45 -61.63 14.11
C GLU A 264 -10.65 -61.31 12.64
N SER A 265 -11.84 -60.82 12.32
CA SER A 265 -12.09 -60.37 10.99
C SER A 265 -11.40 -59.05 10.76
N PRO A 266 -11.15 -58.72 9.49
CA PRO A 266 -10.53 -57.43 9.19
C PRO A 266 -11.33 -56.23 9.67
N SER A 267 -12.65 -56.33 9.77
CA SER A 267 -13.46 -55.19 10.19
C SER A 267 -13.19 -54.76 11.62
N TYR A 268 -12.60 -55.64 12.42
CA TYR A 268 -12.27 -55.33 13.81
C TYR A 268 -11.30 -54.15 13.90
N VAL A 269 -10.16 -54.27 13.23
CA VAL A 269 -9.22 -53.16 13.28
C VAL A 269 -9.81 -51.98 12.53
N GLY A 270 -10.75 -52.24 11.61
CA GLY A 270 -11.45 -51.13 10.97
C GLY A 270 -12.31 -50.35 11.94
N ARG A 271 -13.00 -51.04 12.85
CA ARG A 271 -13.77 -50.33 13.87
C ARG A 271 -12.87 -49.67 14.90
N ALA A 272 -11.65 -50.17 15.09
CA ALA A 272 -10.72 -49.50 15.98
C ALA A 272 -10.34 -48.13 15.43
N VAL A 273 -10.08 -48.04 14.13
CA VAL A 273 -9.75 -46.77 13.53
C VAL A 273 -10.94 -45.82 13.59
N ALA A 274 -12.14 -46.33 13.32
CA ALA A 274 -13.32 -45.48 13.38
C ALA A 274 -13.54 -44.93 14.76
N ALA A 275 -13.24 -45.73 15.78
CA ALA A 275 -13.36 -45.25 17.16
C ALA A 275 -12.37 -44.13 17.43
N LEU A 276 -11.15 -44.26 16.93
CA LEU A 276 -10.18 -43.20 17.11
C LEU A 276 -10.61 -41.94 16.38
N ALA A 277 -10.99 -42.07 15.12
CA ALA A 277 -11.34 -40.89 14.35
C ALA A 277 -12.59 -40.21 14.89
N GLY A 278 -13.43 -40.93 15.62
CA GLY A 278 -14.60 -40.35 16.24
C GLY A 278 -14.38 -39.88 17.66
N ASP A 279 -13.19 -40.09 18.19
CA ASP A 279 -12.87 -39.70 19.57
C ASP A 279 -12.45 -38.24 19.60
N ALA A 280 -13.20 -37.42 20.31
CA ALA A 280 -12.85 -36.01 20.44
C ALA A 280 -11.60 -35.81 21.27
N ASP A 281 -11.34 -36.69 22.23
CA ASP A 281 -10.12 -36.62 23.02
C ASP A 281 -9.13 -37.68 22.57
N VAL A 282 -9.09 -37.95 21.27
CA VAL A 282 -8.19 -38.96 20.75
C VAL A 282 -6.75 -38.57 21.01
N ALA A 283 -6.48 -37.28 21.24
CA ALA A 283 -5.12 -36.85 21.50
C ALA A 283 -4.51 -37.49 22.73
N ARG A 284 -5.31 -38.11 23.58
CA ARG A 284 -4.75 -38.82 24.72
C ARG A 284 -3.87 -39.99 24.30
N TRP A 285 -4.01 -40.48 23.08
CA TRP A 285 -3.22 -41.60 22.61
C TRP A 285 -1.96 -41.19 21.88
N ASN A 286 -1.69 -39.90 21.77
CA ASN A 286 -0.65 -39.42 20.86
C ASN A 286 0.66 -40.10 21.16
N GLY A 287 1.28 -40.66 20.12
CA GLY A 287 2.55 -41.30 20.23
C GLY A 287 2.50 -42.73 20.68
N GLN A 288 1.32 -43.25 20.97
CA GLN A 288 1.23 -44.57 21.54
C GLN A 288 1.11 -45.64 20.47
N SER A 289 1.55 -46.82 20.82
CA SER A 289 1.28 -48.02 20.07
C SER A 289 0.05 -48.70 20.66
N VAL A 290 -0.91 -49.05 19.81
CA VAL A 290 -2.19 -49.60 20.22
C VAL A 290 -2.52 -50.80 19.34
N SER A 291 -3.42 -51.64 19.83
CA SER A 291 -3.89 -52.80 19.09
C SER A 291 -5.40 -52.77 18.98
N SER A 292 -5.93 -53.52 18.01
CA SER A 292 -7.38 -53.56 17.80
C SER A 292 -8.09 -54.15 19.01
N GLY A 293 -7.49 -55.17 19.63
CA GLY A 293 -8.10 -55.73 20.82
C GLY A 293 -8.05 -54.78 22.01
N GLN A 294 -6.95 -54.04 22.15
CA GLN A 294 -6.86 -53.07 23.24
C GLN A 294 -7.90 -51.97 23.07
N LEU A 295 -8.09 -51.49 21.84
CA LEU A 295 -9.07 -50.45 21.59
C LEU A 295 -10.49 -50.97 21.65
N ALA A 296 -10.71 -52.26 21.44
CA ALA A 296 -12.07 -52.77 21.60
C ALA A 296 -12.49 -52.70 23.06
N GLN A 297 -11.55 -52.98 23.98
CA GLN A 297 -11.82 -52.83 25.40
C GLN A 297 -12.00 -51.37 25.79
N GLU A 298 -11.26 -50.45 25.19
CA GLU A 298 -11.36 -49.06 25.61
C GLU A 298 -12.63 -48.41 25.10
N TYR A 299 -12.98 -48.66 23.83
CA TYR A 299 -14.11 -47.99 23.20
C TYR A 299 -15.40 -48.80 23.26
N GLY A 300 -15.34 -50.11 23.30
CA GLY A 300 -16.53 -50.91 23.43
C GLY A 300 -17.07 -51.49 22.15
N PHE A 301 -16.40 -51.29 21.02
CA PHE A 301 -16.86 -51.92 19.80
C PHE A 301 -16.57 -53.41 19.85
N THR A 302 -17.16 -54.15 18.91
CA THR A 302 -16.93 -55.58 18.79
C THR A 302 -16.54 -55.88 17.36
N ASP A 303 -16.05 -57.10 17.14
CA ASP A 303 -15.92 -57.61 15.80
C ASP A 303 -17.32 -57.85 15.26
N LEU A 304 -17.42 -58.24 14.00
CA LEU A 304 -18.72 -58.44 13.38
C LEU A 304 -19.52 -59.50 14.12
N ASP A 305 -18.87 -60.50 14.68
CA ASP A 305 -19.56 -61.57 15.37
C ASP A 305 -19.84 -61.24 16.82
N GLY A 306 -19.57 -60.00 17.24
CA GLY A 306 -19.87 -59.60 18.59
C GLY A 306 -18.80 -59.93 19.61
N SER A 307 -17.70 -60.56 19.20
CA SER A 307 -16.62 -60.90 20.11
C SER A 307 -15.57 -59.79 20.12
N ARG A 308 -14.60 -59.92 21.02
CA ARG A 308 -13.51 -58.95 21.15
C ARG A 308 -12.18 -59.67 21.27
N PRO A 309 -11.64 -60.21 20.18
CA PRO A 309 -10.37 -60.94 20.26
C PRO A 309 -9.25 -60.05 20.77
N ASP A 310 -8.45 -60.61 21.67
CA ASP A 310 -7.29 -59.94 22.25
C ASP A 310 -6.07 -60.76 21.89
N CYS A 311 -5.59 -60.54 20.67
CA CYS A 311 -4.62 -61.44 20.07
C CYS A 311 -3.31 -61.44 20.85
N TRP A 312 -2.81 -60.26 21.21
CA TRP A 312 -1.45 -60.18 21.70
C TRP A 312 -1.31 -60.67 23.13
N ARG A 313 -2.37 -60.58 23.94
CA ARG A 313 -2.27 -61.20 25.25
C ARG A 313 -2.39 -62.72 25.14
N TYR A 314 -3.18 -63.20 24.18
CA TYR A 314 -3.34 -64.63 23.96
C TYR A 314 -2.04 -65.28 23.54
N LEU A 315 -1.31 -64.61 22.64
CA LEU A 315 -0.07 -65.18 22.14
C LEU A 315 0.92 -65.46 23.26
N VAL A 316 1.03 -64.52 24.21
CA VAL A 316 1.99 -64.65 25.28
C VAL A 316 1.47 -65.57 26.38
N GLU A 317 0.22 -65.40 26.79
CA GLU A 317 -0.25 -66.09 27.97
C GLU A 317 -0.68 -67.51 27.68
N VAL A 318 -1.05 -67.82 26.45
CA VAL A 318 -1.49 -69.16 26.14
C VAL A 318 -0.52 -69.79 25.17
N GLN A 319 -0.44 -69.25 23.97
CA GLN A 319 0.30 -69.95 22.93
C GLN A 319 1.78 -70.02 23.29
N GLU A 320 2.41 -68.89 23.61
CA GLU A 320 3.82 -68.97 23.95
C GLU A 320 4.06 -69.60 25.30
N ALA A 321 3.04 -69.69 26.14
CA ALA A 321 3.13 -70.35 27.42
C ALA A 321 3.04 -71.86 27.33
N GLY A 322 2.92 -72.42 26.13
CA GLY A 322 2.83 -73.85 25.97
C GLY A 322 1.47 -74.44 26.27
N LYS A 323 0.49 -73.61 26.57
CA LYS A 323 -0.84 -74.10 26.87
C LYS A 323 -1.58 -74.46 25.60
N PRO A 324 -2.61 -75.31 25.68
CA PRO A 324 -3.41 -75.63 24.50
C PRO A 324 -4.27 -74.46 24.06
N ALA A 325 -4.62 -74.47 22.78
CA ALA A 325 -5.49 -73.45 22.20
C ALA A 325 -6.84 -73.48 22.87
N ASP A 326 -7.22 -72.37 23.42
CA ASP A 326 -8.45 -72.23 24.15
C ASP A 326 -8.74 -70.75 24.24
N PRO A 327 -9.78 -70.26 23.55
CA PRO A 327 -10.02 -68.82 23.53
C PRO A 327 -10.71 -68.30 24.79
N SER A 328 -10.96 -69.14 25.79
CA SER A 328 -11.74 -68.69 26.94
C SER A 328 -11.07 -67.50 27.60
N GLY A 329 -11.83 -66.41 27.73
CA GLY A 329 -11.33 -65.21 28.36
C GLY A 329 -10.53 -64.30 27.47
N TYR A 330 -10.39 -64.62 26.20
CA TYR A 330 -9.57 -63.83 25.28
C TYR A 330 -10.33 -63.34 24.06
N ARG A 331 -11.64 -63.57 23.97
CA ARG A 331 -12.42 -63.03 22.88
C ARG A 331 -13.88 -62.92 23.30
N ALA B 29 -43.32 17.54 20.05
CA ALA B 29 -42.62 17.51 18.77
C ALA B 29 -42.13 18.90 18.36
N PRO B 30 -40.93 18.98 17.78
CA PRO B 30 -40.42 20.29 17.38
C PRO B 30 -41.22 20.87 16.23
N ASP B 31 -41.43 22.17 16.28
CA ASP B 31 -42.07 22.91 15.20
C ASP B 31 -40.97 23.71 14.54
N LEU B 32 -40.58 23.31 13.33
CA LEU B 32 -39.49 23.96 12.62
C LEU B 32 -39.98 24.66 11.36
N ARG B 33 -41.26 24.98 11.31
CA ARG B 33 -41.81 25.74 10.19
C ARG B 33 -41.15 27.11 10.11
N GLY B 34 -40.79 27.51 8.89
CA GLY B 34 -40.07 28.75 8.70
C GLY B 34 -38.58 28.65 8.85
N LYS B 35 -38.06 27.53 9.35
CA LYS B 35 -36.63 27.33 9.50
C LYS B 35 -36.02 26.87 8.19
N ILE B 36 -34.79 27.28 7.96
CA ILE B 36 -34.00 26.87 6.80
C ILE B 36 -32.90 25.97 7.33
N ALA B 37 -32.83 24.76 6.79
CA ALA B 37 -31.81 23.81 7.20
C ALA B 37 -31.12 23.30 5.95
N LEU B 38 -29.90 22.83 6.15
CA LEU B 38 -29.14 22.19 5.10
C LEU B 38 -28.49 20.96 5.68
N VAL B 39 -28.66 19.82 5.02
CA VAL B 39 -27.99 18.59 5.40
C VAL B 39 -27.05 18.24 4.26
N ALA B 40 -25.74 18.37 4.52
CA ALA B 40 -24.71 18.04 3.55
C ALA B 40 -24.41 16.56 3.61
N GLY B 41 -24.55 15.87 2.49
CA GLY B 41 -24.39 14.43 2.45
C GLY B 41 -25.66 13.73 2.90
N ALA B 42 -26.73 13.94 2.16
CA ALA B 42 -28.06 13.48 2.56
C ALA B 42 -28.63 12.44 1.60
N THR B 43 -27.78 11.78 0.81
CA THR B 43 -28.29 10.80 -0.12
C THR B 43 -28.87 9.59 0.60
N ARG B 44 -28.23 9.16 1.67
CA ARG B 44 -28.65 7.95 2.37
C ARG B 44 -28.30 8.09 3.84
N GLY B 45 -28.67 7.07 4.62
CA GLY B 45 -28.19 6.98 5.99
C GLY B 45 -28.68 8.09 6.89
N ALA B 46 -27.83 8.50 7.84
CA ALA B 46 -28.24 9.51 8.80
C ALA B 46 -28.54 10.84 8.11
N GLY B 47 -27.77 11.18 7.08
CA GLY B 47 -28.00 12.45 6.39
C GLY B 47 -29.40 12.56 5.83
N ARG B 48 -29.85 11.50 5.16
CA ARG B 48 -31.22 11.49 4.63
C ARG B 48 -32.25 11.52 5.74
N ALA B 49 -32.07 10.67 6.76
CA ALA B 49 -33.06 10.58 7.84
C ALA B 49 -33.16 11.88 8.61
N ILE B 50 -32.02 12.57 8.80
CA ILE B 50 -32.03 13.89 9.43
C ILE B 50 -32.79 14.89 8.58
N ALA B 51 -32.53 14.90 7.27
CA ALA B 51 -33.23 15.83 6.41
C ALA B 51 -34.73 15.57 6.46
N VAL B 52 -35.12 14.30 6.43
CA VAL B 52 -36.51 13.93 6.44
C VAL B 52 -37.17 14.32 7.77
N GLN B 53 -36.54 14.00 8.90
CA GLN B 53 -37.16 14.31 10.18
C GLN B 53 -37.23 15.81 10.41
N LEU B 54 -36.34 16.58 9.80
CA LEU B 54 -36.44 18.02 9.85
C LEU B 54 -37.63 18.52 9.05
N GLY B 55 -37.89 17.91 7.90
CA GLY B 55 -39.06 18.28 7.15
C GLY B 55 -40.33 17.91 7.88
N ALA B 56 -40.32 16.79 8.59
CA ALA B 56 -41.48 16.41 9.38
C ALA B 56 -41.81 17.46 10.42
N ALA B 57 -40.82 18.21 10.89
CA ALA B 57 -41.09 19.33 11.79
C ALA B 57 -41.42 20.61 11.06
N GLY B 58 -41.43 20.58 9.72
CA GLY B 58 -41.88 21.69 8.93
C GLY B 58 -40.82 22.54 8.26
N ALA B 59 -39.57 22.11 8.26
CA ALA B 59 -38.50 22.96 7.78
C ALA B 59 -38.32 22.82 6.27
N THR B 60 -37.72 23.86 5.68
CA THR B 60 -37.16 23.78 4.34
C THR B 60 -35.75 23.26 4.47
N VAL B 61 -35.47 22.13 3.83
CA VAL B 61 -34.19 21.45 3.99
C VAL B 61 -33.54 21.35 2.64
N TYR B 62 -32.39 21.98 2.51
CA TYR B 62 -31.52 21.76 1.37
C TYR B 62 -30.78 20.44 1.59
N VAL B 63 -30.76 19.61 0.56
CA VAL B 63 -30.13 18.30 0.68
C VAL B 63 -29.09 18.17 -0.43
N THR B 64 -27.88 17.78 -0.06
CA THR B 64 -26.78 17.74 -1.02
C THR B 64 -26.11 16.39 -1.02
N GLY B 65 -25.47 16.12 -2.15
CA GLY B 65 -24.80 14.88 -2.40
C GLY B 65 -24.46 14.85 -3.87
N ARG B 66 -23.62 13.90 -4.22
CA ARG B 66 -23.20 13.79 -5.60
C ARG B 66 -24.09 12.88 -6.43
N THR B 67 -24.69 11.86 -5.81
CA THR B 67 -25.46 10.86 -6.55
C THR B 67 -26.84 11.42 -6.90
N THR B 68 -27.02 11.75 -8.18
CA THR B 68 -28.26 12.30 -8.70
C THR B 68 -28.84 11.42 -9.80
N ARG B 69 -30.03 11.79 -10.25
CA ARG B 69 -30.78 11.04 -11.27
C ARG B 69 -30.20 11.21 -12.69
N THR B 80 -30.84 8.47 -4.58
CA THR B 80 -30.37 9.74 -5.12
C THR B 80 -30.68 10.89 -4.20
N ILE B 81 -30.01 12.02 -4.44
CA ILE B 81 -30.26 13.19 -3.62
C ILE B 81 -31.64 13.73 -3.93
N GLU B 82 -32.09 13.58 -5.17
CA GLU B 82 -33.45 14.01 -5.50
C GLU B 82 -34.46 13.19 -4.76
N GLU B 83 -34.20 11.89 -4.63
CA GLU B 83 -35.10 11.06 -3.84
C GLU B 83 -35.18 11.57 -2.42
N THR B 84 -34.03 11.97 -1.86
CA THR B 84 -34.05 12.55 -0.52
C THR B 84 -34.91 13.80 -0.48
N ALA B 85 -34.73 14.68 -1.46
CA ALA B 85 -35.50 15.92 -1.44
C ALA B 85 -36.99 15.63 -1.49
N GLU B 86 -37.38 14.68 -2.35
CA GLU B 86 -38.79 14.33 -2.46
C GLU B 86 -39.32 13.76 -1.16
N LEU B 87 -38.50 13.01 -0.44
CA LEU B 87 -38.91 12.47 0.84
C LEU B 87 -39.06 13.56 1.89
N VAL B 88 -38.28 14.63 1.80
CA VAL B 88 -38.46 15.74 2.74
C VAL B 88 -39.81 16.40 2.53
N THR B 89 -40.18 16.62 1.27
CA THR B 89 -41.47 17.24 1.02
C THR B 89 -42.60 16.33 1.47
N GLU B 90 -42.49 15.04 1.18
CA GLU B 90 -43.54 14.10 1.59
C GLU B 90 -43.75 14.13 3.08
N ALA B 91 -42.68 14.30 3.85
CA ALA B 91 -42.78 14.33 5.31
C ALA B 91 -43.48 15.55 5.83
N GLY B 92 -43.67 16.59 5.02
CA GLY B 92 -44.36 17.76 5.51
C GLY B 92 -43.47 18.98 5.47
N GLY B 93 -42.33 18.87 4.82
CA GLY B 93 -41.46 20.01 4.71
C GLY B 93 -41.28 20.38 3.27
N THR B 94 -40.14 20.95 2.94
CA THR B 94 -39.75 21.33 1.59
C THR B 94 -38.32 20.86 1.40
N GLY B 95 -38.10 19.90 0.53
CA GLY B 95 -36.76 19.44 0.22
C GLY B 95 -36.29 20.04 -1.08
N ILE B 96 -35.08 20.60 -1.06
CA ILE B 96 -34.47 21.17 -2.24
C ILE B 96 -33.13 20.47 -2.42
N ALA B 97 -33.01 19.73 -3.51
CA ALA B 97 -31.80 18.98 -3.77
C ALA B 97 -30.81 19.87 -4.52
N VAL B 98 -29.57 19.91 -4.04
CA VAL B 98 -28.52 20.62 -4.74
C VAL B 98 -27.35 19.67 -4.93
N PRO B 99 -27.20 19.06 -6.10
CA PRO B 99 -26.05 18.19 -6.35
C PRO B 99 -24.76 18.96 -6.20
N THR B 100 -23.90 18.45 -5.32
CA THR B 100 -22.68 19.16 -4.96
C THR B 100 -21.58 18.12 -4.74
N ASP B 101 -20.41 18.37 -5.30
CA ASP B 101 -19.23 17.62 -4.91
C ASP B 101 -18.54 18.43 -3.83
N HIS B 102 -18.67 18.00 -2.57
CA HIS B 102 -18.18 18.78 -1.44
C HIS B 102 -16.67 18.80 -1.35
N LEU B 103 -15.96 18.14 -2.23
CA LEU B 103 -14.52 18.32 -2.34
C LEU B 103 -14.14 19.39 -3.37
N VAL B 104 -15.11 19.94 -4.08
CA VAL B 104 -14.88 20.98 -5.08
C VAL B 104 -15.27 22.32 -4.45
N PRO B 105 -14.33 23.19 -4.11
CA PRO B 105 -14.70 24.44 -3.43
C PRO B 105 -15.64 25.32 -4.24
N GLU B 106 -15.49 25.40 -5.55
CA GLU B 106 -16.39 26.25 -6.34
C GLU B 106 -17.83 25.80 -6.21
N GLN B 107 -18.06 24.48 -6.09
CA GLN B 107 -19.43 23.97 -6.01
C GLN B 107 -20.06 24.28 -4.66
N VAL B 108 -19.27 24.29 -3.60
CA VAL B 108 -19.79 24.59 -2.26
C VAL B 108 -19.99 26.08 -2.08
N ARG B 109 -19.18 26.89 -2.74
CA ARG B 109 -19.44 28.33 -2.76
C ARG B 109 -20.75 28.63 -3.47
N ALA B 110 -21.00 27.95 -4.60
CA ALA B 110 -22.26 28.13 -5.31
C ALA B 110 -23.43 27.69 -4.45
N LEU B 111 -23.25 26.59 -3.72
CA LEU B 111 -24.31 26.12 -2.85
C LEU B 111 -24.68 27.19 -1.84
N ALA B 112 -23.69 27.80 -1.20
CA ALA B 112 -23.96 28.84 -0.22
C ALA B 112 -24.54 30.08 -0.87
N ASP B 113 -24.08 30.44 -2.06
CA ASP B 113 -24.67 31.59 -2.74
C ASP B 113 -26.13 31.34 -3.04
N ARG B 114 -26.47 30.10 -3.38
CA ARG B 114 -27.84 29.76 -3.74
C ARG B 114 -28.76 29.91 -2.54
N VAL B 115 -28.34 29.40 -1.37
CA VAL B 115 -29.17 29.49 -0.18
C VAL B 115 -29.41 30.94 0.20
N ASP B 116 -28.37 31.77 0.10
CA ASP B 116 -28.53 33.17 0.35
C ASP B 116 -29.47 33.78 -0.67
N THR B 117 -29.32 33.39 -1.92
CA THR B 117 -30.17 33.92 -2.98
C THR B 117 -31.62 33.54 -2.75
N GLU B 118 -31.89 32.30 -2.38
CA GLU B 118 -33.29 31.88 -2.28
C GLU B 118 -33.93 32.18 -0.94
N GLN B 119 -33.18 32.11 0.15
CA GLN B 119 -33.76 32.20 1.49
C GLN B 119 -33.24 33.36 2.30
N GLY B 120 -32.00 33.79 2.07
CA GLY B 120 -31.40 34.84 2.85
C GLY B 120 -31.04 34.48 4.28
N ARG B 121 -31.11 33.20 4.64
CA ARG B 121 -30.88 32.80 6.02
C ARG B 121 -30.63 31.30 6.07
N LEU B 122 -29.97 30.88 7.13
CA LEU B 122 -29.72 29.46 7.39
C LEU B 122 -29.75 29.23 8.89
N ASP B 123 -30.68 28.41 9.36
CA ASP B 123 -30.86 28.20 10.79
C ASP B 123 -30.14 26.97 11.32
N VAL B 124 -30.08 25.90 10.55
CA VAL B 124 -29.48 24.65 11.00
C VAL B 124 -28.58 24.13 9.90
N LEU B 125 -27.35 23.78 10.26
CA LEU B 125 -26.41 23.17 9.31
C LEU B 125 -25.97 21.82 9.85
N VAL B 126 -26.22 20.77 9.08
CA VAL B 126 -25.85 19.41 9.46
C VAL B 126 -24.87 18.90 8.41
N ASN B 127 -23.71 18.44 8.84
CA ASN B 127 -22.67 17.93 7.97
C ASN B 127 -22.63 16.43 8.05
N ASP B 139 -9.51 -4.32 10.97
CA ASP B 139 -8.83 -5.59 11.10
C ASP B 139 -7.38 -5.51 10.66
N LYS B 140 -6.92 -4.31 10.29
CA LYS B 140 -5.61 -4.11 9.67
C LYS B 140 -4.92 -2.95 10.37
N LYS B 141 -3.59 -3.06 10.53
CA LYS B 141 -2.77 -2.00 11.09
C LYS B 141 -2.51 -0.94 10.04
N VAL B 142 -2.03 0.22 10.50
CA VAL B 142 -1.80 1.32 9.58
C VAL B 142 -0.84 0.89 8.48
N TRP B 143 0.09 0.01 8.80
CA TRP B 143 1.03 -0.46 7.79
C TRP B 143 0.50 -1.63 6.99
N GLU B 144 -0.63 -2.21 7.36
CA GLU B 144 -1.27 -3.23 6.54
C GLU B 144 -2.35 -2.68 5.65
N HIS B 145 -2.98 -1.61 6.10
CA HIS B 145 -4.01 -0.91 5.37
C HIS B 145 -3.50 -0.43 4.02
N ASP B 146 -4.39 -0.38 3.05
CA ASP B 146 -4.05 0.29 1.79
C ASP B 146 -3.84 1.77 2.04
N LEU B 147 -2.70 2.30 1.60
CA LEU B 147 -2.35 3.66 1.96
C LEU B 147 -3.19 4.67 1.22
N ASP B 148 -3.36 4.49 -0.09
CA ASP B 148 -4.15 5.44 -0.87
C ASP B 148 -5.59 5.51 -0.39
N ALA B 149 -6.18 4.38 -0.01
CA ALA B 149 -7.55 4.38 0.49
C ALA B 149 -7.66 5.14 1.80
N GLY B 150 -6.70 4.97 2.70
CA GLY B 150 -6.77 5.65 3.97
C GLY B 150 -6.62 7.15 3.84
N LEU B 151 -5.72 7.60 2.97
CA LEU B 151 -5.57 9.04 2.75
C LEU B 151 -6.79 9.62 2.06
N ARG B 152 -7.32 8.92 1.06
CA ARG B 152 -8.55 9.37 0.41
C ARG B 152 -9.72 9.40 1.40
N LEU B 153 -9.78 8.41 2.27
CA LEU B 153 -10.81 8.39 3.30
C LEU B 153 -10.72 9.62 4.18
N MET B 154 -9.50 10.02 4.55
CA MET B 154 -9.37 11.15 5.45
C MET B 154 -9.71 12.45 4.76
N ARG B 155 -9.41 12.57 3.47
CA ARG B 155 -9.78 13.77 2.75
C ARG B 155 -11.29 13.86 2.60
N LEU B 156 -11.94 12.75 2.28
CA LEU B 156 -13.39 12.75 2.15
C LEU B 156 -14.07 12.98 3.48
N GLY B 157 -13.43 12.59 4.56
CA GLY B 157 -14.10 12.65 5.84
C GLY B 157 -13.85 13.92 6.59
N VAL B 158 -12.76 14.63 6.28
CA VAL B 158 -12.36 15.81 7.02
C VAL B 158 -12.43 17.07 6.17
N ASP B 159 -11.83 17.05 4.98
CA ASP B 159 -11.80 18.23 4.14
C ASP B 159 -13.20 18.66 3.73
N THR B 160 -14.09 17.69 3.51
CA THR B 160 -15.45 18.02 3.12
C THR B 160 -16.14 18.82 4.21
N HIS B 161 -15.90 18.50 5.48
CA HIS B 161 -16.50 19.28 6.54
C HIS B 161 -15.90 20.67 6.63
N ALA B 162 -14.59 20.79 6.44
CA ALA B 162 -13.94 22.09 6.53
C ALA B 162 -14.40 23.01 5.42
N ILE B 163 -14.50 22.49 4.19
CA ILE B 163 -14.96 23.31 3.07
C ILE B 163 -16.38 23.78 3.33
N SER B 164 -17.20 22.89 3.89
CA SER B 164 -18.59 23.22 4.17
C SER B 164 -18.69 24.34 5.21
N SER B 165 -17.96 24.22 6.32
CA SER B 165 -18.03 25.24 7.35
C SER B 165 -17.51 26.56 6.82
N HIS B 166 -16.46 26.51 6.00
CA HIS B 166 -15.85 27.72 5.52
C HIS B 166 -16.83 28.56 4.73
N PHE B 167 -17.64 27.93 3.90
CA PHE B 167 -18.51 28.64 2.98
C PHE B 167 -19.90 28.87 3.52
N LEU B 168 -20.39 28.00 4.38
CA LEU B 168 -21.76 28.11 4.83
C LEU B 168 -21.89 28.81 6.17
N LEU B 169 -20.85 28.87 6.96
CA LEU B 169 -20.97 29.52 8.25
C LEU B 169 -21.20 31.03 8.17
N PRO B 170 -20.66 31.77 7.17
CA PRO B 170 -21.00 33.21 7.11
C PRO B 170 -22.49 33.51 7.08
N LEU B 171 -23.27 32.78 6.28
CA LEU B 171 -24.71 32.99 6.26
C LEU B 171 -25.35 32.61 7.60
N LEU B 172 -24.86 31.56 8.25
CA LEU B 172 -25.45 31.13 9.51
C LEU B 172 -25.17 32.10 10.64
N VAL B 173 -23.99 32.74 10.65
CA VAL B 173 -23.69 33.64 11.76
C VAL B 173 -24.29 35.02 11.55
N ARG B 174 -25.02 35.21 10.45
CA ARG B 174 -25.63 36.50 10.16
C ARG B 174 -26.61 36.89 11.26
N ARG B 175 -27.24 35.92 11.90
CA ARG B 175 -28.18 36.13 12.98
C ARG B 175 -27.87 35.16 14.11
N PRO B 176 -28.15 35.53 15.35
CA PRO B 176 -28.02 34.58 16.45
C PRO B 176 -29.05 33.47 16.31
N GLY B 177 -28.77 32.35 16.96
CA GLY B 177 -29.67 31.20 16.95
C GLY B 177 -29.33 30.09 15.99
N GLY B 178 -28.26 30.22 15.23
CA GLY B 178 -27.91 29.16 14.29
C GLY B 178 -27.39 27.95 15.01
N LEU B 179 -27.57 26.79 14.39
CA LEU B 179 -27.18 25.51 14.95
C LEU B 179 -26.37 24.74 13.92
N VAL B 180 -25.20 24.25 14.33
CA VAL B 180 -24.39 23.38 13.49
C VAL B 180 -24.28 22.04 14.18
N VAL B 181 -24.54 20.97 13.44
CA VAL B 181 -24.42 19.61 13.96
C VAL B 181 -23.41 18.88 13.08
N GLU B 182 -22.28 18.50 13.66
CA GLU B 182 -21.28 17.68 12.98
C GLU B 182 -21.52 16.21 13.31
N MET B 183 -21.74 15.39 12.29
CA MET B 183 -22.01 13.97 12.50
C MET B 183 -20.73 13.14 12.53
N THR B 184 -20.64 12.22 13.47
CA THR B 184 -19.48 11.34 13.59
C THR B 184 -19.92 9.99 14.16
N ASP B 185 -18.96 9.11 14.41
CA ASP B 185 -19.18 7.78 14.97
C ASP B 185 -18.55 7.72 16.36
N GLY B 186 -19.40 7.69 17.38
CA GLY B 186 -19.01 7.60 18.77
C GLY B 186 -19.14 8.93 19.52
N THR B 187 -19.16 8.83 20.84
CA THR B 187 -19.09 10.00 21.70
C THR B 187 -17.65 10.27 22.11
N ALA B 188 -17.42 11.45 22.68
CA ALA B 188 -16.07 11.77 23.16
C ALA B 188 -15.66 10.83 24.28
N ALA B 189 -16.60 10.48 25.16
CA ALA B 189 -16.29 9.59 26.26
C ALA B 189 -15.96 8.18 25.79
N TYR B 190 -16.72 7.68 24.81
CA TYR B 190 -16.47 6.33 24.31
C TYR B 190 -15.19 6.26 23.49
N ASN B 191 -15.06 7.14 22.50
CA ASN B 191 -13.88 7.08 21.65
C ASN B 191 -12.62 7.34 22.43
N GLY B 192 -12.72 8.09 23.52
CA GLY B 192 -11.53 8.39 24.30
C GLY B 192 -10.88 7.17 24.90
N SER B 193 -11.62 6.08 25.05
CA SER B 193 -11.07 4.88 25.65
C SER B 193 -11.26 3.67 24.75
N HIS B 194 -11.53 3.90 23.47
CA HIS B 194 -11.78 2.83 22.52
C HIS B 194 -11.15 3.18 21.18
N TYR B 195 -10.36 2.26 20.64
CA TYR B 195 -9.90 2.33 19.26
C TYR B 195 -11.03 1.98 18.31
N ARG B 196 -11.18 2.78 17.25
CA ARG B 196 -12.32 2.67 16.34
C ARG B 196 -11.92 2.11 14.97
N ASN B 197 -12.03 0.79 14.82
CA ASN B 197 -12.02 0.10 13.54
C ASN B 197 -10.66 0.11 12.85
N SER B 198 -10.17 1.28 12.47
CA SER B 198 -8.89 1.37 11.77
C SER B 198 -8.26 2.72 12.07
N TYR B 199 -6.98 2.85 11.71
CA TYR B 199 -6.24 4.09 11.93
C TYR B 199 -6.92 5.27 11.24
N PHE B 200 -7.24 5.11 9.95
CA PHE B 200 -7.77 6.24 9.20
C PHE B 200 -9.21 6.54 9.58
N TYR B 201 -10.01 5.51 9.81
CA TYR B 201 -11.38 5.70 10.25
C TYR B 201 -11.41 6.40 11.59
N ASP B 202 -10.61 5.89 12.53
CA ASP B 202 -10.57 6.45 13.87
C ASP B 202 -10.14 7.91 13.82
N LEU B 203 -9.16 8.24 12.99
CA LEU B 203 -8.70 9.62 12.93
C LEU B 203 -9.80 10.54 12.42
N VAL B 204 -10.56 10.11 11.39
CA VAL B 204 -11.61 10.95 10.84
C VAL B 204 -12.70 11.18 11.86
N LYS B 205 -13.13 10.11 12.52
CA LYS B 205 -14.23 10.26 13.45
C LYS B 205 -13.83 11.11 14.63
N ASN B 206 -12.56 11.07 15.02
CA ASN B 206 -12.17 11.88 16.17
C ASN B 206 -11.91 13.32 15.78
N SER B 207 -11.52 13.59 14.54
CA SER B 207 -11.45 14.97 14.07
C SER B 207 -12.82 15.62 14.05
N VAL B 208 -13.84 14.86 13.65
CA VAL B 208 -15.15 15.49 13.57
C VAL B 208 -15.68 15.80 14.96
N LEU B 209 -15.33 14.99 15.96
CA LEU B 209 -15.60 15.35 17.35
C LEU B 209 -14.98 16.69 17.72
N ARG B 210 -13.73 16.88 17.34
CA ARG B 210 -13.02 18.11 17.68
C ARG B 210 -13.65 19.30 16.98
N MET B 211 -14.17 19.08 15.78
CA MET B 211 -14.80 20.14 15.00
C MET B 211 -15.94 20.78 15.77
N GLY B 212 -16.73 19.99 16.49
CA GLY B 212 -17.82 20.58 17.25
C GLY B 212 -17.32 21.50 18.33
N TYR B 213 -16.24 21.11 18.99
CA TYR B 213 -15.63 21.96 19.99
C TYR B 213 -14.98 23.18 19.35
N VAL B 214 -14.27 22.99 18.24
CA VAL B 214 -13.64 24.13 17.59
C VAL B 214 -14.70 25.09 17.05
N LEU B 215 -15.69 24.56 16.35
CA LEU B 215 -16.71 25.43 15.78
C LEU B 215 -17.49 26.14 16.88
N ALA B 216 -17.67 25.50 18.04
CA ALA B 216 -18.37 26.14 19.14
C ALA B 216 -17.65 27.39 19.61
N HIS B 217 -16.32 27.41 19.54
CA HIS B 217 -15.58 28.63 19.91
C HIS B 217 -15.79 29.74 18.90
N GLU B 218 -15.82 29.41 17.61
CA GLU B 218 -15.93 30.45 16.59
C GLU B 218 -17.34 30.99 16.48
N LEU B 219 -18.35 30.17 16.78
CA LEU B 219 -19.74 30.55 16.61
C LEU B 219 -20.33 31.23 17.83
N GLU B 220 -19.75 31.01 19.01
CA GLU B 220 -20.30 31.59 20.24
C GLU B 220 -20.48 33.09 20.19
N PRO B 221 -19.52 33.90 19.71
CA PRO B 221 -19.75 35.35 19.67
C PRO B 221 -20.89 35.77 18.76
N TYR B 222 -21.31 34.91 17.85
CA TYR B 222 -22.37 35.22 16.93
C TYR B 222 -23.70 34.66 17.39
N GLY B 223 -23.75 34.11 18.60
CA GLY B 223 -24.95 33.45 19.02
C GLY B 223 -25.20 32.12 18.34
N GLY B 224 -24.18 31.52 17.77
CA GLY B 224 -24.31 30.23 17.13
C GLY B 224 -23.88 29.12 18.07
N THR B 225 -24.38 27.92 17.81
CA THR B 225 -24.14 26.74 18.62
C THR B 225 -23.62 25.63 17.71
N ALA B 226 -22.64 24.87 18.19
CA ALA B 226 -22.15 23.73 17.45
C ALA B 226 -22.14 22.53 18.38
N VAL B 227 -22.57 21.39 17.87
CA VAL B 227 -22.46 20.15 18.60
C VAL B 227 -21.96 19.11 17.63
N THR B 228 -21.42 18.04 18.20
CA THR B 228 -21.08 16.84 17.46
C THR B 228 -22.02 15.74 17.92
N LEU B 229 -22.65 15.06 16.97
CA LEU B 229 -23.68 14.09 17.28
C LEU B 229 -23.30 12.75 16.67
N THR B 230 -23.57 11.67 17.41
CA THR B 230 -23.45 10.33 16.83
C THR B 230 -24.77 9.59 16.96
N PRO B 231 -25.12 8.77 15.97
CA PRO B 231 -26.22 7.82 16.12
C PRO B 231 -25.76 6.60 16.90
N GLY B 232 -26.67 5.66 17.07
CA GLY B 232 -26.28 4.40 17.63
C GLY B 232 -25.91 3.46 16.51
N TRP B 233 -26.40 2.23 16.59
CA TRP B 233 -26.24 1.25 15.52
C TRP B 233 -27.46 1.38 14.64
N MET B 234 -27.29 2.04 13.50
CA MET B 234 -28.40 2.39 12.63
C MET B 234 -28.82 1.23 11.74
N ARG B 235 -30.13 1.04 11.61
CA ARG B 235 -30.66 0.12 10.62
C ARG B 235 -30.75 0.84 9.28
N SER B 236 -29.58 1.23 8.78
CA SER B 236 -29.52 1.90 7.51
C SER B 236 -29.85 0.92 6.38
N GLU B 237 -30.14 1.50 5.22
CA GLU B 237 -30.46 0.70 4.04
C GLU B 237 -29.34 -0.25 3.70
N MET B 238 -28.09 0.20 3.85
CA MET B 238 -26.98 -0.66 3.52
C MET B 238 -26.78 -1.71 4.60
N MET B 239 -27.00 -1.33 5.86
CA MET B 239 -26.89 -2.30 6.95
C MET B 239 -27.92 -3.39 6.78
N LEU B 240 -29.13 -3.02 6.36
CA LEU B 240 -30.17 -4.02 6.14
C LEU B 240 -29.79 -4.95 4.98
N GLU B 241 -29.20 -4.39 3.92
CA GLU B 241 -28.83 -5.22 2.78
C GLU B 241 -27.79 -6.25 3.17
N THR B 242 -26.85 -5.85 4.01
CA THR B 242 -25.82 -6.78 4.46
C THR B 242 -26.40 -7.93 5.25
N LEU B 243 -27.41 -7.67 6.07
CA LEU B 243 -28.02 -8.73 6.87
C LEU B 243 -29.19 -9.40 6.18
N GLY B 244 -29.62 -8.92 5.02
CA GLY B 244 -30.66 -9.59 4.28
C GLY B 244 -32.06 -9.47 4.85
N VAL B 245 -32.36 -8.38 5.57
CA VAL B 245 -33.67 -8.22 6.18
C VAL B 245 -34.25 -6.86 5.79
N THR B 246 -35.55 -6.69 6.03
CA THR B 246 -36.14 -5.37 5.89
C THR B 246 -36.45 -4.81 7.28
N GLU B 247 -36.79 -3.53 7.29
CA GLU B 247 -37.19 -2.93 8.54
C GLU B 247 -38.41 -3.63 9.09
N GLU B 248 -39.28 -4.12 8.20
CA GLU B 248 -40.49 -4.79 8.62
C GLU B 248 -40.19 -6.06 9.39
N ASN B 249 -39.02 -6.67 9.17
CA ASN B 249 -38.65 -7.93 9.80
C ASN B 249 -37.22 -7.89 10.34
N TRP B 250 -36.80 -6.78 10.96
CA TRP B 250 -35.38 -6.64 11.25
C TRP B 250 -34.88 -7.58 12.35
N ARG B 251 -35.73 -7.98 13.30
CA ARG B 251 -35.17 -8.84 14.34
C ARG B 251 -34.86 -10.25 13.84
N ASP B 252 -35.18 -10.57 12.59
CA ASP B 252 -34.74 -11.83 12.00
C ASP B 252 -33.23 -11.94 11.99
N ALA B 253 -32.54 -10.80 11.94
CA ALA B 253 -31.09 -10.81 11.88
C ALA B 253 -30.44 -11.11 13.20
N LEU B 254 -31.20 -11.16 14.28
CA LEU B 254 -30.58 -11.36 15.58
C LEU B 254 -29.92 -12.71 15.69
N THR B 255 -30.36 -13.70 14.92
CA THR B 255 -29.64 -14.97 14.94
C THR B 255 -28.22 -14.78 14.42
N GLU B 256 -28.05 -13.93 13.41
CA GLU B 256 -26.71 -13.73 12.87
C GLU B 256 -25.89 -12.76 13.71
N VAL B 257 -26.48 -11.64 14.10
CA VAL B 257 -25.81 -10.65 14.93
C VAL B 257 -26.67 -10.40 16.16
N PRO B 258 -26.48 -11.16 17.22
CA PRO B 258 -27.34 -11.02 18.40
C PRO B 258 -27.28 -9.65 19.03
N HIS B 259 -26.13 -8.98 18.99
CA HIS B 259 -26.11 -7.65 19.59
C HIS B 259 -26.77 -6.60 18.72
N PHE B 260 -27.28 -6.96 17.55
CA PHE B 260 -28.07 -6.03 16.76
C PHE B 260 -29.35 -5.66 17.47
N CYS B 261 -29.66 -6.31 18.59
CA CYS B 261 -30.86 -6.03 19.35
C CYS B 261 -30.85 -4.63 19.95
N ILE B 262 -29.71 -3.92 19.93
CA ILE B 262 -29.61 -2.54 20.41
C ILE B 262 -29.77 -1.49 19.31
N SER B 263 -30.01 -1.91 18.07
CA SER B 263 -30.01 -1.02 16.93
C SER B 263 -31.23 -0.08 16.92
N GLU B 264 -31.10 0.99 16.16
CA GLU B 264 -32.12 2.01 16.06
C GLU B 264 -32.36 2.32 14.59
N SER B 265 -33.54 2.81 14.28
CA SER B 265 -33.71 3.25 12.91
C SER B 265 -32.99 4.56 12.71
N PRO B 266 -32.65 4.89 11.48
CA PRO B 266 -32.00 6.18 11.22
C PRO B 266 -32.85 7.38 11.62
N SER B 267 -34.18 7.23 11.65
CA SER B 267 -35.01 8.37 12.02
C SER B 267 -34.78 8.81 13.45
N TYR B 268 -34.24 7.92 14.29
CA TYR B 268 -33.92 8.23 15.67
C TYR B 268 -32.90 9.35 15.79
N VAL B 269 -31.78 9.23 15.09
CA VAL B 269 -30.80 10.31 15.11
C VAL B 269 -31.39 11.51 14.40
N GLY B 270 -32.30 11.28 13.46
CA GLY B 270 -32.96 12.40 12.81
C GLY B 270 -33.81 13.19 13.78
N ARG B 271 -34.54 12.49 14.65
CA ARG B 271 -35.34 13.19 15.65
C ARG B 271 -34.46 13.86 16.68
N ALA B 272 -33.24 13.38 16.86
CA ALA B 272 -32.29 14.06 17.74
C ALA B 272 -31.90 15.42 17.19
N VAL B 273 -31.64 15.52 15.88
CA VAL B 273 -31.33 16.82 15.31
C VAL B 273 -32.54 17.73 15.38
N ALA B 274 -33.71 17.20 15.01
CA ALA B 274 -34.92 18.02 15.04
C ALA B 274 -35.21 18.48 16.44
N ALA B 275 -34.88 17.68 17.45
CA ALA B 275 -35.06 18.09 18.84
C ALA B 275 -34.10 19.22 19.20
N LEU B 276 -32.86 19.13 18.75
CA LEU B 276 -31.92 20.23 19.00
C LEU B 276 -32.39 21.49 18.30
N ALA B 277 -32.82 21.36 17.05
CA ALA B 277 -33.21 22.54 16.29
C ALA B 277 -34.43 23.22 16.89
N GLY B 278 -35.28 22.48 17.60
CA GLY B 278 -36.41 23.10 18.24
C GLY B 278 -36.19 23.56 19.66
N ASP B 279 -35.02 23.35 20.22
CA ASP B 279 -34.72 23.77 21.60
C ASP B 279 -34.24 25.21 21.61
N ALA B 280 -35.01 26.10 22.24
CA ALA B 280 -34.63 27.51 22.29
C ALA B 280 -33.36 27.73 23.07
N ASP B 281 -33.06 26.86 24.03
CA ASP B 281 -31.84 26.90 24.83
C ASP B 281 -30.84 25.86 24.37
N VAL B 282 -30.77 25.61 23.07
CA VAL B 282 -29.86 24.58 22.59
C VAL B 282 -28.42 24.94 22.89
N ALA B 283 -28.13 26.22 23.14
CA ALA B 283 -26.77 26.64 23.45
C ALA B 283 -26.23 25.96 24.69
N ARG B 284 -27.11 25.37 25.51
CA ARG B 284 -26.60 24.62 26.66
C ARG B 284 -25.74 23.46 26.22
N TRP B 285 -25.84 23.06 24.95
CA TRP B 285 -25.06 21.97 24.41
C TRP B 285 -23.78 22.39 23.74
N ASN B 286 -23.49 23.68 23.71
CA ASN B 286 -22.46 24.21 22.82
C ASN B 286 -21.13 23.52 23.06
N GLY B 287 -20.55 22.98 21.99
CA GLY B 287 -19.25 22.35 22.01
C GLY B 287 -19.24 20.93 22.49
N GLN B 288 -20.37 20.39 22.88
CA GLN B 288 -20.35 19.08 23.50
C GLN B 288 -20.50 17.99 22.47
N SER B 289 -20.04 16.82 22.86
CA SER B 289 -20.32 15.59 22.14
C SER B 289 -21.58 14.96 22.70
N VAL B 290 -22.51 14.61 21.82
CA VAL B 290 -23.79 14.04 22.21
C VAL B 290 -24.09 12.85 21.33
N SER B 291 -25.02 12.02 21.78
CA SER B 291 -25.47 10.85 21.03
C SER B 291 -26.98 10.88 20.88
N SER B 292 -27.49 10.11 19.93
CA SER B 292 -28.94 10.06 19.72
C SER B 292 -29.65 9.47 20.93
N GLY B 293 -29.06 8.44 21.53
CA GLY B 293 -29.68 7.85 22.71
C GLY B 293 -29.65 8.80 23.89
N GLN B 294 -28.57 9.57 24.01
CA GLN B 294 -28.50 10.55 25.08
C GLN B 294 -29.55 11.63 24.90
N LEU B 295 -29.73 12.13 23.68
CA LEU B 295 -30.70 13.19 23.48
C LEU B 295 -32.12 12.66 23.60
N ALA B 296 -32.33 11.38 23.30
CA ALA B 296 -33.66 10.83 23.46
C ALA B 296 -34.07 10.85 24.93
N GLN B 297 -33.12 10.58 25.82
CA GLN B 297 -33.40 10.68 27.24
C GLN B 297 -33.66 12.12 27.64
N GLU B 298 -32.96 13.07 27.02
CA GLU B 298 -33.09 14.47 27.42
C GLU B 298 -34.37 15.10 26.88
N TYR B 299 -34.69 14.86 25.61
CA TYR B 299 -35.81 15.58 25.01
C TYR B 299 -37.12 14.80 25.07
N GLY B 300 -37.06 13.48 25.07
CA GLY B 300 -38.27 12.68 25.18
C GLY B 300 -38.78 12.08 23.90
N PHE B 301 -38.11 12.26 22.78
CA PHE B 301 -38.55 11.59 21.58
C PHE B 301 -38.23 10.10 21.69
N THR B 302 -38.80 9.31 20.78
CA THR B 302 -38.52 7.89 20.71
C THR B 302 -38.12 7.55 19.28
N ASP B 303 -37.62 6.35 19.10
CA ASP B 303 -37.49 5.87 17.73
C ASP B 303 -38.88 5.63 17.18
N LEU B 304 -38.94 5.27 15.90
CA LEU B 304 -40.22 5.07 15.26
C LEU B 304 -41.05 4.01 15.97
N ASP B 305 -40.40 3.01 16.54
CA ASP B 305 -41.12 1.93 17.20
C ASP B 305 -41.45 2.24 18.65
N GLY B 306 -41.22 3.47 19.08
CA GLY B 306 -41.54 3.84 20.43
C GLY B 306 -40.46 3.52 21.44
N SER B 307 -39.35 2.94 21.00
CA SER B 307 -38.25 2.63 21.90
C SER B 307 -37.24 3.76 21.92
N ARG B 308 -36.27 3.67 22.82
CA ARG B 308 -35.19 4.65 22.94
C ARG B 308 -33.86 3.95 23.11
N PRO B 309 -33.30 3.37 22.03
CA PRO B 309 -32.01 2.68 22.15
C PRO B 309 -30.91 3.59 22.67
N ASP B 310 -30.09 3.03 23.55
CA ASP B 310 -28.93 3.69 24.15
C ASP B 310 -27.66 2.90 23.80
N CYS B 311 -27.16 3.10 22.58
CA CYS B 311 -26.12 2.22 22.03
C CYS B 311 -24.82 2.30 22.80
N TRP B 312 -24.35 3.50 23.13
CA TRP B 312 -22.97 3.59 23.60
C TRP B 312 -22.81 3.12 25.03
N ARG B 313 -23.86 3.19 25.83
CA ARG B 313 -23.84 2.57 27.14
C ARG B 313 -23.95 1.04 27.04
N TYR B 314 -24.71 0.54 26.07
CA TYR B 314 -24.87 -0.90 25.91
C TYR B 314 -23.57 -1.58 25.53
N LEU B 315 -22.81 -1.01 24.59
CA LEU B 315 -21.56 -1.65 24.19
C LEU B 315 -20.61 -1.79 25.36
N VAL B 316 -20.58 -0.80 26.24
CA VAL B 316 -19.68 -0.85 27.37
C VAL B 316 -20.21 -1.80 28.44
N GLU B 317 -21.47 -1.65 28.79
CA GLU B 317 -22.02 -2.38 29.94
C GLU B 317 -22.47 -3.79 29.58
N VAL B 318 -22.75 -4.07 28.32
CA VAL B 318 -23.20 -5.41 27.96
C VAL B 318 -22.20 -6.09 27.05
N GLN B 319 -22.04 -5.56 25.85
CA GLN B 319 -21.25 -6.25 24.83
C GLN B 319 -19.79 -6.37 25.23
N GLU B 320 -19.14 -5.25 25.54
CA GLU B 320 -17.73 -5.32 25.89
C GLU B 320 -17.51 -5.97 27.25
N ALA B 321 -18.54 -6.08 28.06
CA ALA B 321 -18.44 -6.79 29.33
C ALA B 321 -18.56 -8.29 29.19
N GLY B 322 -18.72 -8.81 27.98
CA GLY B 322 -18.85 -10.24 27.77
C GLY B 322 -20.20 -10.81 28.08
N LYS B 323 -21.18 -10.01 28.41
CA LYS B 323 -22.49 -10.53 28.74
C LYS B 323 -23.24 -10.93 27.49
N PRO B 324 -24.24 -11.80 27.59
CA PRO B 324 -25.04 -12.16 26.42
C PRO B 324 -25.89 -10.99 25.96
N ALA B 325 -26.24 -11.02 24.69
CA ALA B 325 -27.07 -9.97 24.12
C ALA B 325 -28.40 -9.92 24.84
N ASP B 326 -28.71 -8.76 25.38
CA ASP B 326 -29.92 -8.52 26.11
C ASP B 326 -30.11 -7.01 26.17
N PRO B 327 -31.09 -6.47 25.47
CA PRO B 327 -31.28 -5.02 25.44
C PRO B 327 -32.05 -4.50 26.63
N SER B 328 -32.39 -5.36 27.59
CA SER B 328 -33.23 -4.94 28.69
C SER B 328 -32.55 -3.81 29.45
N GLY B 329 -33.27 -2.70 29.61
CA GLY B 329 -32.73 -1.55 30.29
C GLY B 329 -31.91 -0.64 29.41
N TYR B 330 -31.84 -0.92 28.11
CA TYR B 330 -31.05 -0.13 27.18
C TYR B 330 -31.86 0.37 25.99
N ARG B 331 -33.18 0.15 26.00
CA ARG B 331 -34.04 0.67 24.95
C ARG B 331 -35.45 0.75 25.49
N ALA C 29 21.79 10.03 32.78
CA ALA C 29 21.64 10.30 31.35
C ALA C 29 21.47 9.00 30.58
N PRO C 30 20.59 9.02 29.58
CA PRO C 30 20.34 7.82 28.79
C PRO C 30 21.55 7.43 27.95
N ASP C 31 21.76 6.14 27.86
CA ASP C 31 22.81 5.57 27.03
C ASP C 31 22.10 4.92 25.84
N LEU C 32 22.22 5.52 24.66
CA LEU C 32 21.54 5.03 23.48
C LEU C 32 22.50 4.50 22.43
N ARG C 33 23.69 4.10 22.85
CA ARG C 33 24.64 3.50 21.93
C ARG C 33 24.08 2.21 21.37
N GLY C 34 24.24 2.02 20.07
CA GLY C 34 23.66 0.86 19.44
C GLY C 34 22.21 1.02 19.06
N LYS C 35 21.56 2.11 19.48
CA LYS C 35 20.18 2.33 19.11
C LYS C 35 20.11 2.97 17.74
N ILE C 36 19.05 2.63 17.02
CA ILE C 36 18.73 3.19 15.72
C ILE C 36 17.49 4.02 15.90
N ALA C 37 17.58 5.30 15.55
CA ALA C 37 16.46 6.21 15.66
C ALA C 37 16.27 6.93 14.35
N LEU C 38 15.04 7.40 14.13
CA LEU C 38 14.72 8.21 12.98
C LEU C 38 13.85 9.38 13.42
N VAL C 39 14.25 10.59 13.02
CA VAL C 39 13.46 11.80 13.25
C VAL C 39 13.03 12.31 11.90
N ALA C 40 11.74 12.18 11.62
CA ALA C 40 11.17 12.66 10.36
C ALA C 40 10.88 14.14 10.52
N GLY C 41 11.42 14.96 9.63
CA GLY C 41 11.28 16.40 9.76
C GLY C 41 12.24 16.96 10.78
N ALA C 42 13.55 16.84 10.50
CA ALA C 42 14.59 17.20 11.44
C ALA C 42 15.46 18.35 10.95
N THR C 43 14.97 19.14 9.99
CA THR C 43 15.76 20.24 9.47
C THR C 43 15.98 21.31 10.53
N ARG C 44 14.96 21.60 11.33
CA ARG C 44 15.04 22.68 12.29
C ARG C 44 14.15 22.32 13.48
N GLY C 45 14.16 23.19 14.48
CA GLY C 45 13.20 23.11 15.58
C GLY C 45 13.37 21.90 16.48
N ALA C 46 12.23 21.41 16.97
CA ALA C 46 12.26 20.28 17.90
C ALA C 46 12.86 19.04 17.22
N GLY C 47 12.57 18.86 15.93
CA GLY C 47 13.09 17.70 15.23
C GLY C 47 14.62 17.66 15.21
N ARG C 48 15.25 18.79 14.92
CA ARG C 48 16.71 18.85 14.97
C ARG C 48 17.21 18.60 16.37
N ALA C 49 16.60 19.27 17.36
CA ALA C 49 17.04 19.15 18.74
C ALA C 49 16.84 17.75 19.29
N ILE C 50 15.75 17.09 18.89
CA ILE C 50 15.53 15.70 19.29
C ILE C 50 16.62 14.81 18.72
N ALA C 51 16.91 14.96 17.43
CA ALA C 51 17.94 14.15 16.79
C ALA C 51 19.29 14.38 17.44
N VAL C 52 19.63 15.64 17.71
CA VAL C 52 20.91 15.97 18.31
C VAL C 52 21.02 15.39 19.72
N GLN C 53 19.97 15.56 20.53
CA GLN C 53 20.01 15.05 21.89
C GLN C 53 20.00 13.53 21.92
N LEU C 54 19.45 12.88 20.90
CA LEU C 54 19.55 11.43 20.79
C LEU C 54 20.97 11.02 20.42
N GLY C 55 21.61 11.76 19.54
CA GLY C 55 22.99 11.46 19.22
C GLY C 55 23.91 11.68 20.39
N ALA C 56 23.63 12.68 21.22
CA ALA C 56 24.42 12.91 22.41
C ALA C 56 24.37 11.71 23.36
N ALA C 57 23.29 10.95 23.34
CA ALA C 57 23.20 9.72 24.13
C ALA C 57 23.78 8.52 23.41
N GLY C 58 24.31 8.73 22.20
CA GLY C 58 25.04 7.72 21.47
C GLY C 58 24.34 7.02 20.34
N ALA C 59 23.18 7.50 19.92
CA ALA C 59 22.40 6.73 18.95
C ALA C 59 22.81 7.06 17.54
N THR C 60 22.48 6.14 16.64
CA THR C 60 22.49 6.42 15.21
C THR C 60 21.14 7.01 14.86
N VAL C 61 21.13 8.21 14.32
CA VAL C 61 19.90 8.94 14.06
C VAL C 61 19.85 9.28 12.58
N TYR C 62 18.87 8.73 11.90
CA TYR C 62 18.50 9.16 10.57
C TYR C 62 17.68 10.44 10.69
N VAL C 63 18.01 11.42 9.89
CA VAL C 63 17.32 12.70 9.92
C VAL C 63 16.80 13.01 8.53
N THR C 64 15.52 13.35 8.43
CA THR C 64 14.91 13.54 7.12
C THR C 64 14.24 14.91 7.03
N GLY C 65 14.08 15.35 5.80
CA GLY C 65 13.52 16.65 5.47
C GLY C 65 13.72 16.90 4.00
N ARG C 66 13.05 17.92 3.49
CA ARG C 66 13.13 18.25 2.07
C ARG C 66 14.22 19.25 1.78
N THR C 67 14.55 20.09 2.75
CA THR C 67 15.50 21.17 2.57
C THR C 67 16.90 20.59 2.58
N THR C 68 17.53 20.49 1.42
CA THR C 68 18.87 19.93 1.30
C THR C 68 19.85 20.96 0.74
N ARG C 69 21.13 20.61 0.77
CA ARG C 69 22.21 21.50 0.32
C ARG C 69 22.31 21.60 -1.21
N THR C 80 19.67 23.23 6.87
CA THR C 80 19.54 22.08 6.00
C THR C 80 19.53 20.79 6.79
N ILE C 81 19.05 19.72 6.15
CA ILE C 81 19.02 18.44 6.83
C ILE C 81 20.42 17.88 6.96
N GLU C 82 21.30 18.17 6.01
CA GLU C 82 22.67 17.69 6.10
C GLU C 82 23.39 18.29 7.28
N GLU C 83 23.16 19.57 7.53
CA GLU C 83 23.76 20.19 8.71
C GLU C 83 23.22 19.55 9.97
N THR C 84 21.93 19.22 10.00
CA THR C 84 21.38 18.49 11.14
C THR C 84 22.11 17.18 11.34
N ALA C 85 22.37 16.44 10.27
CA ALA C 85 23.09 15.17 10.44
C ALA C 85 24.47 15.41 11.04
N GLU C 86 25.16 16.45 10.58
CA GLU C 86 26.50 16.77 11.07
C GLU C 86 26.49 17.14 12.55
N LEU C 87 25.45 17.84 13.00
CA LEU C 87 25.32 18.19 14.41
C LEU C 87 25.05 16.97 15.28
N VAL C 88 24.36 15.96 14.75
CA VAL C 88 24.15 14.72 15.49
C VAL C 88 25.47 14.01 15.70
N THR C 89 26.32 13.99 14.68
CA THR C 89 27.61 13.34 14.85
C THR C 89 28.48 14.11 15.83
N GLU C 90 28.49 15.45 15.72
CA GLU C 90 29.28 16.28 16.61
C GLU C 90 28.90 16.04 18.06
N ALA C 91 27.61 15.85 18.33
CA ALA C 91 27.17 15.57 19.69
C ALA C 91 27.62 14.21 20.18
N GLY C 92 28.11 13.36 19.30
CA GLY C 92 28.62 12.09 19.78
C GLY C 92 27.89 10.88 19.26
N GLY C 93 27.02 11.07 18.30
CA GLY C 93 26.33 9.94 17.72
C GLY C 93 26.66 9.86 16.26
N THR C 94 25.74 9.35 15.46
CA THR C 94 25.89 9.27 14.02
C THR C 94 24.60 9.75 13.38
N GLY C 95 24.66 10.88 12.68
CA GLY C 95 23.51 11.40 11.99
C GLY C 95 23.63 11.08 10.50
N ILE C 96 22.57 10.51 9.95
CA ILE C 96 22.53 10.17 8.53
C ILE C 96 21.34 10.88 7.91
N ALA C 97 21.64 11.81 7.03
CA ALA C 97 20.61 12.62 6.39
C ALA C 97 20.07 11.89 5.17
N VAL C 98 18.75 11.79 5.11
CA VAL C 98 18.05 11.26 3.95
C VAL C 98 17.03 12.29 3.53
N PRO C 99 17.34 13.10 2.50
CA PRO C 99 16.34 14.04 2.01
C PRO C 99 15.13 13.30 1.52
N THR C 100 13.98 13.67 2.06
CA THR C 100 12.74 12.96 1.81
C THR C 100 11.59 13.96 1.77
N ASP C 101 10.74 13.82 0.77
CA ASP C 101 9.45 14.48 0.75
C ASP C 101 8.46 13.51 1.34
N HIS C 102 8.05 13.76 2.58
CA HIS C 102 7.18 12.85 3.29
C HIS C 102 5.76 12.87 2.78
N LEU C 103 5.45 13.69 1.78
CA LEU C 103 4.19 13.60 1.07
C LEU C 103 4.27 12.71 -0.16
N VAL C 104 5.46 12.21 -0.51
CA VAL C 104 5.64 11.31 -1.65
C VAL C 104 5.82 9.90 -1.10
N PRO C 105 4.83 9.03 -1.20
CA PRO C 105 4.94 7.70 -0.60
C PRO C 105 6.12 6.89 -1.11
N GLU C 106 6.47 7.01 -2.38
CA GLU C 106 7.60 6.23 -2.89
C GLU C 106 8.88 6.62 -2.16
N GLN C 107 9.03 7.89 -1.81
CA GLN C 107 10.23 8.34 -1.15
C GLN C 107 10.28 7.86 0.28
N VAL C 108 9.12 7.76 0.92
CA VAL C 108 9.12 7.26 2.28
C VAL C 108 9.29 5.76 2.27
N ARG C 109 8.80 5.07 1.25
CA ARG C 109 9.08 3.64 1.12
C ARG C 109 10.57 3.41 0.92
N ALA C 110 11.20 4.23 0.08
CA ALA C 110 12.63 4.13 -0.12
C ALA C 110 13.37 4.39 1.17
N LEU C 111 12.88 5.34 1.96
CA LEU C 111 13.49 5.65 3.23
C LEU C 111 13.51 4.43 4.16
N ALA C 112 12.37 3.75 4.28
CA ALA C 112 12.28 2.58 5.16
C ALA C 112 13.14 1.43 4.65
N ASP C 113 13.18 1.23 3.33
CA ASP C 113 14.02 0.17 2.78
C ASP C 113 15.48 0.43 3.09
N ARG C 114 15.89 1.69 3.07
CA ARG C 114 17.29 2.03 3.31
C ARG C 114 17.71 1.67 4.73
N VAL C 115 16.87 2.02 5.71
CA VAL C 115 17.19 1.71 7.10
C VAL C 115 17.26 0.21 7.33
N ASP C 116 16.36 -0.54 6.70
CA ASP C 116 16.46 -1.99 6.79
C ASP C 116 17.75 -2.46 6.16
N THR C 117 18.11 -1.86 5.03
CA THR C 117 19.32 -2.24 4.33
C THR C 117 20.57 -1.94 5.16
N GLU C 118 20.64 -0.78 5.78
CA GLU C 118 21.84 -0.41 6.52
C GLU C 118 21.86 -0.93 7.95
N GLN C 119 20.73 -1.02 8.61
CA GLN C 119 20.74 -1.33 10.04
C GLN C 119 19.98 -2.58 10.42
N GLY C 120 18.96 -2.97 9.66
CA GLY C 120 18.14 -4.12 10.00
C GLY C 120 17.23 -3.96 11.19
N ARG C 121 17.08 -2.75 11.72
CA ARG C 121 16.22 -2.55 12.88
C ARG C 121 15.94 -1.07 13.03
N LEU C 122 14.89 -0.77 13.80
CA LEU C 122 14.52 0.60 14.15
C LEU C 122 13.96 0.61 15.56
N ASP C 123 14.63 1.34 16.45
CA ASP C 123 14.26 1.36 17.86
C ASP C 123 13.35 2.51 18.23
N VAL C 124 13.57 3.69 17.68
CA VAL C 124 12.82 4.88 18.02
C VAL C 124 12.43 5.60 16.75
N LEU C 125 11.16 5.95 16.62
CA LEU C 125 10.66 6.73 15.49
C LEU C 125 10.03 8.02 16.02
N VAL C 126 10.52 9.15 15.55
CA VAL C 126 9.99 10.45 15.97
C VAL C 126 9.46 11.15 14.72
N ASN C 127 8.20 11.56 14.75
CA ASN C 127 7.52 12.23 13.66
C ASN C 127 7.34 13.69 14.04
N ASP C 128 8.07 14.56 13.38
CA ASP C 128 7.94 15.99 13.61
C ASP C 128 7.67 16.73 12.30
N VAL C 129 7.06 16.06 11.32
CA VAL C 129 6.86 16.68 10.02
C VAL C 129 5.69 17.63 10.10
N TRP C 130 5.90 18.87 9.64
CA TRP C 130 4.92 19.92 9.82
C TRP C 130 4.89 20.83 8.60
N GLY C 131 3.87 21.68 8.58
CA GLY C 131 3.62 22.56 7.47
C GLY C 131 4.53 23.76 7.44
N ASP C 139 -6.04 33.83 14.32
CA ASP C 139 -6.74 35.08 14.53
C ASP C 139 -7.93 35.21 13.59
N LYS C 140 -8.16 34.18 12.80
CA LYS C 140 -9.20 34.16 11.77
C LYS C 140 -10.15 32.99 12.00
N LYS C 141 -11.41 33.21 11.66
CA LYS C 141 -12.39 32.13 11.72
C LYS C 141 -12.21 31.21 10.52
N VAL C 142 -12.83 30.02 10.61
CA VAL C 142 -12.64 29.07 9.52
C VAL C 142 -13.12 29.68 8.22
N TRP C 143 -14.14 30.51 8.28
CA TRP C 143 -14.67 31.13 7.07
C TRP C 143 -13.92 32.38 6.65
N GLU C 144 -13.06 32.92 7.51
CA GLU C 144 -12.19 34.03 7.13
C GLU C 144 -10.82 33.54 6.69
N HIS C 145 -10.43 32.40 7.24
CA HIS C 145 -9.18 31.76 6.90
C HIS C 145 -9.10 31.47 5.41
N ASP C 146 -7.88 31.52 4.87
CA ASP C 146 -7.63 31.07 3.51
C ASP C 146 -7.88 29.57 3.45
N LEU C 147 -8.72 29.14 2.51
CA LEU C 147 -9.15 27.75 2.49
C LEU C 147 -8.04 26.83 2.01
N ASP C 148 -7.39 27.19 0.91
CA ASP C 148 -6.35 26.33 0.34
C ASP C 148 -5.20 26.13 1.31
N ALA C 149 -4.80 27.19 2.01
CA ALA C 149 -3.72 27.07 2.98
C ALA C 149 -4.11 26.17 4.13
N GLY C 150 -5.34 26.28 4.61
CA GLY C 150 -5.76 25.45 5.72
C GLY C 150 -5.82 23.98 5.36
N LEU C 151 -6.30 23.68 4.16
CA LEU C 151 -6.34 22.30 3.69
C LEU C 151 -4.94 21.76 3.43
N ARG C 152 -4.08 22.60 2.85
CA ARG C 152 -2.68 22.23 2.64
C ARG C 152 -1.97 21.98 3.95
N LEU C 153 -2.26 22.80 4.95
CA LEU C 153 -1.69 22.58 6.27
C LEU C 153 -2.15 21.26 6.85
N MET C 154 -3.42 20.90 6.66
CA MET C 154 -3.88 19.66 7.26
C MET C 154 -3.26 18.46 6.58
N ARG C 155 -3.03 18.55 5.28
CA ARG C 155 -2.38 17.45 4.59
C ARG C 155 -0.93 17.33 5.04
N LEU C 156 -0.22 18.46 5.16
CA LEU C 156 1.17 18.43 5.60
C LEU C 156 1.30 18.02 7.05
N GLY C 157 0.28 18.25 7.85
CA GLY C 157 0.41 18.00 9.26
C GLY C 157 -0.07 16.63 9.68
N VAL C 158 -0.92 16.00 8.89
CA VAL C 158 -1.52 14.72 9.25
C VAL C 158 -1.10 13.60 8.30
N ASP C 159 -1.19 13.85 6.99
CA ASP C 159 -0.86 12.80 6.01
C ASP C 159 0.59 12.39 6.11
N THR C 160 1.50 13.33 6.38
CA THR C 160 2.91 13.01 6.50
C THR C 160 3.16 12.05 7.65
N HIS C 161 2.44 12.21 8.75
CA HIS C 161 2.59 11.25 9.84
C HIS C 161 2.00 9.90 9.48
N ALA C 162 0.87 9.88 8.80
CA ALA C 162 0.25 8.62 8.41
C ALA C 162 1.11 7.85 7.40
N ILE C 163 1.65 8.55 6.41
CA ILE C 163 2.53 7.92 5.44
C ILE C 163 3.75 7.33 6.13
N SER C 164 4.29 8.06 7.10
CA SER C 164 5.45 7.61 7.85
C SER C 164 5.13 6.35 8.66
N SER C 165 4.01 6.36 9.40
CA SER C 165 3.64 5.20 10.19
C SER C 165 3.39 3.98 9.32
N HIS C 166 2.78 4.20 8.15
CA HIS C 166 2.46 3.08 7.27
C HIS C 166 3.71 2.36 6.80
N PHE C 167 4.77 3.11 6.50
CA PHE C 167 5.97 2.52 5.91
C PHE C 167 7.05 2.15 6.91
N LEU C 168 7.14 2.83 8.04
CA LEU C 168 8.26 2.60 8.94
C LEU C 168 7.93 1.70 10.11
N LEU C 169 6.67 1.55 10.45
CA LEU C 169 6.32 0.73 11.60
C LEU C 169 6.64 -0.75 11.39
N PRO C 170 6.57 -1.33 10.17
CA PRO C 170 6.97 -2.73 10.01
C PRO C 170 8.36 -3.06 10.53
N LEU C 171 9.35 -2.22 10.20
CA LEU C 171 10.69 -2.45 10.72
C LEU C 171 10.71 -2.30 12.23
N LEU C 172 9.95 -1.35 12.76
CA LEU C 172 9.97 -1.12 14.18
C LEU C 172 9.29 -2.25 14.94
N VAL C 173 8.24 -2.87 14.37
CA VAL C 173 7.58 -3.95 15.08
C VAL C 173 8.28 -5.28 14.89
N ARG C 174 9.40 -5.28 14.16
CA ARG C 174 10.16 -6.50 13.94
C ARG C 174 10.69 -7.07 15.25
N ARG C 175 10.99 -6.22 16.22
CA ARG C 175 11.49 -6.59 17.53
C ARG C 175 10.71 -5.85 18.61
N PRO C 176 10.56 -6.44 19.79
CA PRO C 176 9.95 -5.69 20.89
C PRO C 176 10.87 -4.58 21.37
N GLY C 177 10.28 -3.60 22.04
CA GLY C 177 11.03 -2.48 22.58
C GLY C 177 11.01 -1.22 21.75
N GLY C 178 10.31 -1.20 20.63
CA GLY C 178 10.26 -0.01 19.82
C GLY C 178 9.44 1.08 20.48
N LEU C 179 9.79 2.32 20.16
CA LEU C 179 9.17 3.52 20.70
C LEU C 179 8.83 4.47 19.56
N VAL C 180 7.58 4.94 19.53
CA VAL C 180 7.16 5.95 18.58
C VAL C 180 6.74 7.19 19.35
N VAL C 181 7.24 8.34 18.91
CA VAL C 181 6.91 9.63 19.50
C VAL C 181 6.30 10.49 18.39
N GLU C 182 5.04 10.84 18.54
CA GLU C 182 4.37 11.78 17.66
C GLU C 182 4.47 13.17 18.27
N MET C 183 5.08 14.11 17.56
CA MET C 183 5.25 15.45 18.11
C MET C 183 4.01 16.30 17.83
N THR C 184 3.59 17.08 18.82
CA THR C 184 2.42 17.94 18.67
C THR C 184 2.58 19.19 19.51
N ASP C 185 1.54 20.03 19.49
CA ASP C 185 1.45 21.27 20.25
C ASP C 185 0.32 21.13 21.25
N GLY C 186 0.68 21.01 22.52
CA GLY C 186 -0.27 20.92 23.61
C GLY C 186 -0.42 19.52 24.14
N THR C 187 -0.94 19.42 25.36
CA THR C 187 -1.30 18.16 25.97
C THR C 187 -2.77 17.85 25.75
N ALA C 188 -3.14 16.58 26.00
CA ALA C 188 -4.54 16.21 25.91
C ALA C 188 -5.37 16.95 26.93
N ALA C 189 -4.83 17.13 28.13
CA ALA C 189 -5.55 17.86 29.17
C ALA C 189 -5.71 19.33 28.81
N TYR C 190 -4.68 19.95 28.27
CA TYR C 190 -4.75 21.36 27.93
C TYR C 190 -5.62 21.61 26.71
N ASN C 191 -5.34 20.90 25.62
CA ASN C 191 -6.10 21.15 24.39
C ASN C 191 -7.57 20.81 24.55
N GLY C 192 -7.88 19.86 25.43
CA GLY C 192 -9.27 19.48 25.59
C GLY C 192 -10.14 20.61 26.09
N SER C 193 -9.54 21.65 26.69
CA SER C 193 -10.30 22.76 27.22
C SER C 193 -9.82 24.08 26.67
N HIS C 194 -9.08 24.07 25.56
CA HIS C 194 -8.54 25.28 24.99
C HIS C 194 -8.56 25.18 23.48
N TYR C 195 -9.13 26.19 22.82
CA TYR C 195 -9.05 26.32 21.37
C TYR C 195 -7.65 26.75 20.96
N ARG C 196 -7.09 26.10 19.95
CA ARG C 196 -5.69 26.29 19.59
C ARG C 196 -5.56 27.06 18.26
N ASN C 197 -5.44 28.38 18.36
CA ASN C 197 -5.00 29.28 17.30
C ASN C 197 -5.97 29.44 16.14
N SER C 198 -6.23 28.35 15.42
CA SER C 198 -7.12 28.42 14.27
C SER C 198 -7.74 27.05 14.09
N TYR C 199 -8.78 27.01 13.23
CA TYR C 199 -9.48 25.76 12.97
C TYR C 199 -8.52 24.70 12.42
N PHE C 200 -7.77 25.04 11.38
CA PHE C 200 -6.95 24.03 10.72
C PHE C 200 -5.78 23.63 11.59
N TYR C 201 -5.19 24.60 12.28
CA TYR C 201 -4.10 24.30 13.19
C TYR C 201 -4.60 23.42 14.33
N ASP C 202 -5.72 23.78 14.93
CA ASP C 202 -6.25 23.01 16.04
C ASP C 202 -6.57 21.59 15.63
N LEU C 203 -7.11 21.40 14.43
CA LEU C 203 -7.46 20.06 14.00
C LEU C 203 -6.21 19.19 13.83
N VAL C 204 -5.14 19.77 13.26
CA VAL C 204 -3.92 19.01 13.03
C VAL C 204 -3.29 18.59 14.35
N LYS C 205 -3.19 19.51 15.28
CA LYS C 205 -2.54 19.20 16.55
C LYS C 205 -3.36 18.19 17.34
N ASN C 206 -4.67 18.21 17.23
CA ASN C 206 -5.42 17.23 17.97
C ASN C 206 -5.46 15.89 17.26
N SER C 207 -5.29 15.85 15.93
CA SER C 207 -5.13 14.57 15.26
C SER C 207 -3.87 13.88 15.68
N VAL C 208 -2.79 14.63 15.86
CA VAL C 208 -1.53 14.01 16.24
C VAL C 208 -1.60 13.48 17.67
N LEU C 209 -2.36 14.15 18.54
CA LEU C 209 -2.63 13.59 19.85
C LEU C 209 -3.29 12.22 19.73
N ARG C 210 -4.29 12.12 18.88
CA ARG C 210 -5.02 10.86 18.71
C ARG C 210 -4.13 9.79 18.11
N MET C 211 -3.20 10.18 17.23
CA MET C 211 -2.31 9.20 16.62
C MET C 211 -1.54 8.44 17.68
N GLY C 212 -1.14 9.11 18.76
CA GLY C 212 -0.41 8.42 19.80
C GLY C 212 -1.26 7.36 20.47
N TYR C 213 -2.53 7.67 20.71
CA TYR C 213 -3.43 6.67 21.28
C TYR C 213 -3.72 5.56 20.27
N VAL C 214 -3.94 5.90 19.01
CA VAL C 214 -4.25 4.88 18.02
C VAL C 214 -3.05 3.98 17.82
N LEU C 215 -1.87 4.57 17.62
CA LEU C 215 -0.70 3.74 17.39
C LEU C 215 -0.37 2.90 18.61
N ALA C 216 -0.67 3.41 19.81
CA ALA C 216 -0.43 2.64 21.01
C ALA C 216 -1.20 1.34 21.01
N HIS C 217 -2.41 1.35 20.47
CA HIS C 217 -3.20 0.13 20.37
C HIS C 217 -2.62 -0.84 19.35
N GLU C 218 -2.11 -0.32 18.24
CA GLU C 218 -1.61 -1.18 17.16
C GLU C 218 -0.23 -1.76 17.45
N LEU C 219 0.60 -1.05 18.20
CA LEU C 219 1.95 -1.50 18.42
C LEU C 219 2.12 -2.39 19.64
N GLU C 220 1.24 -2.28 20.62
CA GLU C 220 1.45 -3.04 21.86
C GLU C 220 1.57 -4.55 21.65
N PRO C 221 0.76 -5.22 20.82
CA PRO C 221 0.96 -6.66 20.65
C PRO C 221 2.32 -7.01 20.11
N TYR C 222 3.04 -6.04 19.57
CA TYR C 222 4.37 -6.24 19.04
C TYR C 222 5.44 -5.82 20.03
N GLY C 223 5.04 -5.49 21.25
CA GLY C 223 5.98 -4.96 22.23
C GLY C 223 6.39 -3.53 21.99
N GLY C 224 5.62 -2.78 21.22
CA GLY C 224 5.90 -1.40 20.92
C GLY C 224 5.13 -0.44 21.80
N THR C 225 5.64 0.79 21.88
CA THR C 225 5.06 1.85 22.69
C THR C 225 4.87 3.07 21.83
N ALA C 226 3.75 3.77 22.00
CA ALA C 226 3.53 5.02 21.30
C ALA C 226 3.14 6.07 22.30
N VAL C 227 3.71 7.27 22.14
CA VAL C 227 3.33 8.42 22.92
C VAL C 227 3.22 9.61 21.99
N THR C 228 2.49 10.61 22.44
CA THR C 228 2.45 11.91 21.80
C THR C 228 3.11 12.91 22.74
N LEU C 229 4.05 13.68 22.23
CA LEU C 229 4.87 14.57 23.03
C LEU C 229 4.74 16.00 22.53
N THR C 230 4.65 16.96 23.45
CA THR C 230 4.71 18.37 23.10
C THR C 230 5.85 19.06 23.86
N PRO C 231 6.54 20.01 23.24
CA PRO C 231 7.46 20.87 23.98
C PRO C 231 6.71 21.98 24.69
N GLY C 232 7.45 22.85 25.35
CA GLY C 232 6.82 24.00 25.92
C GLY C 232 6.92 25.11 24.90
N TRP C 233 7.29 26.31 25.33
CA TRP C 233 7.51 27.42 24.40
C TRP C 233 8.97 27.38 24.02
N MET C 234 9.26 26.84 22.83
CA MET C 234 10.63 26.59 22.42
C MET C 234 11.29 27.85 21.92
N ARG C 235 12.53 28.06 22.37
CA ARG C 235 13.38 29.09 21.82
C ARG C 235 14.08 28.55 20.56
N SER C 236 13.26 28.29 19.56
CA SER C 236 13.78 27.86 18.28
C SER C 236 14.48 29.03 17.59
N GLU C 237 15.24 28.69 16.55
CA GLU C 237 15.92 29.69 15.73
C GLU C 237 14.93 30.68 15.13
N MET C 238 13.76 30.20 14.75
CA MET C 238 12.77 31.08 14.16
C MET C 238 12.18 31.99 15.21
N MET C 239 11.95 31.45 16.40
CA MET C 239 11.39 32.22 17.51
C MET C 239 12.34 33.33 17.96
N LEU C 240 13.63 33.06 18.02
CA LEU C 240 14.57 34.05 18.54
C LEU C 240 14.71 35.25 17.62
N GLU C 241 14.94 35.06 16.32
CA GLU C 241 15.13 36.23 15.46
C GLU C 241 13.85 37.02 15.29
N THR C 242 12.71 36.36 15.38
CA THR C 242 11.45 37.09 15.37
C THR C 242 11.40 38.07 16.53
N LEU C 243 12.00 37.73 17.66
CA LEU C 243 12.12 38.63 18.78
C LEU C 243 13.42 39.42 18.74
N GLY C 244 14.30 39.12 17.79
CA GLY C 244 15.55 39.86 17.61
C GLY C 244 16.66 39.59 18.60
N VAL C 245 16.71 38.40 19.20
CA VAL C 245 17.71 38.05 20.20
C VAL C 245 18.39 36.74 19.83
N THR C 246 19.49 36.45 20.50
CA THR C 246 20.10 35.13 20.40
C THR C 246 19.85 34.38 21.70
N GLU C 247 20.17 33.08 21.68
CA GLU C 247 20.01 32.31 22.89
C GLU C 247 20.91 32.88 23.97
N GLU C 248 22.07 33.42 23.59
CA GLU C 248 22.98 33.96 24.58
C GLU C 248 22.40 35.15 25.32
N ASN C 249 21.43 35.85 24.75
CA ASN C 249 20.82 37.02 25.36
C ASN C 249 19.30 36.95 25.25
N TRP C 250 18.71 35.78 25.46
CA TRP C 250 17.29 35.62 25.14
C TRP C 250 16.36 36.39 26.08
N ARG C 251 16.76 36.62 27.34
CA ARG C 251 15.84 37.32 28.22
C ARG C 251 15.72 38.81 27.90
N ASP C 252 16.50 39.31 26.92
CA ASP C 252 16.28 40.66 26.42
C ASP C 252 14.89 40.81 25.82
N ALA C 253 14.30 39.71 25.34
CA ALA C 253 12.99 39.79 24.71
C ALA C 253 11.87 39.93 25.69
N LEU C 254 12.14 39.78 26.99
CA LEU C 254 11.08 39.81 27.98
C LEU C 254 10.40 41.16 28.01
N THR C 255 11.09 42.22 27.60
CA THR C 255 10.44 43.52 27.53
C THR C 255 9.29 43.49 26.53
N GLU C 256 9.47 42.81 25.39
CA GLU C 256 8.39 42.76 24.42
C GLU C 256 7.36 41.68 24.75
N VAL C 257 7.82 40.49 25.12
CA VAL C 257 6.93 39.39 25.47
C VAL C 257 7.30 38.93 26.87
N PRO C 258 6.68 39.48 27.90
CA PRO C 258 7.08 39.12 29.27
C PRO C 258 6.82 37.67 29.62
N HIS C 259 5.76 37.07 29.09
CA HIS C 259 5.53 35.68 29.44
C HIS C 259 6.51 34.73 28.77
N PHE C 260 7.44 35.24 27.98
CA PHE C 260 8.53 34.45 27.41
C PHE C 260 9.49 33.94 28.46
N CYS C 261 9.34 34.38 29.71
CA CYS C 261 10.17 33.89 30.79
C CYS C 261 9.92 32.42 31.11
N ILE C 262 8.86 31.81 30.54
CA ILE C 262 8.57 30.39 30.73
C ILE C 262 9.17 29.49 29.64
N SER C 263 9.88 30.08 28.67
CA SER C 263 10.35 29.38 27.50
C SER C 263 11.47 28.39 27.84
N GLU C 264 11.70 27.46 26.93
CA GLU C 264 12.72 26.44 27.06
C GLU C 264 13.49 26.34 25.77
N SER C 265 14.72 25.88 25.86
CA SER C 265 15.45 25.64 24.63
C SER C 265 14.91 24.40 23.93
N PRO C 266 15.11 24.31 22.62
CA PRO C 266 14.67 23.12 21.90
C PRO C 266 15.30 21.85 22.43
N SER C 267 16.49 21.93 23.02
CA SER C 267 17.14 20.74 23.54
C SER C 267 16.37 20.12 24.70
N TYR C 268 15.53 20.89 25.36
CA TYR C 268 14.72 20.40 26.46
C TYR C 268 13.79 19.28 26.00
N VAL C 269 13.03 19.52 24.94
CA VAL C 269 12.15 18.46 24.43
C VAL C 269 13.01 17.37 23.80
N GLY C 270 14.21 17.72 23.34
CA GLY C 270 15.10 16.70 22.82
C GLY C 270 15.53 15.73 23.89
N ARG C 271 15.82 16.22 25.10
CA ARG C 271 16.16 15.36 26.21
C ARG C 271 14.97 14.55 26.70
N ALA C 272 13.75 15.02 26.48
CA ALA C 272 12.57 14.23 26.83
C ALA C 272 12.47 12.98 25.96
N VAL C 273 12.75 13.09 24.67
CA VAL C 273 12.72 11.89 23.82
C VAL C 273 13.82 10.93 24.22
N ALA C 274 15.01 11.45 24.49
CA ALA C 274 16.11 10.59 24.88
C ALA C 274 15.82 9.89 26.21
N ALA C 275 15.10 10.55 27.11
CA ALA C 275 14.72 9.94 28.38
C ALA C 275 13.72 8.82 28.20
N LEU C 276 12.78 8.97 27.29
CA LEU C 276 11.85 7.89 26.97
C LEU C 276 12.60 6.73 26.33
N ALA C 277 13.46 7.03 25.37
CA ALA C 277 14.13 5.99 24.63
C ALA C 277 15.05 5.16 25.50
N GLY C 278 15.54 5.73 26.60
CA GLY C 278 16.35 4.99 27.54
C GLY C 278 15.57 4.36 28.67
N ASP C 279 14.26 4.57 28.71
CA ASP C 279 13.45 4.02 29.79
C ASP C 279 13.11 2.60 29.42
N ALA C 280 13.60 1.64 30.19
CA ALA C 280 13.30 0.23 29.92
C ALA C 280 11.84 -0.08 30.17
N ASP C 281 11.20 0.67 31.06
CA ASP C 281 9.76 0.57 31.31
C ASP C 281 9.01 1.69 30.64
N VAL C 282 9.44 2.10 29.45
CA VAL C 282 8.78 3.21 28.79
C VAL C 282 7.33 2.86 28.47
N ALA C 283 7.01 1.57 28.39
CA ALA C 283 5.65 1.15 28.04
C ALA C 283 4.59 1.63 29.02
N ARG C 284 5.00 2.09 30.20
CA ARG C 284 4.06 2.68 31.16
C ARG C 284 3.41 3.94 30.63
N TRP C 285 3.98 4.52 29.59
CA TRP C 285 3.47 5.71 28.96
C TRP C 285 2.56 5.43 27.79
N ASN C 286 2.35 4.16 27.47
CA ASN C 286 1.79 3.80 26.18
C ASN C 286 0.45 4.47 25.97
N GLY C 287 0.33 5.21 24.88
CA GLY C 287 -0.89 5.87 24.49
C GLY C 287 -1.12 7.20 25.13
N GLN C 288 -0.25 7.64 26.01
CA GLN C 288 -0.53 8.86 26.75
C GLN C 288 0.01 10.06 26.02
N SER C 289 -0.58 11.20 26.32
CA SER C 289 -0.05 12.49 25.92
C SER C 289 0.84 13.03 27.03
N VAL C 290 2.03 13.49 26.66
CA VAL C 290 3.02 13.98 27.61
C VAL C 290 3.60 15.29 27.11
N SER C 291 4.30 16.00 27.99
CA SER C 291 4.97 17.24 27.65
C SER C 291 6.43 17.16 28.07
N SER C 292 7.24 18.08 27.54
CA SER C 292 8.67 18.12 27.87
C SER C 292 8.89 18.46 29.34
N GLY C 293 8.11 19.38 29.88
CA GLY C 293 8.24 19.70 31.29
C GLY C 293 7.78 18.58 32.19
N GLN C 294 6.74 17.86 31.79
CA GLN C 294 6.27 16.74 32.58
C GLN C 294 7.33 15.66 32.66
N LEU C 295 7.96 15.33 31.54
CA LEU C 295 8.98 14.31 31.59
C LEU C 295 10.23 14.79 32.30
N ALA C 296 10.47 16.09 32.30
CA ALA C 296 11.62 16.59 33.06
C ALA C 296 11.41 16.38 34.55
N GLN C 297 10.20 16.59 35.04
CA GLN C 297 9.88 16.26 36.42
C GLN C 297 9.94 14.77 36.67
N GLU C 298 9.55 13.96 35.68
CA GLU C 298 9.52 12.52 35.88
C GLU C 298 10.90 11.90 35.79
N TYR C 299 11.71 12.30 34.81
CA TYR C 299 12.98 11.64 34.55
C TYR C 299 14.17 12.33 35.21
N GLY C 300 14.11 13.64 35.44
CA GLY C 300 15.18 14.31 36.14
C GLY C 300 16.16 15.05 35.27
N PHE C 301 15.98 15.09 33.97
CA PHE C 301 16.85 15.92 33.16
C PHE C 301 16.47 17.39 33.38
N THR C 302 17.32 18.29 32.90
CA THR C 302 17.05 19.70 32.96
C THR C 302 17.23 20.27 31.56
N ASP C 303 16.78 21.52 31.37
CA ASP C 303 17.15 22.20 30.15
C ASP C 303 18.65 22.51 30.20
N LEU C 304 19.17 23.06 29.11
CA LEU C 304 20.59 23.35 29.07
C LEU C 304 21.00 24.29 30.19
N ASP C 305 20.13 25.20 30.59
CA ASP C 305 20.49 26.17 31.62
C ASP C 305 20.27 25.64 33.02
N GLY C 306 19.93 24.37 33.16
CA GLY C 306 19.70 23.82 34.47
C GLY C 306 18.30 24.03 35.00
N SER C 307 17.44 24.69 34.24
CA SER C 307 16.07 24.90 34.69
C SER C 307 15.17 23.79 34.15
N ARG C 308 13.93 23.78 34.62
CA ARG C 308 12.94 22.80 34.17
C ARG C 308 11.61 23.50 33.89
N PRO C 309 11.48 24.20 32.75
CA PRO C 309 10.23 24.90 32.45
C PRO C 309 9.03 23.96 32.39
N ASP C 310 7.93 24.41 32.98
CA ASP C 310 6.64 23.71 33.01
C ASP C 310 5.62 24.61 32.32
N CYS C 311 5.65 24.61 30.99
CA CYS C 311 4.93 25.60 30.19
C CYS C 311 3.43 25.48 30.35
N TRP C 312 2.90 24.26 30.33
CA TRP C 312 1.46 24.11 30.23
C TRP C 312 0.75 24.33 31.54
N ARG C 313 1.42 24.10 32.67
CA ARG C 313 0.82 24.50 33.95
C ARG C 313 0.90 26.00 34.16
N TYR C 314 1.97 26.62 33.67
CA TYR C 314 2.14 28.06 33.77
C TYR C 314 1.08 28.79 32.97
N LEU C 315 0.78 28.31 31.76
CA LEU C 315 -0.18 28.99 30.92
C LEU C 315 -1.53 29.07 31.60
N VAL C 316 -1.94 27.99 32.27
CA VAL C 316 -3.23 27.94 32.94
C VAL C 316 -3.20 28.75 34.22
N GLU C 317 -2.17 28.53 35.04
CA GLU C 317 -2.15 29.08 36.38
C GLU C 317 -1.66 30.51 36.43
N VAL C 318 -0.90 30.97 35.44
CA VAL C 318 -0.40 32.33 35.48
C VAL C 318 -1.02 33.17 34.38
N GLN C 319 -0.66 32.88 33.14
CA GLN C 319 -1.01 33.76 32.03
C GLN C 319 -2.52 33.82 31.84
N GLU C 320 -3.16 32.66 31.70
CA GLU C 320 -4.60 32.67 31.51
C GLU C 320 -5.34 33.09 32.76
N ALA C 321 -4.69 33.05 33.91
CA ALA C 321 -5.28 33.56 35.14
C ALA C 321 -5.17 35.07 35.26
N GLY C 322 -4.57 35.73 34.28
CA GLY C 322 -4.43 37.17 34.33
C GLY C 322 -3.34 37.69 35.22
N LYS C 323 -2.54 36.82 35.82
CA LYS C 323 -1.50 37.26 36.72
C LYS C 323 -0.31 37.81 35.95
N PRO C 324 0.54 38.63 36.57
CA PRO C 324 1.71 39.17 35.87
C PRO C 324 2.71 38.08 35.57
N ALA C 325 3.51 38.32 34.54
CA ALA C 325 4.55 37.36 34.16
C ALA C 325 5.52 37.14 35.31
N ASP C 326 5.64 35.89 35.73
CA ASP C 326 6.48 35.52 36.85
C ASP C 326 6.79 34.04 36.75
N PRO C 327 8.03 33.67 36.44
CA PRO C 327 8.35 32.26 36.26
C PRO C 327 8.56 31.51 37.56
N SER C 328 8.46 32.17 38.71
CA SER C 328 8.76 31.51 39.98
C SER C 328 7.84 30.32 40.20
N GLY C 329 8.45 29.18 40.46
CA GLY C 329 7.72 27.95 40.72
C GLY C 329 7.33 27.18 39.50
N TYR C 330 7.73 27.63 38.32
CA TYR C 330 7.38 27.00 37.06
C TYR C 330 8.62 26.66 36.23
N ARG C 331 9.82 26.84 36.79
CA ARG C 331 11.06 26.46 36.11
C ARG C 331 12.16 26.25 37.13
N ALA D 29 43.86 -53.25 30.56
CA ALA D 29 43.60 -53.14 29.13
C ALA D 29 43.40 -54.50 28.50
N PRO D 30 42.45 -54.56 27.57
CA PRO D 30 42.14 -55.84 26.92
C PRO D 30 43.30 -56.31 26.08
N ASP D 31 43.50 -57.60 26.07
CA ASP D 31 44.49 -58.23 25.23
C ASP D 31 43.71 -58.85 24.08
N LEU D 32 43.80 -58.23 22.91
CA LEU D 32 43.08 -58.72 21.75
C LEU D 32 44.05 -59.26 20.71
N ARG D 33 45.24 -59.62 21.15
CA ARG D 33 46.21 -60.22 20.26
C ARG D 33 45.66 -61.51 19.67
N GLY D 34 45.84 -61.68 18.39
CA GLY D 34 45.29 -62.83 17.70
C GLY D 34 43.86 -62.68 17.26
N LYS D 35 43.18 -61.60 17.68
CA LYS D 35 41.81 -61.38 17.26
C LYS D 35 41.79 -60.67 15.91
N ILE D 36 40.78 -61.01 15.09
CA ILE D 36 40.58 -60.40 13.79
C ILE D 36 39.32 -59.56 13.86
N ALA D 37 39.44 -58.28 13.53
CA ALA D 37 38.32 -57.36 13.58
C ALA D 37 38.14 -56.66 12.25
N LEU D 38 36.89 -56.25 12.00
CA LEU D 38 36.55 -55.44 10.84
C LEU D 38 35.67 -54.30 11.31
N VAL D 39 36.03 -53.08 10.93
CA VAL D 39 35.23 -51.90 11.21
C VAL D 39 34.75 -51.35 9.88
N ALA D 40 33.45 -51.46 9.64
CA ALA D 40 32.83 -50.94 8.43
C ALA D 40 32.54 -49.45 8.61
N GLY D 41 33.12 -48.62 7.73
CA GLY D 41 33.01 -47.17 7.86
C GLY D 41 33.97 -46.61 8.89
N ALA D 42 35.27 -46.78 8.64
CA ALA D 42 36.31 -46.48 9.62
C ALA D 42 37.23 -45.35 9.17
N THR D 43 36.80 -44.54 8.21
CA THR D 43 37.67 -43.46 7.75
C THR D 43 37.86 -42.40 8.83
N ARG D 44 36.80 -42.08 9.56
CA ARG D 44 36.82 -41.00 10.53
C ARG D 44 35.86 -41.36 11.65
N GLY D 45 35.77 -40.46 12.63
CA GLY D 45 34.77 -40.52 13.67
C GLY D 45 34.94 -41.74 14.55
N ALA D 46 33.82 -42.26 15.05
CA ALA D 46 33.90 -43.39 15.97
C ALA D 46 34.54 -44.59 15.31
N GLY D 47 34.23 -44.84 14.04
CA GLY D 47 34.77 -45.99 13.34
C GLY D 47 36.28 -45.99 13.29
N ARG D 48 36.89 -44.84 13.00
CA ARG D 48 38.34 -44.78 13.04
C ARG D 48 38.85 -45.00 14.47
N ALA D 49 38.22 -44.33 15.43
CA ALA D 49 38.67 -44.43 16.82
C ALA D 49 38.52 -45.84 17.35
N ILE D 50 37.45 -46.54 16.97
CA ILE D 50 37.25 -47.94 17.35
C ILE D 50 38.33 -48.83 16.75
N ALA D 51 38.63 -48.64 15.46
CA ALA D 51 39.65 -49.46 14.82
C ALA D 51 41.00 -49.26 15.48
N VAL D 52 41.32 -48.02 15.85
CA VAL D 52 42.62 -47.71 16.45
C VAL D 52 42.74 -48.35 17.83
N GLN D 53 41.70 -48.24 18.65
CA GLN D 53 41.76 -48.83 19.98
C GLN D 53 41.76 -50.34 19.95
N LEU D 54 41.23 -50.94 18.89
CA LEU D 54 41.35 -52.38 18.73
C LEU D 54 42.78 -52.76 18.37
N GLY D 55 43.44 -51.98 17.51
CA GLY D 55 44.81 -52.27 17.20
C GLY D 55 45.72 -52.05 18.40
N ALA D 56 45.45 -51.02 19.20
CA ALA D 56 46.18 -50.78 20.42
C ALA D 56 46.01 -51.93 21.41
N ALA D 57 44.91 -52.65 21.32
CA ALA D 57 44.71 -53.85 22.10
C ALA D 57 45.31 -55.08 21.42
N GLY D 58 45.92 -54.91 20.26
CA GLY D 58 46.63 -55.97 19.59
C GLY D 58 45.92 -56.62 18.43
N ALA D 59 44.82 -56.06 17.96
CA ALA D 59 44.07 -56.73 16.92
C ALA D 59 44.54 -56.35 15.53
N THR D 60 44.27 -57.26 14.60
CA THR D 60 44.32 -57.00 13.17
C THR D 60 42.97 -56.44 12.80
N VAL D 61 42.95 -55.27 12.20
CA VAL D 61 41.69 -54.58 11.94
C VAL D 61 41.57 -54.32 10.44
N TYR D 62 40.56 -54.92 9.83
CA TYR D 62 40.12 -54.53 8.51
C TYR D 62 39.28 -53.29 8.66
N VAL D 63 39.59 -52.26 7.90
CA VAL D 63 38.89 -50.99 8.00
C VAL D 63 38.39 -50.63 6.60
N THR D 64 37.11 -50.27 6.50
CA THR D 64 36.52 -50.05 5.20
C THR D 64 35.89 -48.67 5.10
N GLY D 65 35.75 -48.22 3.87
CA GLY D 65 35.24 -46.91 3.58
C GLY D 65 35.48 -46.65 2.12
N ARG D 66 34.84 -45.59 1.64
CA ARG D 66 34.99 -45.26 0.24
C ARG D 66 36.14 -44.31 -0.01
N THR D 67 36.45 -43.47 0.97
CA THR D 67 37.43 -42.41 0.79
C THR D 67 38.83 -42.99 0.86
N THR D 68 39.51 -43.05 -0.29
CA THR D 68 40.87 -43.54 -0.38
C THR D 68 41.80 -42.43 -0.88
N ARG D 69 43.10 -42.72 -0.83
CA ARG D 69 44.11 -41.75 -1.26
C ARG D 69 44.20 -41.61 -2.78
N GLU D 79 42.82 -38.31 6.27
CA GLU D 79 41.38 -38.25 6.02
C GLU D 79 40.97 -39.36 5.05
N THR D 80 41.63 -40.51 5.15
CA THR D 80 41.36 -41.65 4.29
C THR D 80 41.31 -42.93 5.11
N ILE D 81 40.76 -43.98 4.48
CA ILE D 81 40.71 -45.27 5.14
C ILE D 81 42.12 -45.84 5.27
N GLU D 82 42.99 -45.52 4.32
CA GLU D 82 44.38 -45.96 4.43
C GLU D 82 45.04 -45.33 5.63
N GLU D 83 44.73 -44.06 5.86
CA GLU D 83 45.27 -43.42 7.05
C GLU D 83 44.75 -44.12 8.29
N THR D 84 43.49 -44.53 8.27
CA THR D 84 42.97 -45.29 9.40
C THR D 84 43.75 -46.57 9.60
N ALA D 85 44.02 -47.30 8.52
CA ALA D 85 44.79 -48.53 8.65
C ALA D 85 46.19 -48.25 9.18
N GLU D 86 46.83 -47.19 8.70
CA GLU D 86 48.15 -46.85 9.17
C GLU D 86 48.13 -46.50 10.65
N LEU D 87 47.07 -45.84 11.11
CA LEU D 87 46.95 -45.52 12.53
C LEU D 87 46.75 -46.76 13.39
N VAL D 88 46.08 -47.79 12.85
CA VAL D 88 45.88 -49.03 13.58
C VAL D 88 47.21 -49.72 13.81
N THR D 89 48.08 -49.69 12.81
CA THR D 89 49.37 -50.38 12.93
C THR D 89 50.29 -49.71 13.95
N GLU D 90 50.46 -48.37 13.87
CA GLU D 90 51.35 -47.71 14.80
C GLU D 90 50.88 -47.89 16.24
N ALA D 91 49.57 -47.95 16.44
CA ALA D 91 49.04 -48.12 17.78
C ALA D 91 49.41 -49.46 18.38
N GLY D 92 49.95 -50.37 17.60
CA GLY D 92 50.40 -51.64 18.12
C GLY D 92 49.63 -52.80 17.53
N GLY D 93 48.84 -52.52 16.51
CA GLY D 93 48.08 -53.57 15.86
C GLY D 93 48.42 -53.70 14.38
N THR D 94 47.45 -54.17 13.61
CA THR D 94 47.60 -54.34 12.17
C THR D 94 46.34 -53.83 11.49
N GLY D 95 46.45 -52.75 10.73
CA GLY D 95 45.33 -52.19 10.00
C GLY D 95 45.40 -52.56 8.53
N ILE D 96 44.29 -53.10 8.02
CA ILE D 96 44.19 -53.49 6.62
C ILE D 96 43.00 -52.77 6.02
N ALA D 97 43.25 -51.83 5.13
CA ALA D 97 42.21 -51.04 4.53
C ALA D 97 41.66 -51.77 3.32
N VAL D 98 40.33 -51.88 3.26
CA VAL D 98 39.67 -52.45 2.09
C VAL D 98 38.62 -51.45 1.63
N PRO D 99 38.92 -50.63 0.62
CA PRO D 99 37.93 -49.67 0.14
C PRO D 99 36.68 -50.39 -0.34
N THR D 100 35.55 -49.97 0.20
CA THR D 100 34.29 -50.67 -0.03
C THR D 100 33.16 -49.67 -0.09
N ASP D 101 32.29 -49.84 -1.08
CA ASP D 101 31.01 -49.15 -1.13
C ASP D 101 30.02 -50.09 -0.47
N HIS D 102 29.66 -49.82 0.77
CA HIS D 102 28.81 -50.74 1.49
C HIS D 102 27.37 -50.73 1.00
N LEU D 103 27.04 -49.90 0.02
CA LEU D 103 25.75 -50.04 -0.63
C LEU D 103 25.81 -50.94 -1.86
N VAL D 104 26.99 -51.39 -2.26
CA VAL D 104 27.16 -52.28 -3.41
C VAL D 104 27.43 -53.68 -2.89
N PRO D 105 26.46 -54.59 -2.97
CA PRO D 105 26.63 -55.92 -2.39
C PRO D 105 27.81 -56.69 -2.93
N GLU D 106 28.11 -56.56 -4.22
CA GLU D 106 29.23 -57.30 -4.76
C GLU D 106 30.53 -56.91 -4.09
N GLN D 107 30.66 -55.65 -3.72
CA GLN D 107 31.86 -55.21 -3.04
C GLN D 107 31.90 -55.72 -1.62
N VAL D 108 30.74 -55.84 -0.99
CA VAL D 108 30.76 -56.35 0.37
C VAL D 108 31.00 -57.83 0.37
N ARG D 109 30.51 -58.54 -0.64
CA ARG D 109 30.81 -59.97 -0.72
C ARG D 109 32.30 -60.21 -0.93
N ALA D 110 32.94 -59.43 -1.80
CA ALA D 110 34.37 -59.56 -2.00
C ALA D 110 35.13 -59.24 -0.72
N LEU D 111 34.65 -58.25 0.04
CA LEU D 111 35.27 -57.95 1.31
C LEU D 111 35.23 -59.16 2.23
N ALA D 112 34.07 -59.82 2.31
CA ALA D 112 33.94 -60.99 3.18
C ALA D 112 34.80 -62.16 2.71
N ASP D 113 34.90 -62.37 1.39
CA ASP D 113 35.77 -63.42 0.89
C ASP D 113 37.23 -63.14 1.22
N ARG D 114 37.61 -61.87 1.26
CA ARG D 114 39.01 -61.53 1.54
C ARG D 114 39.38 -61.89 2.97
N VAL D 115 38.53 -61.56 3.93
CA VAL D 115 38.83 -61.90 5.32
C VAL D 115 38.91 -63.40 5.51
N ASP D 116 38.02 -64.14 4.86
CA ASP D 116 38.10 -65.58 4.94
C ASP D 116 39.38 -66.08 4.30
N THR D 117 39.74 -65.51 3.16
CA THR D 117 40.95 -65.90 2.47
C THR D 117 42.18 -65.58 3.29
N GLU D 118 42.22 -64.38 3.86
CA GLU D 118 43.45 -63.98 4.53
C GLU D 118 43.51 -64.53 5.94
N GLN D 119 42.37 -64.65 6.63
CA GLN D 119 42.37 -64.98 8.04
C GLN D 119 41.58 -66.24 8.39
N GLY D 120 40.53 -66.57 7.64
CA GLY D 120 39.69 -67.71 7.95
C GLY D 120 38.79 -67.56 9.14
N ARG D 121 38.67 -66.37 9.70
CA ARG D 121 37.85 -66.19 10.90
C ARG D 121 37.53 -64.72 11.01
N LEU D 122 36.48 -64.43 11.75
CA LEU D 122 36.11 -63.06 12.08
C LEU D 122 35.57 -63.04 13.49
N ASP D 123 36.27 -62.33 14.38
CA ASP D 123 35.91 -62.32 15.78
C ASP D 123 35.03 -61.15 16.17
N VAL D 124 35.27 -59.97 15.61
CA VAL D 124 34.56 -58.75 15.96
C VAL D 124 34.19 -58.01 14.68
N LEU D 125 32.93 -57.64 14.55
CA LEU D 125 32.44 -56.85 13.42
C LEU D 125 31.80 -55.58 13.96
N VAL D 126 32.27 -54.42 13.51
CA VAL D 126 31.72 -53.17 13.98
C VAL D 126 31.11 -52.45 12.79
N ASN D 127 29.84 -52.06 12.94
CA ASN D 127 29.08 -51.40 11.90
C ASN D 127 28.87 -49.94 12.24
N ASP D 128 29.60 -49.08 11.57
CA ASP D 128 29.51 -47.63 11.78
C ASP D 128 29.27 -46.91 10.46
N VAL D 129 28.73 -47.60 9.46
CA VAL D 129 28.52 -46.97 8.18
C VAL D 129 27.35 -46.00 8.28
N TRP D 130 27.56 -44.77 7.83
CA TRP D 130 26.56 -43.72 7.88
C TRP D 130 26.66 -42.85 6.64
N GLY D 131 25.60 -42.13 6.37
CA GLY D 131 25.56 -41.23 5.24
C GLY D 131 26.12 -39.87 5.55
N GLU D 137 18.56 -32.16 8.40
CA GLU D 137 17.86 -30.89 8.65
C GLU D 137 17.23 -30.93 10.04
N PHE D 138 17.93 -30.36 11.02
CA PHE D 138 17.63 -30.53 12.43
C PHE D 138 16.38 -29.78 12.88
N ASP D 139 15.78 -28.97 12.02
CA ASP D 139 14.77 -28.02 12.46
C ASP D 139 13.46 -28.16 11.70
N LYS D 140 13.26 -29.28 11.03
CA LYS D 140 12.28 -29.37 9.96
C LYS D 140 11.36 -30.56 10.16
N LYS D 141 10.10 -30.39 9.79
CA LYS D 141 9.14 -31.48 9.82
C LYS D 141 9.36 -32.41 8.65
N VAL D 142 8.75 -33.58 8.70
CA VAL D 142 8.96 -34.55 7.63
C VAL D 142 8.50 -33.99 6.30
N TRP D 143 7.48 -33.14 6.31
CA TRP D 143 7.00 -32.55 5.08
C TRP D 143 7.78 -31.30 4.71
N GLU D 144 8.59 -30.77 5.61
CA GLU D 144 9.46 -29.68 5.23
C GLU D 144 10.82 -30.18 4.80
N HIS D 145 11.24 -31.30 5.34
CA HIS D 145 12.52 -31.89 5.00
C HIS D 145 12.58 -32.17 3.51
N ASP D 146 13.79 -32.11 2.95
CA ASP D 146 14.02 -32.55 1.58
C ASP D 146 13.85 -34.07 1.51
N LEU D 147 12.94 -34.53 0.67
CA LEU D 147 12.56 -35.93 0.66
C LEU D 147 13.65 -36.80 0.06
N ASP D 148 14.22 -36.40 -1.08
CA ASP D 148 15.24 -37.23 -1.71
C ASP D 148 16.44 -37.41 -0.78
N ALA D 149 16.83 -36.36 -0.06
CA ALA D 149 17.93 -36.48 0.88
C ALA D 149 17.55 -37.39 2.04
N GLY D 150 16.31 -37.29 2.52
CA GLY D 150 15.91 -38.11 3.65
C GLY D 150 15.88 -39.57 3.29
N LEU D 151 15.40 -39.90 2.09
CA LEU D 151 15.41 -41.29 1.66
C LEU D 151 16.81 -41.78 1.44
N ARG D 152 17.68 -40.96 0.87
CA ARG D 152 19.07 -41.35 0.72
C ARG D 152 19.72 -41.53 2.08
N LEU D 153 19.37 -40.69 3.03
CA LEU D 153 19.87 -40.84 4.38
C LEU D 153 19.48 -42.19 4.97
N MET D 154 18.24 -42.61 4.75
CA MET D 154 17.81 -43.88 5.33
C MET D 154 18.42 -45.07 4.61
N ARG D 155 18.65 -44.95 3.32
CA ARG D 155 19.30 -46.04 2.62
C ARG D 155 20.77 -46.17 3.04
N LEU D 156 21.47 -45.05 3.15
CA LEU D 156 22.87 -45.12 3.55
C LEU D 156 23.03 -45.57 4.99
N GLY D 157 22.06 -45.29 5.84
CA GLY D 157 22.19 -45.55 7.24
C GLY D 157 21.63 -46.87 7.70
N VAL D 158 20.73 -47.47 6.92
CA VAL D 158 20.08 -48.72 7.27
C VAL D 158 20.47 -49.85 6.32
N ASP D 159 20.42 -49.59 5.02
CA ASP D 159 20.71 -50.64 4.05
C ASP D 159 22.16 -51.10 4.13
N THR D 160 23.07 -50.18 4.41
CA THR D 160 24.48 -50.54 4.49
C THR D 160 24.72 -51.54 5.60
N HIS D 161 24.02 -51.40 6.70
CA HIS D 161 24.16 -52.35 7.80
C HIS D 161 23.59 -53.71 7.45
N ALA D 162 22.45 -53.77 6.75
CA ALA D 162 21.87 -55.05 6.39
C ALA D 162 22.76 -55.80 5.39
N ILE D 163 23.30 -55.09 4.41
CA ILE D 163 24.20 -55.72 3.45
C ILE D 163 25.44 -56.25 4.17
N SER D 164 25.91 -55.49 5.14
CA SER D 164 27.10 -55.90 5.89
C SER D 164 26.84 -57.20 6.65
N SER D 165 25.72 -57.27 7.39
CA SER D 165 25.40 -58.48 8.16
C SER D 165 25.16 -59.67 7.25
N HIS D 166 24.57 -59.45 6.09
CA HIS D 166 24.27 -60.57 5.20
C HIS D 166 25.54 -61.25 4.73
N PHE D 167 26.59 -60.48 4.44
CA PHE D 167 27.79 -61.08 3.85
C PHE D 167 28.84 -61.46 4.88
N LEU D 168 28.91 -60.78 6.02
CA LEU D 168 29.99 -61.00 6.96
C LEU D 168 29.62 -61.90 8.12
N LEU D 169 28.36 -62.05 8.44
CA LEU D 169 28.01 -62.87 9.60
C LEU D 169 28.32 -64.35 9.42
N PRO D 170 28.24 -64.94 8.22
CA PRO D 170 28.61 -66.36 8.11
C PRO D 170 29.99 -66.67 8.65
N LEU D 171 30.99 -65.86 8.29
CA LEU D 171 32.33 -66.10 8.80
C LEU D 171 32.38 -65.90 10.30
N LEU D 172 31.61 -64.97 10.81
CA LEU D 172 31.64 -64.71 12.24
C LEU D 172 30.98 -65.82 13.03
N VAL D 173 29.88 -66.40 12.53
CA VAL D 173 29.19 -67.45 13.26
C VAL D 173 29.80 -68.82 12.98
N ARG D 174 30.89 -68.87 12.21
CA ARG D 174 31.55 -70.13 11.94
C ARG D 174 32.05 -70.76 13.22
N ARG D 175 32.42 -69.95 14.20
CA ARG D 175 32.86 -70.38 15.52
C ARG D 175 32.22 -69.53 16.61
N PRO D 176 32.01 -70.10 17.80
CA PRO D 176 31.46 -69.31 18.90
C PRO D 176 32.43 -68.26 19.38
N GLY D 177 31.88 -67.24 20.03
CA GLY D 177 32.68 -66.17 20.56
C GLY D 177 32.73 -64.92 19.72
N GLY D 178 32.03 -64.89 18.59
CA GLY D 178 32.01 -63.70 17.77
C GLY D 178 31.22 -62.58 18.40
N LEU D 179 31.58 -61.35 18.04
CA LEU D 179 30.93 -60.16 18.58
C LEU D 179 30.57 -59.20 17.45
N VAL D 180 29.33 -58.73 17.44
CA VAL D 180 28.86 -57.72 16.51
C VAL D 180 28.48 -56.47 17.28
N VAL D 181 28.99 -55.32 16.83
CA VAL D 181 28.68 -54.03 17.44
C VAL D 181 28.08 -53.13 16.36
N GLU D 182 26.79 -52.83 16.47
CA GLU D 182 26.12 -51.89 15.59
C GLU D 182 26.18 -50.51 16.25
N MET D 183 26.80 -49.55 15.58
CA MET D 183 26.97 -48.23 16.16
C MET D 183 25.72 -47.39 15.91
N THR D 184 25.33 -46.59 16.89
CA THR D 184 24.18 -45.73 16.72
C THR D 184 24.36 -44.45 17.53
N ASP D 185 23.35 -43.60 17.47
CA ASP D 185 23.31 -42.35 18.21
C ASP D 185 22.16 -42.46 19.21
N GLY D 186 22.51 -42.57 20.48
CA GLY D 186 21.57 -42.65 21.57
C GLY D 186 21.43 -44.06 22.09
N THR D 187 20.91 -44.16 23.32
CA THR D 187 20.53 -45.43 23.91
C THR D 187 19.04 -45.65 23.72
N ALA D 188 18.61 -46.89 23.96
CA ALA D 188 17.19 -47.21 23.88
C ALA D 188 16.41 -46.44 24.93
N ALA D 189 16.98 -46.27 26.12
CA ALA D 189 16.29 -45.53 27.17
C ALA D 189 16.13 -44.07 26.79
N TYR D 190 17.17 -43.48 26.23
CA TYR D 190 17.10 -42.09 25.85
C TYR D 190 16.20 -41.90 24.64
N ASN D 191 16.47 -42.66 23.56
CA ASN D 191 15.71 -42.52 22.32
C ASN D 191 14.25 -42.88 22.49
N GLY D 192 13.95 -43.74 23.45
CA GLY D 192 12.57 -44.13 23.69
C GLY D 192 11.71 -42.99 24.18
N SER D 193 12.31 -41.92 24.70
CA SER D 193 11.52 -40.80 25.19
C SER D 193 11.96 -39.48 24.57
N HIS D 194 12.72 -39.52 23.48
CA HIS D 194 13.27 -38.32 22.86
C HIS D 194 13.23 -38.44 21.35
N TYR D 195 12.63 -37.44 20.71
CA TYR D 195 12.71 -37.28 19.25
C TYR D 195 14.11 -36.84 18.87
N ARG D 196 14.71 -37.50 17.89
CA ARG D 196 16.12 -37.32 17.55
C ARG D 196 16.26 -36.57 16.21
N ASN D 197 16.36 -35.25 16.29
CA ASN D 197 16.78 -34.36 15.21
C ASN D 197 15.79 -34.25 14.05
N SER D 198 15.53 -35.35 13.34
CA SER D 198 14.63 -35.28 12.20
C SER D 198 13.95 -36.63 12.05
N TYR D 199 12.94 -36.65 11.19
CA TYR D 199 12.19 -37.87 10.93
C TYR D 199 13.12 -38.97 10.41
N PHE D 200 13.91 -38.64 9.39
CA PHE D 200 14.75 -39.66 8.74
C PHE D 200 15.90 -40.06 9.62
N TYR D 201 16.49 -39.10 10.32
CA TYR D 201 17.57 -39.39 11.27
C TYR D 201 17.05 -40.27 12.37
N ASP D 202 15.89 -39.92 12.92
CA ASP D 202 15.36 -40.69 14.03
C ASP D 202 15.09 -42.12 13.61
N LEU D 203 14.51 -42.31 12.43
CA LEU D 203 14.21 -43.67 12.01
C LEU D 203 15.47 -44.48 11.82
N VAL D 204 16.51 -43.88 11.25
CA VAL D 204 17.75 -44.60 11.01
C VAL D 204 18.40 -45.03 12.30
N LYS D 205 18.54 -44.11 13.23
CA LYS D 205 19.23 -44.46 14.46
C LYS D 205 18.44 -45.46 15.27
N ASN D 206 17.12 -45.37 15.25
CA ASN D 206 16.37 -46.34 16.01
C ASN D 206 16.25 -47.68 15.29
N SER D 207 16.39 -47.70 13.97
CA SER D 207 16.51 -48.97 13.28
C SER D 207 17.78 -49.68 13.68
N VAL D 208 18.90 -48.96 13.82
CA VAL D 208 20.12 -49.68 14.13
C VAL D 208 20.07 -50.25 15.54
N LEU D 209 19.40 -49.56 16.47
CA LEU D 209 19.15 -50.13 17.80
C LEU D 209 18.43 -51.47 17.69
N ARG D 210 17.40 -51.54 16.87
CA ARG D 210 16.66 -52.78 16.71
C ARG D 210 17.55 -53.84 16.08
N MET D 211 18.48 -53.43 15.21
CA MET D 211 19.39 -54.39 14.59
C MET D 211 20.17 -55.17 15.62
N GLY D 212 20.58 -54.53 16.69
CA GLY D 212 21.30 -55.25 17.72
C GLY D 212 20.44 -56.27 18.44
N TYR D 213 19.17 -55.95 18.66
CA TYR D 213 18.27 -56.92 19.27
C TYR D 213 17.98 -58.07 18.32
N VAL D 214 17.75 -57.76 17.05
CA VAL D 214 17.43 -58.78 16.05
C VAL D 214 18.61 -59.72 15.88
N LEU D 215 19.80 -59.17 15.71
CA LEU D 215 20.97 -60.00 15.51
C LEU D 215 21.25 -60.84 16.76
N ALA D 216 20.91 -60.33 17.94
CA ALA D 216 21.11 -61.12 19.14
C ALA D 216 20.32 -62.42 19.09
N HIS D 217 19.11 -62.38 18.55
CA HIS D 217 18.32 -63.59 18.36
C HIS D 217 18.94 -64.51 17.31
N GLU D 218 19.49 -63.94 16.24
CA GLU D 218 20.02 -64.78 15.19
C GLU D 218 21.37 -65.38 15.57
N LEU D 219 22.12 -64.72 16.44
CA LEU D 219 23.45 -65.19 16.76
C LEU D 219 23.52 -66.15 17.93
N GLU D 220 22.53 -66.14 18.83
CA GLU D 220 22.61 -66.92 20.06
C GLU D 220 22.92 -68.40 19.83
N PRO D 221 22.29 -69.12 18.89
CA PRO D 221 22.66 -70.53 18.68
C PRO D 221 24.07 -70.74 18.21
N TYR D 222 24.74 -69.70 17.73
CA TYR D 222 26.11 -69.80 17.27
C TYR D 222 27.12 -69.34 18.30
N GLY D 223 26.68 -69.06 19.52
CA GLY D 223 27.62 -68.51 20.48
C GLY D 223 28.07 -67.11 20.16
N GLY D 224 27.32 -66.40 19.31
CA GLY D 224 27.64 -65.03 18.96
C GLY D 224 26.87 -64.04 19.80
N THR D 225 27.40 -62.82 19.88
CA THR D 225 26.86 -61.73 20.67
C THR D 225 26.66 -60.51 19.78
N ALA D 226 25.55 -59.80 19.95
CA ALA D 226 25.32 -58.53 19.28
C ALA D 226 24.84 -57.51 20.30
N VAL D 227 25.38 -56.30 20.20
CA VAL D 227 24.92 -55.17 21.01
C VAL D 227 24.84 -53.94 20.12
N THR D 228 24.04 -52.97 20.55
CA THR D 228 24.03 -51.67 19.89
C THR D 228 24.64 -50.67 20.85
N LEU D 229 25.65 -49.96 20.37
CA LEU D 229 26.46 -49.08 21.20
C LEU D 229 26.40 -47.66 20.66
N THR D 230 26.30 -46.70 21.56
CA THR D 230 26.38 -45.31 21.14
C THR D 230 27.53 -44.63 21.86
N PRO D 231 28.21 -43.69 21.22
CA PRO D 231 29.13 -42.83 21.95
C PRO D 231 28.34 -41.75 22.68
N GLY D 232 29.08 -40.85 23.32
CA GLY D 232 28.46 -39.69 23.89
C GLY D 232 28.54 -38.57 22.89
N TRP D 233 28.91 -37.39 23.36
CA TRP D 233 29.12 -36.24 22.49
C TRP D 233 30.61 -36.22 22.13
N MET D 234 30.94 -36.72 20.94
CA MET D 234 32.32 -36.95 20.61
C MET D 234 33.02 -35.67 20.14
N ARG D 235 34.23 -35.48 20.62
CA ARG D 235 35.10 -34.44 20.09
C ARG D 235 35.76 -34.97 18.82
N SER D 236 34.91 -35.22 17.84
CA SER D 236 35.39 -35.68 16.56
C SER D 236 36.09 -34.56 15.81
N GLU D 237 36.82 -34.96 14.78
CA GLU D 237 37.53 -34.02 13.94
C GLU D 237 36.58 -32.99 13.34
N MET D 238 35.37 -33.43 13.00
CA MET D 238 34.40 -32.51 12.46
C MET D 238 33.89 -31.57 13.54
N MET D 239 33.64 -32.12 14.72
CA MET D 239 33.16 -31.31 15.83
C MET D 239 34.20 -30.30 16.24
N LEU D 240 35.47 -30.70 16.26
CA LEU D 240 36.52 -29.80 16.70
C LEU D 240 36.68 -28.64 15.72
N GLU D 241 36.68 -28.93 14.43
CA GLU D 241 36.83 -27.84 13.46
C GLU D 241 35.63 -26.93 13.43
N THR D 242 34.43 -27.47 13.65
CA THR D 242 33.24 -26.63 13.69
C THR D 242 33.31 -25.60 14.80
N LEU D 243 33.90 -25.96 15.93
CA LEU D 243 34.04 -25.04 17.04
C LEU D 243 35.32 -24.23 16.99
N GLY D 244 36.17 -24.48 16.01
CA GLY D 244 37.38 -23.68 15.87
C GLY D 244 38.44 -24.00 16.89
N VAL D 245 38.48 -25.23 17.38
CA VAL D 245 39.39 -25.63 18.43
C VAL D 245 40.16 -26.85 17.98
N THR D 246 41.23 -27.14 18.71
CA THR D 246 41.93 -28.39 18.56
C THR D 246 41.64 -29.24 19.78
N GLU D 247 42.06 -30.50 19.72
CA GLU D 247 41.91 -31.34 20.89
C GLU D 247 42.75 -30.82 22.05
N GLU D 248 43.93 -30.26 21.76
CA GLU D 248 44.78 -29.81 22.85
C GLU D 248 44.19 -28.65 23.62
N ASN D 249 43.29 -27.91 23.02
CA ASN D 249 42.69 -26.74 23.67
C ASN D 249 41.18 -26.74 23.47
N TRP D 250 40.56 -27.91 23.68
CA TRP D 250 39.15 -28.04 23.32
C TRP D 250 38.22 -27.27 24.24
N ARG D 251 38.61 -27.02 25.49
CA ARG D 251 37.67 -26.31 26.36
C ARG D 251 37.51 -24.84 26.02
N ASP D 252 38.28 -24.32 25.06
CA ASP D 252 38.06 -22.95 24.59
C ASP D 252 36.67 -22.78 24.04
N ALA D 253 36.03 -23.87 23.59
CA ALA D 253 34.69 -23.78 23.00
C ALA D 253 33.58 -23.68 24.02
N LEU D 254 33.89 -23.77 25.32
CA LEU D 254 32.82 -23.80 26.31
C LEU D 254 32.08 -22.49 26.37
N THR D 255 32.72 -21.37 26.01
CA THR D 255 32.00 -20.11 26.04
C THR D 255 30.88 -20.11 25.00
N GLU D 256 31.12 -20.66 23.82
CA GLU D 256 30.04 -20.69 22.85
C GLU D 256 29.10 -21.88 23.07
N VAL D 257 29.63 -23.05 23.38
CA VAL D 257 28.77 -24.20 23.67
C VAL D 257 29.06 -24.68 25.09
N PRO D 258 28.36 -24.16 26.08
CA PRO D 258 28.68 -24.55 27.47
C PRO D 258 28.40 -25.99 27.77
N HIS D 259 27.37 -26.59 27.19
CA HIS D 259 27.07 -27.98 27.48
C HIS D 259 28.02 -28.95 26.82
N PHE D 260 28.95 -28.45 26.02
CA PHE D 260 30.02 -29.27 25.47
C PHE D 260 30.98 -29.77 26.56
N CYS D 261 30.80 -29.31 27.80
CA CYS D 261 31.65 -29.76 28.88
C CYS D 261 31.49 -31.26 29.19
N ILE D 262 30.48 -31.93 28.62
CA ILE D 262 30.31 -33.38 28.78
C ILE D 262 30.95 -34.18 27.64
N SER D 263 31.58 -33.52 26.68
CA SER D 263 32.02 -34.19 25.47
C SER D 263 33.17 -35.15 25.76
N GLU D 264 33.36 -36.07 24.84
CA GLU D 264 34.37 -37.10 24.96
C GLU D 264 35.18 -37.21 23.68
N SER D 265 36.37 -37.69 23.82
CA SER D 265 37.12 -37.94 22.63
C SER D 265 36.59 -39.20 21.96
N PRO D 266 36.83 -39.34 20.67
CA PRO D 266 36.40 -40.55 19.97
C PRO D 266 36.98 -41.81 20.55
N SER D 267 38.17 -41.75 21.16
CA SER D 267 38.79 -42.95 21.70
C SER D 267 38.01 -43.55 22.86
N TYR D 268 37.15 -42.78 23.49
CA TYR D 268 36.32 -43.29 24.57
C TYR D 268 35.44 -44.44 24.09
N VAL D 269 34.68 -44.21 23.01
CA VAL D 269 33.84 -45.27 22.51
C VAL D 269 34.70 -46.38 21.90
N GLY D 270 35.90 -46.05 21.44
CA GLY D 270 36.80 -47.09 20.98
C GLY D 270 37.21 -48.03 22.09
N ARG D 271 37.46 -47.48 23.28
CA ARG D 271 37.79 -48.33 24.42
C ARG D 271 36.59 -49.12 24.91
N ALA D 272 35.37 -48.62 24.68
CA ALA D 272 34.20 -49.40 25.03
C ALA D 272 34.09 -50.63 24.14
N VAL D 273 34.37 -50.47 22.85
CA VAL D 273 34.32 -51.64 21.97
C VAL D 273 35.39 -52.64 22.37
N ALA D 274 36.59 -52.16 22.70
CA ALA D 274 37.66 -53.06 23.10
C ALA D 274 37.32 -53.79 24.39
N ALA D 275 36.65 -53.13 25.33
CA ALA D 275 36.27 -53.82 26.56
C ALA D 275 35.28 -54.94 26.28
N LEU D 276 34.35 -54.71 25.37
CA LEU D 276 33.42 -55.78 25.02
C LEU D 276 34.15 -56.93 24.35
N ALA D 277 35.00 -56.62 23.37
CA ALA D 277 35.67 -57.67 22.62
C ALA D 277 36.62 -58.47 23.49
N GLY D 278 37.10 -57.87 24.57
CA GLY D 278 37.96 -58.54 25.52
C GLY D 278 37.24 -59.20 26.65
N ASP D 279 35.92 -59.07 26.71
CA ASP D 279 35.14 -59.64 27.78
C ASP D 279 34.83 -61.09 27.44
N ALA D 280 35.35 -62.01 28.26
CA ALA D 280 35.08 -63.43 28.03
C ALA D 280 33.62 -63.77 28.27
N ASP D 281 32.95 -62.99 29.10
CA ASP D 281 31.53 -63.15 29.35
C ASP D 281 30.73 -62.03 28.68
N VAL D 282 31.16 -61.61 27.50
CA VAL D 282 30.50 -60.50 26.83
C VAL D 282 29.07 -60.85 26.48
N ALA D 283 28.74 -62.13 26.41
CA ALA D 283 27.39 -62.55 26.06
C ALA D 283 26.33 -62.07 27.04
N ARG D 284 26.74 -61.63 28.22
CA ARG D 284 25.78 -61.09 29.19
C ARG D 284 25.12 -59.82 28.69
N TRP D 285 25.70 -59.19 27.67
CA TRP D 285 25.16 -57.98 27.09
C TRP D 285 24.30 -58.24 25.87
N ASN D 286 24.13 -59.51 25.50
CA ASN D 286 23.55 -59.84 24.21
C ASN D 286 22.19 -59.19 24.05
N GLY D 287 22.01 -58.49 22.94
CA GLY D 287 20.77 -57.83 22.61
C GLY D 287 20.58 -56.48 23.21
N GLN D 288 21.52 -56.01 24.01
CA GLN D 288 21.31 -54.79 24.75
C GLN D 288 21.77 -53.57 23.98
N SER D 289 21.17 -52.43 24.30
CA SER D 289 21.65 -51.13 23.91
C SER D 289 22.55 -50.60 25.02
N VAL D 290 23.74 -50.12 24.66
CA VAL D 290 24.72 -49.68 25.62
C VAL D 290 25.34 -48.36 25.16
N SER D 291 25.96 -47.64 26.09
CA SER D 291 26.63 -46.39 25.76
C SER D 291 28.07 -46.44 26.24
N SER D 292 28.89 -45.52 25.71
CA SER D 292 30.29 -45.48 26.10
C SER D 292 30.46 -45.17 27.57
N GLY D 293 29.64 -44.25 28.09
CA GLY D 293 29.73 -43.93 29.51
C GLY D 293 29.28 -45.06 30.41
N GLN D 294 28.23 -45.77 30.01
CA GLN D 294 27.78 -46.90 30.81
C GLN D 294 28.84 -47.99 30.87
N LEU D 295 29.49 -48.28 29.75
CA LEU D 295 30.52 -49.30 29.76
C LEU D 295 31.78 -48.82 30.48
N ALA D 296 32.01 -47.52 30.56
CA ALA D 296 33.13 -47.05 31.34
C ALA D 296 32.92 -47.39 32.80
N GLN D 297 31.69 -47.23 33.29
CA GLN D 297 31.36 -47.61 34.65
C GLN D 297 31.44 -49.11 34.86
N GLU D 298 31.07 -49.90 33.86
CA GLU D 298 31.07 -51.35 34.05
C GLU D 298 32.48 -51.93 33.99
N TYR D 299 33.29 -51.49 33.04
CA TYR D 299 34.61 -52.06 32.81
C TYR D 299 35.74 -51.31 33.49
N GLY D 300 35.62 -50.00 33.71
CA GLY D 300 36.63 -49.29 34.43
C GLY D 300 37.64 -48.57 33.59
N PHE D 301 37.49 -48.58 32.27
CA PHE D 301 38.38 -47.80 31.43
C PHE D 301 38.02 -46.32 31.54
N THR D 302 38.91 -45.48 31.04
CA THR D 302 38.72 -44.04 31.04
C THR D 302 38.95 -43.51 29.63
N ASP D 303 38.54 -42.26 29.41
CA ASP D 303 38.94 -41.58 28.20
C ASP D 303 40.43 -41.29 28.28
N LEU D 304 40.96 -40.72 27.20
CA LEU D 304 42.38 -40.44 27.15
C LEU D 304 42.80 -39.52 28.29
N ASP D 305 41.93 -38.61 28.68
CA ASP D 305 42.25 -37.65 29.73
C ASP D 305 41.95 -38.19 31.12
N GLY D 306 41.56 -39.45 31.23
CA GLY D 306 41.29 -40.03 32.52
C GLY D 306 39.90 -39.82 33.06
N SER D 307 39.04 -39.13 32.34
CA SER D 307 37.68 -38.92 32.81
C SER D 307 36.75 -40.00 32.29
N ARG D 308 35.53 -40.00 32.77
CA ARG D 308 34.51 -40.96 32.33
C ARG D 308 33.22 -40.20 32.05
N PRO D 309 33.12 -39.46 30.93
CA PRO D 309 31.89 -38.73 30.63
C PRO D 309 30.70 -39.67 30.55
N ASP D 310 29.59 -39.23 31.12
CA ASP D 310 28.32 -39.96 31.13
C ASP D 310 27.33 -39.08 30.40
N CYS D 311 27.39 -39.11 29.07
CA CYS D 311 26.71 -38.10 28.27
C CYS D 311 25.21 -38.17 28.45
N TRP D 312 24.63 -39.36 28.40
CA TRP D 312 23.18 -39.48 28.31
C TRP D 312 22.50 -39.24 29.65
N ARG D 313 23.18 -39.43 30.78
CA ARG D 313 22.59 -39.01 32.04
C ARG D 313 22.67 -37.49 32.20
N TYR D 314 23.76 -36.90 31.70
CA TYR D 314 23.94 -35.46 31.79
C TYR D 314 22.89 -34.72 30.99
N LEU D 315 22.59 -35.22 29.80
CA LEU D 315 21.63 -34.54 28.93
C LEU D 315 20.26 -34.45 29.58
N VAL D 316 19.82 -35.53 30.24
CA VAL D 316 18.51 -35.58 30.86
C VAL D 316 18.51 -34.83 32.19
N GLU D 317 19.53 -35.05 33.02
CA GLU D 317 19.50 -34.53 34.37
C GLU D 317 19.97 -33.10 34.49
N VAL D 318 20.77 -32.62 33.55
CA VAL D 318 21.26 -31.26 33.67
C VAL D 318 20.68 -30.43 32.56
N GLN D 319 21.04 -30.75 31.32
CA GLN D 319 20.68 -29.89 30.22
C GLN D 319 19.18 -29.81 30.02
N GLU D 320 18.50 -30.95 29.89
CA GLU D 320 17.06 -30.90 29.67
C GLU D 320 16.29 -30.49 30.92
N ALA D 321 16.91 -30.56 32.07
CA ALA D 321 16.30 -30.10 33.31
C ALA D 321 16.39 -28.59 33.49
N GLY D 322 16.96 -27.87 32.54
CA GLY D 322 17.10 -26.43 32.64
C GLY D 322 18.25 -25.95 33.49
N LYS D 323 19.06 -26.85 34.02
CA LYS D 323 20.16 -26.46 34.86
C LYS D 323 21.31 -25.92 34.03
N PRO D 324 22.21 -25.14 34.63
CA PRO D 324 23.38 -24.64 33.91
C PRO D 324 24.40 -25.74 33.64
N ALA D 325 25.20 -25.54 32.59
CA ALA D 325 26.24 -26.50 32.24
C ALA D 325 27.26 -26.61 33.36
N ASP D 326 27.40 -27.81 33.88
CA ASP D 326 28.27 -28.10 35.00
C ASP D 326 28.53 -29.58 34.98
N PRO D 327 29.75 -30.03 34.69
CA PRO D 327 29.99 -31.46 34.56
C PRO D 327 30.15 -32.19 35.88
N SER D 328 29.99 -31.53 37.02
CA SER D 328 30.27 -32.16 38.31
C SER D 328 29.41 -33.39 38.48
N GLY D 329 30.06 -34.53 38.72
CA GLY D 329 29.36 -35.78 38.91
C GLY D 329 29.00 -36.52 37.65
N TYR D 330 29.40 -36.02 36.48
CA TYR D 330 29.06 -36.64 35.20
C TYR D 330 30.26 -36.97 34.32
N ARG D 331 31.49 -36.79 34.81
CA ARG D 331 32.67 -37.19 34.06
C ARG D 331 33.86 -37.40 34.99
N ALA E 29 33.38 -21.26 4.30
CA ALA E 29 34.65 -20.56 4.24
C ALA E 29 35.75 -21.43 3.67
N PRO E 30 36.61 -20.83 2.85
CA PRO E 30 37.67 -21.61 2.21
C PRO E 30 38.67 -22.13 3.23
N ASP E 31 39.12 -23.34 2.99
CA ASP E 31 40.17 -23.94 3.77
C ASP E 31 41.39 -23.93 2.87
N LEU E 32 42.33 -23.05 3.17
CA LEU E 32 43.52 -22.92 2.34
C LEU E 32 44.76 -23.41 3.06
N ARG E 33 44.58 -24.24 4.08
CA ARG E 33 45.72 -24.81 4.78
C ARG E 33 46.57 -25.60 3.81
N GLY E 34 47.89 -25.41 3.89
CA GLY E 34 48.79 -26.05 2.98
C GLY E 34 49.00 -25.33 1.67
N LYS E 35 48.23 -24.28 1.40
CA LYS E 35 48.39 -23.52 0.17
C LYS E 35 49.47 -22.48 0.31
N ILE E 36 50.19 -22.23 -0.78
CA ILE E 36 51.21 -21.19 -0.85
C ILE E 36 50.69 -20.09 -1.76
N ALA E 37 50.61 -18.89 -1.22
CA ALA E 37 50.12 -17.74 -1.93
C ALA E 37 51.14 -16.63 -1.84
N LEU E 38 51.09 -15.75 -2.82
CA LEU E 38 51.93 -14.58 -2.83
C LEU E 38 51.08 -13.41 -3.25
N VAL E 39 51.15 -12.31 -2.50
CA VAL E 39 50.45 -11.09 -2.88
C VAL E 39 51.51 -10.03 -3.15
N ALA E 40 51.66 -9.65 -4.41
CA ALA E 40 52.61 -8.62 -4.80
C ALA E 40 51.96 -7.26 -4.61
N GLY E 41 52.62 -6.39 -3.88
CA GLY E 41 52.05 -5.09 -3.59
C GLY E 41 51.07 -5.26 -2.47
N ALA E 42 51.56 -5.66 -1.31
CA ALA E 42 50.69 -5.96 -0.18
C ALA E 42 50.94 -5.05 1.00
N THR E 43 51.60 -3.90 0.80
CA THR E 43 51.85 -3.01 1.93
C THR E 43 50.56 -2.44 2.48
N ARG E 44 49.62 -2.11 1.61
CA ARG E 44 48.39 -1.45 2.02
C ARG E 44 47.26 -1.86 1.07
N GLY E 45 46.08 -1.31 1.33
CA GLY E 45 44.99 -1.38 0.38
C GLY E 45 44.49 -2.79 0.16
N ALA E 46 44.12 -3.07 -1.10
CA ALA E 46 43.58 -4.37 -1.43
C ALA E 46 44.60 -5.48 -1.21
N GLY E 47 45.87 -5.22 -1.51
CA GLY E 47 46.87 -6.26 -1.37
C GLY E 47 46.98 -6.79 0.04
N ARG E 48 47.04 -5.89 1.02
CA ARG E 48 47.14 -6.33 2.40
C ARG E 48 45.93 -7.15 2.80
N ALA E 49 44.73 -6.64 2.50
CA ALA E 49 43.51 -7.35 2.88
C ALA E 49 43.40 -8.69 2.17
N ILE E 50 43.85 -8.76 0.92
CA ILE E 50 43.88 -10.05 0.22
C ILE E 50 44.83 -11.01 0.93
N ALA E 51 46.03 -10.53 1.27
CA ALA E 51 46.98 -11.37 1.98
C ALA E 51 46.44 -11.77 3.34
N VAL E 52 45.81 -10.85 4.05
CA VAL E 52 45.31 -11.16 5.38
C VAL E 52 44.19 -12.20 5.31
N GLN E 53 43.24 -12.04 4.37
CA GLN E 53 42.14 -12.97 4.25
C GLN E 53 42.58 -14.34 3.75
N LEU E 54 43.69 -14.40 3.01
CA LEU E 54 44.24 -15.70 2.66
C LEU E 54 44.81 -16.38 3.89
N GLY E 55 45.47 -15.61 4.77
CA GLY E 55 45.94 -16.19 6.00
C GLY E 55 44.80 -16.62 6.90
N ALA E 56 43.69 -15.89 6.89
CA ALA E 56 42.52 -16.30 7.65
C ALA E 56 41.98 -17.64 7.18
N ALA E 57 42.17 -17.97 5.90
CA ALA E 57 41.78 -19.28 5.43
C ALA E 57 42.85 -20.32 5.69
N GLY E 58 43.98 -19.91 6.28
CA GLY E 58 45.03 -20.81 6.70
C GLY E 58 46.24 -20.85 5.82
N ALA E 59 46.36 -19.96 4.85
CA ALA E 59 47.42 -20.07 3.87
C ALA E 59 48.69 -19.40 4.35
N THR E 60 49.80 -19.85 3.78
CA THR E 60 51.08 -19.18 3.89
C THR E 60 51.14 -18.13 2.79
N VAL E 61 51.32 -16.87 3.16
CA VAL E 61 51.27 -15.79 2.20
C VAL E 61 52.57 -15.04 2.23
N TYR E 62 53.29 -15.08 1.12
CA TYR E 62 54.39 -14.18 0.89
C TYR E 62 53.80 -12.85 0.50
N VAL E 63 54.29 -11.78 1.11
CA VAL E 63 53.81 -10.43 0.85
C VAL E 63 55.00 -9.56 0.49
N THR E 64 54.88 -8.78 -0.59
CA THR E 64 55.99 -7.96 -1.05
C THR E 64 55.60 -6.50 -1.19
N GLY E 65 56.61 -5.65 -1.14
CA GLY E 65 56.42 -4.22 -1.17
C GLY E 65 57.75 -3.53 -0.90
N ARG E 66 57.75 -2.23 -1.14
CA ARG E 66 58.95 -1.42 -0.96
C ARG E 66 59.08 -0.84 0.44
N THR E 67 57.96 -0.51 1.07
CA THR E 67 57.94 0.18 2.35
C THR E 67 58.23 -0.80 3.49
N THR E 68 59.41 -0.69 4.08
CA THR E 68 59.86 -1.55 5.17
C THR E 68 60.06 -0.75 6.46
N ARG E 69 60.35 -1.48 7.54
CA ARG E 69 60.55 -0.90 8.87
C ARG E 69 61.90 -0.18 9.06
N ARG E 77 57.12 0.48 10.93
CA ARG E 77 55.85 0.92 11.49
C ARG E 77 54.76 -0.08 11.15
N SER E 78 53.53 0.41 11.21
CA SER E 78 52.35 -0.34 10.82
C SER E 78 51.97 -0.13 9.36
N GLU E 79 52.55 0.87 8.69
CA GLU E 79 52.36 1.05 7.25
C GLU E 79 53.52 0.44 6.47
N THR E 80 53.90 -0.77 6.83
CA THR E 80 55.01 -1.47 6.21
C THR E 80 54.59 -2.85 5.78
N ILE E 81 55.43 -3.45 4.95
CA ILE E 81 55.19 -4.80 4.50
C ILE E 81 55.35 -5.78 5.65
N GLU E 82 56.24 -5.49 6.61
CA GLU E 82 56.39 -6.37 7.77
C GLU E 82 55.14 -6.38 8.61
N GLU E 83 54.48 -5.23 8.72
CA GLU E 83 53.22 -5.20 9.43
C GLU E 83 52.18 -6.06 8.74
N THR E 84 52.16 -6.03 7.41
CA THR E 84 51.25 -6.90 6.70
C THR E 84 51.56 -8.35 6.99
N ALA E 85 52.84 -8.72 6.95
CA ALA E 85 53.20 -10.11 7.23
C ALA E 85 52.76 -10.53 8.63
N GLU E 86 52.92 -9.65 9.60
CA GLU E 86 52.49 -9.96 10.95
C GLU E 86 50.98 -10.10 11.03
N LEU E 87 50.23 -9.32 10.25
CA LEU E 87 48.77 -9.42 10.22
C LEU E 87 48.31 -10.71 9.56
N VAL E 88 49.04 -11.20 8.57
CA VAL E 88 48.66 -12.48 7.96
C VAL E 88 48.77 -13.58 8.99
N THR E 89 49.85 -13.55 9.76
CA THR E 89 50.04 -14.55 10.80
C THR E 89 49.00 -14.39 11.89
N GLU E 90 48.76 -13.16 12.31
CA GLU E 90 47.75 -12.91 13.33
C GLU E 90 46.41 -13.46 12.88
N ALA E 91 46.12 -13.32 11.59
CA ALA E 91 44.86 -13.83 11.11
C ALA E 91 44.81 -15.35 11.15
N GLY E 92 45.93 -16.01 11.36
CA GLY E 92 45.87 -17.45 11.46
C GLY E 92 46.61 -18.14 10.35
N GLY E 93 47.38 -17.39 9.59
CA GLY E 93 48.16 -18.04 8.57
C GLY E 93 49.60 -17.78 8.88
N THR E 94 50.43 -17.76 7.86
CA THR E 94 51.86 -17.50 7.99
C THR E 94 52.21 -16.47 6.93
N GLY E 95 52.60 -15.29 7.37
CA GLY E 95 53.02 -14.23 6.46
C GLY E 95 54.53 -14.13 6.45
N ILE E 96 55.09 -14.06 5.25
CA ILE E 96 56.52 -13.94 5.06
C ILE E 96 56.73 -12.69 4.23
N ALA E 97 57.35 -11.68 4.83
CA ALA E 97 57.57 -10.42 4.14
C ALA E 97 58.85 -10.53 3.33
N VAL E 98 58.76 -10.19 2.05
CA VAL E 98 59.96 -10.12 1.22
C VAL E 98 59.98 -8.75 0.54
N PRO E 99 60.76 -7.81 1.05
CA PRO E 99 60.87 -6.49 0.42
C PRO E 99 61.42 -6.58 -1.00
N THR E 100 60.69 -6.00 -1.93
CA THR E 100 60.97 -6.15 -3.35
C THR E 100 60.61 -4.87 -4.06
N ASP E 101 61.50 -4.40 -4.93
CA ASP E 101 61.15 -3.38 -5.90
C ASP E 101 60.74 -4.14 -7.15
N HIS E 102 59.44 -4.18 -7.42
CA HIS E 102 58.92 -4.97 -8.53
C HIS E 102 59.24 -4.39 -9.89
N LEU E 103 59.90 -3.24 -9.95
CA LEU E 103 60.46 -2.75 -11.19
C LEU E 103 61.89 -3.21 -11.38
N VAL E 104 62.48 -3.89 -10.41
CA VAL E 104 63.85 -4.39 -10.49
C VAL E 104 63.79 -5.88 -10.78
N PRO E 105 64.07 -6.33 -12.00
CA PRO E 105 63.95 -7.76 -12.30
C PRO E 105 64.81 -8.66 -11.42
N GLU E 106 66.04 -8.23 -11.08
CA GLU E 106 66.89 -9.08 -10.26
C GLU E 106 66.24 -9.34 -8.91
N GLN E 107 65.51 -8.35 -8.37
CA GLN E 107 64.88 -8.56 -7.07
C GLN E 107 63.68 -9.49 -7.18
N VAL E 108 62.96 -9.44 -8.29
CA VAL E 108 61.79 -10.31 -8.47
C VAL E 108 62.22 -11.72 -8.78
N ARG E 109 63.33 -11.90 -9.50
CA ARG E 109 63.84 -13.25 -9.72
C ARG E 109 64.24 -13.90 -8.40
N ALA E 110 64.93 -13.16 -7.54
CA ALA E 110 65.30 -13.69 -6.25
C ALA E 110 64.06 -14.07 -5.46
N LEU E 111 63.02 -13.24 -5.56
CA LEU E 111 61.76 -13.54 -4.89
C LEU E 111 61.23 -14.90 -5.32
N ALA E 112 61.20 -15.17 -6.62
CA ALA E 112 60.72 -16.47 -7.08
C ALA E 112 61.66 -17.59 -6.65
N ASP E 113 62.97 -17.35 -6.68
CA ASP E 113 63.90 -18.37 -6.21
C ASP E 113 63.65 -18.70 -4.75
N ARG E 114 63.27 -17.69 -3.97
CA ARG E 114 63.08 -17.91 -2.54
C ARG E 114 61.87 -18.79 -2.25
N VAL E 115 60.75 -18.54 -2.94
CA VAL E 115 59.55 -19.36 -2.74
C VAL E 115 59.81 -20.80 -3.15
N ASP E 116 60.52 -20.98 -4.24
CA ASP E 116 60.90 -22.31 -4.64
C ASP E 116 61.81 -22.93 -3.60
N THR E 117 62.77 -22.17 -3.10
CA THR E 117 63.69 -22.69 -2.11
C THR E 117 62.95 -23.08 -0.86
N GLU E 118 62.05 -22.24 -0.39
CA GLU E 118 61.39 -22.52 0.88
C GLU E 118 60.20 -23.43 0.73
N GLN E 119 59.49 -23.36 -0.38
CA GLN E 119 58.21 -24.05 -0.48
C GLN E 119 58.12 -25.05 -1.61
N GLY E 120 58.82 -24.82 -2.72
CA GLY E 120 58.70 -25.73 -3.86
C GLY E 120 57.38 -25.66 -4.57
N ARG E 121 56.54 -24.69 -4.28
CA ARG E 121 55.23 -24.62 -4.90
C ARG E 121 54.66 -23.23 -4.68
N LEU E 122 53.74 -22.86 -5.56
CA LEU E 122 53.00 -21.62 -5.44
C LEU E 122 51.59 -21.92 -5.94
N ASP E 123 50.60 -21.77 -5.08
CA ASP E 123 49.23 -22.11 -5.45
C ASP E 123 48.41 -20.92 -5.90
N VAL E 124 48.61 -19.74 -5.32
CA VAL E 124 47.83 -18.56 -5.66
C VAL E 124 48.76 -17.38 -5.80
N LEU E 125 48.62 -16.65 -6.89
CA LEU E 125 49.41 -15.45 -7.11
C LEU E 125 48.46 -14.27 -7.31
N VAL E 126 48.59 -13.26 -6.47
CA VAL E 126 47.75 -12.06 -6.55
C VAL E 126 48.67 -10.87 -6.74
N ASN E 127 48.45 -10.09 -7.79
CA ASN E 127 49.28 -8.92 -8.08
C ASN E 127 48.48 -7.66 -7.85
N ASP E 128 48.87 -6.89 -6.84
CA ASP E 128 48.24 -5.62 -6.51
C ASP E 128 49.26 -4.49 -6.48
N VAL E 129 50.35 -4.59 -7.25
CA VAL E 129 51.37 -3.56 -7.28
C VAL E 129 50.88 -2.38 -8.09
N TRP E 130 50.99 -1.17 -7.53
CA TRP E 130 50.51 0.01 -8.25
C TRP E 130 51.37 1.27 -8.11
N LEU E 135 50.61 10.55 -8.91
CA LEU E 135 50.82 10.84 -10.33
C LEU E 135 49.48 10.88 -11.06
N PHE E 136 48.41 10.54 -10.34
CA PHE E 136 47.07 10.61 -10.89
C PHE E 136 46.64 12.06 -11.04
N GLU E 137 46.14 12.43 -12.22
CA GLU E 137 45.55 13.76 -12.45
C GLU E 137 44.14 13.54 -12.98
N PHE E 138 43.16 13.52 -12.08
CA PHE E 138 41.80 13.04 -12.31
C PHE E 138 40.99 13.92 -13.26
N ASP E 139 41.43 15.13 -13.56
CA ASP E 139 40.58 16.14 -14.17
C ASP E 139 41.11 16.66 -15.49
N LYS E 140 42.11 16.00 -16.08
CA LYS E 140 42.90 16.61 -17.14
C LYS E 140 43.01 15.70 -18.35
N LYS E 141 43.10 16.34 -19.52
CA LYS E 141 43.31 15.65 -20.77
C LYS E 141 44.76 15.20 -20.88
N VAL E 142 45.02 14.30 -21.83
CA VAL E 142 46.38 13.77 -21.95
C VAL E 142 47.37 14.89 -22.21
N TRP E 143 46.95 15.94 -22.92
CA TRP E 143 47.86 17.02 -23.22
C TRP E 143 47.95 18.05 -22.11
N GLU E 144 47.09 17.98 -21.10
CA GLU E 144 47.25 18.81 -19.91
C GLU E 144 47.94 18.07 -18.78
N HIS E 145 47.78 16.76 -18.74
CA HIS E 145 48.41 15.92 -17.75
C HIS E 145 49.93 16.14 -17.76
N ASP E 146 50.56 15.98 -16.60
CA ASP E 146 52.01 15.95 -16.56
C ASP E 146 52.51 14.70 -17.26
N LEU E 147 53.38 14.86 -18.26
CA LEU E 147 53.73 13.71 -19.09
C LEU E 147 54.59 12.72 -18.33
N ASP E 148 55.64 13.20 -17.63
CA ASP E 148 56.53 12.27 -16.95
C ASP E 148 55.78 11.46 -15.93
N ALA E 149 54.84 12.10 -15.23
CA ALA E 149 54.05 11.41 -14.23
C ALA E 149 53.18 10.34 -14.87
N GLY E 150 52.59 10.63 -16.02
CA GLY E 150 51.76 9.65 -16.69
C GLY E 150 52.56 8.47 -17.20
N LEU E 151 53.74 8.73 -17.76
CA LEU E 151 54.56 7.63 -18.23
C LEU E 151 55.08 6.79 -17.08
N ARG E 152 55.47 7.45 -15.98
CA ARG E 152 55.89 6.70 -14.80
C ARG E 152 54.73 5.91 -14.23
N LEU E 153 53.54 6.50 -14.27
CA LEU E 153 52.34 5.81 -13.82
C LEU E 153 52.11 4.53 -14.61
N MET E 154 52.30 4.58 -15.93
CA MET E 154 52.06 3.39 -16.73
C MET E 154 53.13 2.33 -16.51
N ARG E 155 54.37 2.74 -16.26
CA ARG E 155 55.40 1.76 -15.97
C ARG E 155 55.17 1.09 -14.63
N LEU E 156 54.78 1.84 -13.61
CA LEU E 156 54.53 1.26 -12.29
C LEU E 156 53.34 0.33 -12.30
N GLY E 157 52.39 0.55 -13.20
CA GLY E 157 51.18 -0.24 -13.19
C GLY E 157 51.18 -1.43 -14.12
N VAL E 158 52.01 -1.41 -15.16
CA VAL E 158 52.03 -2.45 -16.18
C VAL E 158 53.32 -3.25 -16.15
N ASP E 159 54.47 -2.56 -16.11
CA ASP E 159 55.74 -3.29 -16.12
C ASP E 159 55.88 -4.16 -14.88
N THR E 160 55.39 -3.70 -13.73
CA THR E 160 55.51 -4.51 -12.52
C THR E 160 54.75 -5.82 -12.64
N HIS E 161 53.58 -5.81 -13.28
CA HIS E 161 52.86 -7.05 -13.47
C HIS E 161 53.54 -7.98 -14.47
N ALA E 162 54.11 -7.43 -15.54
CA ALA E 162 54.78 -8.28 -16.52
C ALA E 162 56.03 -8.91 -15.93
N ILE E 163 56.82 -8.14 -15.19
CA ILE E 163 58.01 -8.70 -14.54
C ILE E 163 57.60 -9.77 -13.55
N SER E 164 56.54 -9.49 -12.80
CA SER E 164 56.06 -10.42 -11.79
C SER E 164 55.58 -11.72 -12.43
N SER E 165 54.78 -11.62 -13.49
CA SER E 165 54.31 -12.84 -14.15
C SER E 165 55.47 -13.60 -14.76
N HIS E 166 56.46 -12.87 -15.28
CA HIS E 166 57.58 -13.50 -15.95
C HIS E 166 58.36 -14.41 -15.01
N PHE E 167 58.56 -13.97 -13.78
CA PHE E 167 59.42 -14.72 -12.89
C PHE E 167 58.66 -15.70 -12.03
N LEU E 168 57.40 -15.44 -11.73
CA LEU E 168 56.69 -16.26 -10.77
C LEU E 168 55.81 -17.31 -11.42
N LEU E 169 55.42 -17.13 -12.68
CA LEU E 169 54.57 -18.13 -13.30
C LEU E 169 55.27 -19.47 -13.50
N PRO E 170 56.59 -19.52 -13.78
CA PRO E 170 57.23 -20.85 -13.93
C PRO E 170 56.97 -21.78 -12.77
N LEU E 171 57.12 -21.29 -11.53
CA LEU E 171 56.85 -22.12 -10.36
C LEU E 171 55.37 -22.47 -10.25
N LEU E 172 54.48 -21.57 -10.66
CA LEU E 172 53.06 -21.83 -10.48
C LEU E 172 52.54 -22.88 -11.45
N VAL E 173 53.06 -22.94 -12.67
CA VAL E 173 52.54 -23.87 -13.68
C VAL E 173 53.18 -25.25 -13.51
N ARG E 174 54.00 -25.40 -12.47
CA ARG E 174 54.69 -26.66 -12.24
C ARG E 174 53.70 -27.80 -11.99
N ARG E 175 52.55 -27.52 -11.39
CA ARG E 175 51.49 -28.49 -11.28
C ARG E 175 50.20 -27.78 -11.64
N PRO E 176 49.22 -28.50 -12.16
CA PRO E 176 47.92 -27.88 -12.44
C PRO E 176 47.20 -27.47 -11.16
N GLY E 177 46.27 -26.54 -11.30
CA GLY E 177 45.48 -26.00 -10.21
C GLY E 177 45.87 -24.63 -9.70
N GLY E 178 46.87 -23.99 -10.30
CA GLY E 178 47.25 -22.68 -9.84
C GLY E 178 46.19 -21.65 -10.14
N LEU E 179 46.21 -20.57 -9.37
CA LEU E 179 45.27 -19.46 -9.50
C LEU E 179 46.06 -18.17 -9.54
N VAL E 180 45.80 -17.34 -10.55
CA VAL E 180 46.38 -16.01 -10.66
C VAL E 180 45.27 -15.00 -10.64
N VAL E 181 45.41 -13.99 -9.80
CA VAL E 181 44.42 -12.92 -9.68
C VAL E 181 45.16 -11.61 -9.99
N GLU E 182 44.80 -10.98 -11.11
CA GLU E 182 45.31 -9.65 -11.46
C GLU E 182 44.33 -8.63 -10.94
N MET E 183 44.79 -7.72 -10.08
CA MET E 183 43.91 -6.72 -9.50
C MET E 183 43.80 -5.50 -10.42
N THR E 184 42.59 -4.95 -10.57
CA THR E 184 42.40 -3.79 -11.41
C THR E 184 41.28 -2.94 -10.83
N ASP E 185 40.96 -1.87 -11.54
CA ASP E 185 39.88 -0.94 -11.19
C ASP E 185 38.82 -1.04 -12.28
N GLY E 186 37.72 -1.67 -11.94
CA GLY E 186 36.57 -1.81 -12.82
C GLY E 186 36.49 -3.18 -13.44
N THR E 187 35.28 -3.53 -13.90
CA THR E 187 35.09 -4.74 -14.68
C THR E 187 35.19 -4.41 -16.16
N ALA E 188 35.33 -5.45 -16.97
CA ALA E 188 35.36 -5.24 -18.41
C ALA E 188 34.05 -4.65 -18.91
N ALA E 189 32.94 -5.09 -18.33
CA ALA E 189 31.63 -4.58 -18.74
C ALA E 189 31.50 -3.09 -18.43
N TYR E 190 31.97 -2.68 -17.27
CA TYR E 190 31.91 -1.28 -16.90
C TYR E 190 32.94 -0.45 -17.66
N ASN E 191 34.22 -0.86 -17.63
CA ASN E 191 35.25 -0.05 -18.28
C ASN E 191 35.02 0.05 -19.78
N GLY E 192 34.37 -0.94 -20.37
CA GLY E 192 34.14 -0.88 -21.80
C GLY E 192 33.27 0.27 -22.23
N SER E 193 32.49 0.85 -21.31
CA SER E 193 31.59 1.93 -21.66
C SER E 193 31.81 3.16 -20.79
N HIS E 194 32.96 3.23 -20.12
CA HIS E 194 33.27 4.33 -19.22
C HIS E 194 34.75 4.68 -19.30
N TYR E 195 35.03 5.96 -19.55
CA TYR E 195 36.38 6.49 -19.40
C TYR E 195 36.72 6.59 -17.92
N ARG E 196 37.90 6.08 -17.55
CA ARG E 196 38.29 5.94 -16.14
C ARG E 196 39.35 6.97 -15.76
N ASN E 197 38.90 8.09 -15.21
CA ASN E 197 39.75 9.06 -14.51
C ASN E 197 40.69 9.86 -15.40
N SER E 198 41.64 9.22 -16.06
CA SER E 198 42.57 9.95 -16.91
C SER E 198 43.04 9.01 -18.01
N TYR E 199 43.73 9.57 -19.00
CA TYR E 199 44.25 8.76 -20.09
C TYR E 199 45.19 7.68 -19.56
N PHE E 200 46.15 8.06 -18.74
CA PHE E 200 47.15 7.08 -18.29
C PHE E 200 46.55 6.11 -17.29
N TYR E 201 45.67 6.59 -16.42
CA TYR E 201 45.00 5.70 -15.47
C TYR E 201 44.12 4.71 -16.19
N ASP E 202 43.32 5.21 -17.12
CA ASP E 202 42.43 4.33 -17.86
C ASP E 202 43.23 3.29 -18.61
N LEU E 203 44.36 3.69 -19.22
CA LEU E 203 45.13 2.72 -19.97
C LEU E 203 45.66 1.63 -19.07
N VAL E 204 46.13 1.97 -17.88
CA VAL E 204 46.68 0.97 -16.98
C VAL E 204 45.60 0.00 -16.53
N LYS E 205 44.46 0.53 -16.10
CA LYS E 205 43.43 -0.36 -15.58
C LYS E 205 42.90 -1.27 -16.66
N ASN E 206 42.89 -0.82 -17.91
CA ASN E 206 42.39 -1.68 -18.97
C ASN E 206 43.45 -2.66 -19.45
N SER E 207 44.74 -2.35 -19.31
CA SER E 207 45.78 -3.33 -19.59
C SER E 207 45.73 -4.50 -18.64
N VAL E 208 45.48 -4.24 -17.36
CA VAL E 208 45.47 -5.34 -16.41
C VAL E 208 44.25 -6.22 -16.64
N LEU E 209 43.14 -5.65 -17.13
CA LEU E 209 42.02 -6.47 -17.58
C LEU E 209 42.44 -7.45 -18.67
N ARG E 210 43.18 -6.97 -19.66
CA ARG E 210 43.61 -7.86 -20.75
C ARG E 210 44.56 -8.91 -20.24
N MET E 211 45.39 -8.57 -19.25
CA MET E 211 46.36 -9.51 -18.70
C MET E 211 45.70 -10.77 -18.17
N GLY E 212 44.53 -10.64 -17.54
CA GLY E 212 43.84 -11.83 -17.07
C GLY E 212 43.38 -12.71 -18.21
N TYR E 213 42.95 -12.09 -19.29
CA TYR E 213 42.57 -12.84 -20.49
C TYR E 213 43.79 -13.46 -21.15
N VAL E 214 44.86 -12.69 -21.30
CA VAL E 214 46.06 -13.19 -21.94
C VAL E 214 46.66 -14.33 -21.14
N LEU E 215 46.83 -14.12 -19.84
CA LEU E 215 47.44 -15.16 -19.03
C LEU E 215 46.57 -16.39 -19.01
N ALA E 216 45.25 -16.23 -19.15
CA ALA E 216 44.40 -17.42 -19.19
C ALA E 216 44.76 -18.31 -20.36
N HIS E 217 45.11 -17.73 -21.51
CA HIS E 217 45.50 -18.56 -22.66
C HIS E 217 46.83 -19.24 -22.40
N GLU E 218 47.78 -18.56 -21.77
CA GLU E 218 49.10 -19.16 -21.59
C GLU E 218 49.09 -20.18 -20.49
N LEU E 219 48.24 -20.04 -19.49
CA LEU E 219 48.26 -20.94 -18.36
C LEU E 219 47.38 -22.15 -18.52
N GLU E 220 46.39 -22.10 -19.41
CA GLU E 220 45.46 -23.21 -19.55
C GLU E 220 46.15 -24.55 -19.80
N PRO E 221 47.16 -24.66 -20.68
CA PRO E 221 47.79 -25.98 -20.87
C PRO E 221 48.43 -26.54 -19.64
N TYR E 222 48.68 -25.71 -18.63
CA TYR E 222 49.33 -26.16 -17.42
C TYR E 222 48.34 -26.43 -16.31
N GLY E 223 47.04 -26.38 -16.60
CA GLY E 223 46.04 -26.50 -15.56
C GLY E 223 45.87 -25.29 -14.67
N GLY E 224 46.34 -24.13 -15.10
CA GLY E 224 46.23 -22.90 -14.33
C GLY E 224 45.05 -22.05 -14.74
N THR E 225 44.63 -21.18 -13.82
CA THR E 225 43.51 -20.27 -14.02
C THR E 225 43.96 -18.84 -13.74
N ALA E 226 43.55 -17.92 -14.60
CA ALA E 226 43.83 -16.51 -14.36
C ALA E 226 42.55 -15.70 -14.50
N VAL E 227 42.37 -14.76 -13.59
CA VAL E 227 41.26 -13.81 -13.65
C VAL E 227 41.80 -12.43 -13.35
N THR E 228 41.02 -11.43 -13.74
CA THR E 228 41.24 -10.07 -13.33
C THR E 228 40.10 -9.69 -12.41
N LEU E 229 40.43 -9.16 -11.24
CA LEU E 229 39.46 -8.90 -10.20
C LEU E 229 39.49 -7.44 -9.81
N THR E 230 38.31 -6.86 -9.61
CA THR E 230 38.24 -5.50 -9.09
C THR E 230 37.49 -5.45 -7.76
N PRO E 231 37.92 -4.61 -6.83
CA PRO E 231 37.12 -4.33 -5.66
C PRO E 231 36.01 -3.35 -6.02
N GLY E 232 35.21 -3.00 -5.01
CA GLY E 232 34.24 -1.96 -5.18
C GLY E 232 34.84 -0.64 -4.76
N TRP E 233 34.11 0.17 -4.00
CA TRP E 233 34.67 1.41 -3.46
C TRP E 233 35.19 1.09 -2.07
N MET E 234 36.50 0.91 -1.97
CA MET E 234 37.08 0.36 -0.75
C MET E 234 37.23 1.42 0.33
N ARG E 235 36.83 1.06 1.55
CA ARG E 235 37.10 1.90 2.70
C ARG E 235 38.53 1.64 3.17
N SER E 236 39.46 1.98 2.29
CA SER E 236 40.84 1.78 2.64
C SER E 236 41.23 2.75 3.73
N GLU E 237 42.37 2.46 4.35
CA GLU E 237 42.92 3.34 5.36
C GLU E 237 43.11 4.75 4.80
N MET E 238 43.55 4.85 3.56
CA MET E 238 43.79 6.14 2.96
C MET E 238 42.48 6.81 2.60
N MET E 239 41.52 6.02 2.11
CA MET E 239 40.22 6.60 1.80
C MET E 239 39.58 7.11 3.07
N LEU E 240 39.70 6.36 4.14
CA LEU E 240 39.13 6.79 5.41
C LEU E 240 39.80 8.05 5.91
N GLU E 241 41.11 8.15 5.77
CA GLU E 241 41.82 9.32 6.27
C GLU E 241 41.41 10.57 5.50
N THR E 242 41.20 10.44 4.20
CA THR E 242 40.74 11.56 3.39
C THR E 242 39.40 12.08 3.86
N LEU E 243 38.54 11.20 4.36
CA LEU E 243 37.24 11.63 4.86
C LEU E 243 37.22 11.95 6.33
N GLY E 244 38.31 11.72 7.04
CA GLY E 244 38.36 12.10 8.45
C GLY E 244 37.55 11.21 9.38
N VAL E 245 37.35 9.95 9.03
CA VAL E 245 36.55 9.03 9.83
C VAL E 245 37.33 7.75 10.07
N THR E 246 36.81 6.96 10.97
CA THR E 246 37.32 5.61 11.13
C THR E 246 36.33 4.63 10.56
N GLU E 247 36.79 3.40 10.43
CA GLU E 247 35.88 2.36 9.99
C GLU E 247 34.74 2.22 10.98
N GLU E 248 35.02 2.40 12.27
CA GLU E 248 34.00 2.23 13.28
C GLU E 248 32.87 3.24 13.15
N ASN E 249 33.12 4.37 12.51
CA ASN E 249 32.11 5.40 12.31
C ASN E 249 32.14 5.91 10.88
N TRP E 250 32.26 5.01 9.90
CA TRP E 250 32.52 5.46 8.54
C TRP E 250 31.32 6.18 7.91
N ARG E 251 30.10 5.85 8.33
CA ARG E 251 28.94 6.49 7.74
C ARG E 251 28.80 7.95 8.14
N ASP E 252 29.68 8.44 9.01
CA ASP E 252 29.75 9.87 9.26
C ASP E 252 30.10 10.62 7.97
N ALA E 253 30.78 9.95 7.05
CA ALA E 253 31.20 10.60 5.81
C ALA E 253 30.08 10.75 4.81
N LEU E 254 28.93 10.14 5.04
CA LEU E 254 27.88 10.18 4.03
C LEU E 254 27.37 11.59 3.82
N THR E 255 27.45 12.45 4.83
CA THR E 255 27.08 13.84 4.58
C THR E 255 28.01 14.46 3.56
N GLU E 256 29.30 14.11 3.60
CA GLU E 256 30.26 14.67 2.65
C GLU E 256 30.16 13.98 1.30
N VAL E 257 30.13 12.66 1.31
CA VAL E 257 30.01 11.87 0.08
C VAL E 257 28.80 10.96 0.25
N PRO E 258 27.63 11.39 -0.18
CA PRO E 258 26.44 10.55 0.03
C PRO E 258 26.53 9.22 -0.68
N HIS E 259 27.14 9.16 -1.85
CA HIS E 259 27.24 7.89 -2.56
C HIS E 259 28.28 6.94 -1.96
N PHE E 260 29.00 7.36 -0.93
CA PHE E 260 29.88 6.46 -0.21
C PHE E 260 29.11 5.37 0.50
N CYS E 261 27.78 5.43 0.48
CA CYS E 261 26.94 4.41 1.10
C CYS E 261 27.05 3.05 0.44
N ILE E 262 27.71 2.96 -0.73
CA ILE E 262 27.96 1.69 -1.42
C ILE E 262 29.31 1.08 -1.06
N SER E 263 30.10 1.73 -0.20
CA SER E 263 31.46 1.31 0.03
C SER E 263 31.51 -0.04 0.74
N GLU E 264 32.67 -0.68 0.65
CA GLU E 264 32.94 -1.96 1.28
C GLU E 264 34.29 -1.87 1.96
N SER E 265 34.48 -2.69 2.97
CA SER E 265 35.79 -2.76 3.56
C SER E 265 36.73 -3.54 2.63
N PRO E 266 38.03 -3.32 2.77
CA PRO E 266 38.98 -4.06 1.93
C PRO E 266 38.92 -5.58 2.08
N SER E 267 38.49 -6.10 3.23
CA SER E 267 38.42 -7.54 3.43
C SER E 267 37.40 -8.21 2.53
N TYR E 268 36.46 -7.45 1.99
CA TYR E 268 35.47 -7.97 1.07
C TYR E 268 36.14 -8.60 -0.15
N VAL E 269 37.00 -7.84 -0.82
CA VAL E 269 37.68 -8.40 -1.97
C VAL E 269 38.68 -9.45 -1.50
N GLY E 270 39.16 -9.34 -0.27
CA GLY E 270 40.02 -10.40 0.25
C GLY E 270 39.28 -11.71 0.35
N ARG E 271 38.03 -11.68 0.80
CA ARG E 271 37.24 -12.89 0.83
C ARG E 271 36.87 -13.34 -0.57
N ALA E 272 36.83 -12.44 -1.54
CA ALA E 272 36.59 -12.86 -2.92
C ALA E 272 37.75 -13.69 -3.45
N VAL E 273 38.99 -13.26 -3.20
CA VAL E 273 40.14 -14.04 -3.65
C VAL E 273 40.19 -15.37 -2.93
N ALA E 274 39.97 -15.36 -1.62
CA ALA E 274 39.99 -16.59 -0.84
C ALA E 274 38.90 -17.54 -1.31
N ALA E 275 37.76 -17.00 -1.72
CA ALA E 275 36.70 -17.86 -2.24
C ALA E 275 37.15 -18.52 -3.53
N LEU E 276 37.84 -17.79 -4.39
CA LEU E 276 38.36 -18.37 -5.62
C LEU E 276 39.40 -19.44 -5.29
N ALA E 277 40.31 -19.13 -4.38
CA ALA E 277 41.36 -20.07 -4.09
C ALA E 277 40.83 -21.36 -3.47
N GLY E 278 39.66 -21.31 -2.85
CA GLY E 278 39.07 -22.51 -2.31
C GLY E 278 38.14 -23.24 -3.26
N ASP E 279 37.92 -22.70 -4.45
CA ASP E 279 37.03 -23.31 -5.42
C ASP E 279 37.79 -24.35 -6.23
N ALA E 280 37.40 -25.61 -6.09
CA ALA E 280 38.07 -26.67 -6.84
C ALA E 280 37.78 -26.54 -8.33
N ASP E 281 36.65 -25.95 -8.68
CA ASP E 281 36.30 -25.71 -10.07
C ASP E 281 36.47 -24.25 -10.45
N VAL E 282 37.50 -23.62 -9.88
CA VAL E 282 37.73 -22.22 -10.14
C VAL E 282 38.01 -21.98 -11.61
N ALA E 283 38.40 -23.02 -12.34
CA ALA E 283 38.70 -22.87 -13.76
C ALA E 283 37.50 -22.39 -14.55
N ARG E 284 36.29 -22.48 -13.98
CA ARG E 284 35.11 -21.95 -14.64
C ARG E 284 35.19 -20.45 -14.86
N TRP E 285 36.09 -19.77 -14.16
CA TRP E 285 36.27 -18.33 -14.28
C TRP E 285 37.37 -17.93 -15.23
N ASN E 286 38.05 -18.88 -15.86
CA ASN E 286 39.30 -18.62 -16.56
C ASN E 286 39.13 -17.53 -17.61
N GLY E 287 39.96 -16.50 -17.54
CA GLY E 287 39.96 -15.43 -18.51
C GLY E 287 38.95 -14.34 -18.26
N GLN E 288 38.14 -14.47 -17.22
CA GLN E 288 37.05 -13.54 -17.02
C GLN E 288 37.45 -12.36 -16.17
N SER E 289 36.71 -11.27 -16.35
CA SER E 289 36.76 -10.12 -15.48
C SER E 289 35.68 -10.27 -14.41
N VAL E 290 36.07 -10.08 -13.15
CA VAL E 290 35.16 -10.24 -12.03
C VAL E 290 35.31 -9.06 -11.10
N SER E 291 34.32 -8.91 -10.25
CA SER E 291 34.30 -7.89 -9.21
C SER E 291 34.03 -8.56 -7.88
N SER E 292 34.38 -7.87 -6.79
CA SER E 292 34.15 -8.43 -5.46
C SER E 292 32.66 -8.58 -5.20
N GLY E 293 31.85 -7.65 -5.68
CA GLY E 293 30.42 -7.77 -5.50
C GLY E 293 29.81 -8.91 -6.27
N GLN E 294 30.30 -9.17 -7.48
CA GLN E 294 29.83 -10.29 -8.27
C GLN E 294 30.15 -11.62 -7.60
N LEU E 295 31.36 -11.75 -7.06
CA LEU E 295 31.77 -12.98 -6.40
C LEU E 295 31.11 -13.15 -5.04
N ALA E 296 30.70 -12.08 -4.37
CA ALA E 296 29.96 -12.27 -3.13
C ALA E 296 28.62 -12.90 -3.43
N GLN E 297 28.00 -12.51 -4.55
CA GLN E 297 26.75 -13.12 -4.96
C GLN E 297 26.95 -14.56 -5.34
N GLU E 298 28.07 -14.87 -6.00
CA GLU E 298 28.28 -16.22 -6.51
C GLU E 298 28.67 -17.17 -5.39
N TYR E 299 29.56 -16.75 -4.50
CA TYR E 299 30.10 -17.63 -3.46
C TYR E 299 29.36 -17.54 -2.14
N GLY E 300 28.76 -16.39 -1.82
CA GLY E 300 27.94 -16.28 -0.62
C GLY E 300 28.60 -15.64 0.58
N PHE E 301 29.85 -15.21 0.47
CA PHE E 301 30.48 -14.51 1.58
C PHE E 301 29.89 -13.12 1.72
N THR E 302 30.18 -12.49 2.85
CA THR E 302 29.74 -11.12 3.09
C THR E 302 30.96 -10.30 3.48
N ASP E 303 30.80 -8.98 3.48
CA ASP E 303 31.81 -8.14 4.07
C ASP E 303 31.81 -8.37 5.57
N LEU E 304 32.74 -7.71 6.25
CA LEU E 304 32.83 -7.89 7.68
C LEU E 304 31.52 -7.54 8.36
N ASP E 305 30.81 -6.57 7.83
CA ASP E 305 29.57 -6.16 8.46
C ASP E 305 28.40 -7.02 8.04
N GLY E 306 28.64 -8.07 7.28
CA GLY E 306 27.56 -8.95 6.90
C GLY E 306 26.79 -8.52 5.67
N SER E 307 27.15 -7.40 5.05
CA SER E 307 26.47 -6.97 3.85
C SER E 307 27.20 -7.47 2.61
N ARG E 308 26.60 -7.22 1.44
CA ARG E 308 27.15 -7.61 0.15
C ARG E 308 27.08 -6.47 -0.85
N PRO E 309 27.93 -5.44 -0.72
CA PRO E 309 27.89 -4.32 -1.65
C PRO E 309 28.12 -4.73 -3.10
N ASP E 310 27.33 -4.15 -4.01
CA ASP E 310 27.41 -4.39 -5.44
C ASP E 310 27.73 -3.06 -6.11
N CYS E 311 29.01 -2.72 -6.12
CA CYS E 311 29.42 -1.35 -6.47
C CYS E 311 29.12 -1.01 -7.93
N TRP E 312 29.47 -1.90 -8.86
CA TRP E 312 29.44 -1.47 -10.24
C TRP E 312 28.03 -1.45 -10.80
N ARG E 313 27.12 -2.25 -10.23
CA ARG E 313 25.74 -2.13 -10.62
C ARG E 313 25.11 -0.87 -10.02
N TYR E 314 25.54 -0.47 -8.83
CA TYR E 314 25.04 0.75 -8.21
C TYR E 314 25.44 1.98 -8.99
N LEU E 315 26.71 2.06 -9.43
CA LEU E 315 27.18 3.25 -10.12
C LEU E 315 26.37 3.53 -11.35
N VAL E 316 25.99 2.47 -12.06
CA VAL E 316 25.26 2.65 -13.31
C VAL E 316 23.81 2.98 -13.02
N GLU E 317 23.18 2.22 -12.14
CA GLU E 317 21.74 2.30 -11.95
C GLU E 317 21.33 3.43 -11.01
N VAL E 318 22.24 3.89 -10.15
CA VAL E 318 21.89 4.95 -9.22
C VAL E 318 22.71 6.19 -9.49
N GLN E 319 24.03 6.08 -9.30
CA GLN E 319 24.86 7.28 -9.31
C GLN E 319 24.86 7.95 -10.68
N GLU E 320 25.23 7.19 -11.72
CA GLU E 320 25.28 7.78 -13.06
C GLU E 320 23.90 8.04 -13.63
N ALA E 321 22.87 7.38 -13.11
CA ALA E 321 21.52 7.64 -13.54
C ALA E 321 20.96 8.90 -12.90
N GLY E 322 21.75 9.60 -12.11
CA GLY E 322 21.32 10.83 -11.50
C GLY E 322 20.40 10.69 -10.32
N LYS E 323 20.13 9.48 -9.88
CA LYS E 323 19.24 9.27 -8.75
C LYS E 323 19.93 9.60 -7.43
N PRO E 324 19.18 9.87 -6.37
CA PRO E 324 19.82 10.18 -5.09
C PRO E 324 20.50 8.96 -4.51
N ALA E 325 21.49 9.23 -3.65
CA ALA E 325 22.22 8.17 -2.99
C ALA E 325 21.27 7.35 -2.12
N ASP E 326 21.21 6.08 -2.39
CA ASP E 326 20.33 5.15 -1.73
C ASP E 326 20.87 3.75 -1.95
N PRO E 327 21.39 3.10 -0.92
CA PRO E 327 21.99 1.78 -1.12
C PRO E 327 20.99 0.64 -1.20
N SER E 328 19.69 0.91 -1.11
CA SER E 328 18.70 -0.15 -1.03
C SER E 328 18.82 -1.09 -2.22
N GLY E 329 18.97 -2.38 -1.93
CA GLY E 329 19.03 -3.38 -2.98
C GLY E 329 20.41 -3.57 -3.56
N TYR E 330 21.41 -2.86 -3.07
CA TYR E 330 22.74 -2.91 -3.62
C TYR E 330 23.78 -3.34 -2.58
N ARG E 331 23.34 -3.75 -1.39
CA ARG E 331 24.24 -4.27 -0.38
C ARG E 331 23.50 -5.14 0.62
N ALA F 29 11.68 42.48 3.75
CA ALA F 29 12.97 43.15 3.72
C ALA F 29 14.02 42.28 3.07
N PRO F 30 14.90 42.90 2.30
CA PRO F 30 15.94 42.14 1.62
C PRO F 30 16.95 41.58 2.60
N ASP F 31 17.36 40.35 2.35
CA ASP F 31 18.41 39.72 3.13
C ASP F 31 19.62 39.73 2.24
N LEU F 32 20.58 40.58 2.57
CA LEU F 32 21.78 40.71 1.78
C LEU F 32 23.02 40.27 2.52
N ARG F 33 22.86 39.46 3.56
CA ARG F 33 24.04 38.97 4.27
C ARG F 33 24.90 38.15 3.33
N GLY F 34 26.22 38.38 3.40
CA GLY F 34 27.15 37.71 2.53
C GLY F 34 27.39 38.37 1.20
N LYS F 35 26.64 39.41 0.84
CA LYS F 35 26.84 40.12 -0.42
C LYS F 35 27.95 41.16 -0.30
N ILE F 36 28.66 41.38 -1.41
CA ILE F 36 29.71 42.40 -1.46
C ILE F 36 29.22 43.51 -2.38
N ALA F 37 29.15 44.72 -1.84
CA ALA F 37 28.68 45.88 -2.58
C ALA F 37 29.72 47.00 -2.49
N LEU F 38 29.69 47.87 -3.50
CA LEU F 38 30.49 49.07 -3.49
C LEU F 38 29.62 50.21 -3.96
N VAL F 39 29.60 51.29 -3.19
CA VAL F 39 28.88 52.50 -3.55
C VAL F 39 29.91 53.59 -3.75
N ALA F 40 30.10 53.98 -5.01
CA ALA F 40 31.06 55.02 -5.36
C ALA F 40 30.40 56.38 -5.17
N GLY F 41 31.01 57.22 -4.36
CA GLY F 41 30.41 58.49 -4.03
C GLY F 41 29.37 58.31 -2.94
N ALA F 42 29.81 57.88 -1.77
CA ALA F 42 28.90 57.58 -0.68
C ALA F 42 29.12 58.51 0.50
N THR F 43 29.79 59.64 0.29
CA THR F 43 30.04 60.56 1.40
C THR F 43 28.74 61.18 1.90
N ARG F 44 27.86 61.55 1.00
CA ARG F 44 26.65 62.25 1.40
C ARG F 44 25.56 61.87 0.42
N GLY F 45 24.36 62.42 0.65
CA GLY F 45 23.32 62.31 -0.34
C GLY F 45 22.88 60.88 -0.56
N ALA F 46 22.51 60.57 -1.80
CA ALA F 46 21.99 59.25 -2.13
C ALA F 46 23.03 58.16 -1.88
N GLY F 47 24.30 58.45 -2.15
CA GLY F 47 25.33 57.43 -1.99
C GLY F 47 25.43 56.91 -0.57
N ARG F 48 25.40 57.81 0.41
CA ARG F 48 25.48 57.38 1.80
C ARG F 48 24.27 56.55 2.20
N ALA F 49 23.07 57.02 1.87
CA ALA F 49 21.86 56.33 2.27
C ALA F 49 21.75 54.96 1.62
N ILE F 50 22.20 54.85 0.37
CA ILE F 50 22.21 53.55 -0.30
C ILE F 50 23.12 52.59 0.44
N ALA F 51 24.31 53.05 0.80
CA ALA F 51 25.26 52.21 1.53
C ALA F 51 24.71 51.79 2.88
N VAL F 52 24.08 52.71 3.60
CA VAL F 52 23.57 52.39 4.93
C VAL F 52 22.43 51.37 4.84
N GLN F 53 21.48 51.57 3.92
CA GLN F 53 20.38 50.63 3.77
C GLN F 53 20.85 49.28 3.22
N LEU F 54 21.93 49.27 2.47
CA LEU F 54 22.51 47.99 2.08
C LEU F 54 23.14 47.29 3.29
N GLY F 55 23.80 48.05 4.16
CA GLY F 55 24.32 47.46 5.37
C GLY F 55 23.21 46.99 6.29
N ALA F 56 22.10 47.74 6.33
CA ALA F 56 20.95 47.32 7.12
C ALA F 56 20.40 45.99 6.65
N ALA F 57 20.58 45.66 5.38
CA ALA F 57 20.21 44.35 4.87
C ALA F 57 21.27 43.32 5.14
N GLY F 58 22.36 43.72 5.78
CA GLY F 58 23.40 42.82 6.24
C GLY F 58 24.64 42.77 5.38
N ALA F 59 24.77 43.66 4.42
CA ALA F 59 25.82 43.55 3.43
C ALA F 59 27.12 44.19 3.90
N THR F 60 28.21 43.76 3.28
CA THR F 60 29.49 44.45 3.34
C THR F 60 29.52 45.49 2.23
N VAL F 61 29.69 46.76 2.59
CA VAL F 61 29.59 47.84 1.63
C VAL F 61 30.91 48.60 1.63
N TYR F 62 31.59 48.59 0.50
CA TYR F 62 32.71 49.49 0.27
C TYR F 62 32.17 50.86 -0.13
N VAL F 63 32.67 51.91 0.52
CA VAL F 63 32.21 53.27 0.27
C VAL F 63 33.40 54.14 -0.11
N THR F 64 33.24 54.94 -1.15
CA THR F 64 34.33 55.74 -1.66
C THR F 64 33.94 57.20 -1.74
N GLY F 65 34.96 58.05 -1.73
CA GLY F 65 34.78 59.48 -1.72
C GLY F 65 36.11 60.15 -1.48
N ARG F 66 36.12 61.46 -1.71
CA ARG F 66 37.33 62.24 -1.52
C ARG F 66 37.44 62.86 -0.14
N THR F 67 36.32 63.22 0.47
CA THR F 67 36.34 63.94 1.74
C THR F 67 36.62 62.95 2.86
N THR F 68 37.80 63.03 3.45
CA THR F 68 38.24 62.15 4.53
C THR F 68 38.44 62.93 5.83
N ARG F 69 38.66 62.19 6.91
CA ARG F 69 38.85 62.78 8.23
C ARG F 69 40.24 63.38 8.40
N GLU F 79 30.28 63.91 7.72
CA GLU F 79 30.47 64.52 6.41
C GLU F 79 31.71 63.99 5.73
N THR F 80 32.12 62.80 6.15
CA THR F 80 33.29 62.12 5.61
C THR F 80 32.90 60.72 5.18
N ILE F 81 33.78 60.13 4.38
CA ILE F 81 33.54 58.77 3.93
C ILE F 81 33.68 57.79 5.09
N GLU F 82 34.58 58.09 6.04
CA GLU F 82 34.71 57.24 7.21
C GLU F 82 33.45 57.27 8.03
N GLU F 83 32.82 58.43 8.12
CA GLU F 83 31.56 58.52 8.83
C GLU F 83 30.51 57.62 8.19
N THR F 84 30.47 57.60 6.84
CA THR F 84 29.54 56.71 6.16
C THR F 84 29.80 55.25 6.49
N ALA F 85 31.07 54.86 6.51
CA ALA F 85 31.41 53.47 6.81
C ALA F 85 30.93 53.08 8.20
N GLU F 86 31.09 53.98 9.17
CA GLU F 86 30.65 53.68 10.52
C GLU F 86 29.14 53.52 10.57
N LEU F 87 28.41 54.29 9.77
CA LEU F 87 26.95 54.18 9.71
C LEU F 87 26.51 52.87 9.06
N VAL F 88 27.28 52.35 8.10
CA VAL F 88 26.96 51.07 7.51
C VAL F 88 27.12 49.95 8.54
N THR F 89 28.17 50.00 9.34
CA THR F 89 28.33 48.99 10.38
C THR F 89 27.26 49.15 11.44
N GLU F 90 27.01 50.39 11.86
CA GLU F 90 25.98 50.66 12.84
C GLU F 90 24.66 50.12 12.35
N ALA F 91 24.41 50.25 11.07
CA ALA F 91 23.16 49.74 10.53
C ALA F 91 23.08 48.23 10.56
N GLY F 92 24.19 47.55 10.81
CA GLY F 92 24.10 46.10 10.86
C GLY F 92 24.90 45.47 9.76
N GLY F 93 25.69 46.30 9.08
CA GLY F 93 26.49 45.75 8.01
C GLY F 93 27.94 45.92 8.31
N THR F 94 28.76 46.01 7.27
CA THR F 94 30.19 46.23 7.41
C THR F 94 30.57 47.27 6.38
N GLY F 95 30.98 48.45 6.83
CA GLY F 95 31.40 49.51 5.95
C GLY F 95 32.92 49.62 5.92
N ILE F 96 33.47 49.68 4.71
CA ILE F 96 34.89 49.84 4.51
C ILE F 96 35.09 51.06 3.64
N ALA F 97 35.71 52.09 4.20
CA ALA F 97 35.94 53.35 3.51
C ALA F 97 37.23 53.24 2.73
N VAL F 98 37.17 53.58 1.45
CA VAL F 98 38.37 53.64 0.63
C VAL F 98 38.42 55.00 -0.04
N PRO F 99 39.17 55.95 0.50
CA PRO F 99 39.28 57.26 -0.16
C PRO F 99 39.82 57.11 -1.57
N THR F 100 39.08 57.66 -2.52
CA THR F 100 39.35 57.48 -3.93
C THR F 100 39.00 58.76 -4.68
N ASP F 101 39.89 59.21 -5.54
CA ASP F 101 39.57 60.25 -6.50
C ASP F 101 39.16 59.54 -7.77
N HIS F 102 37.85 59.49 -8.04
CA HIS F 102 37.34 58.70 -9.16
C HIS F 102 37.68 59.28 -10.51
N LEU F 103 38.31 60.44 -10.56
CA LEU F 103 38.88 60.94 -11.80
C LEU F 103 40.31 60.48 -12.00
N VAL F 104 40.89 59.80 -11.03
CA VAL F 104 42.26 59.29 -11.11
C VAL F 104 42.19 57.79 -11.38
N PRO F 105 42.51 57.33 -12.59
CA PRO F 105 42.41 55.89 -12.87
C PRO F 105 43.27 55.05 -11.95
N GLU F 106 44.45 55.54 -11.58
CA GLU F 106 45.34 54.80 -10.71
C GLU F 106 44.66 54.48 -9.40
N GLN F 107 43.87 55.41 -8.88
CA GLN F 107 43.21 55.16 -7.63
C GLN F 107 42.04 54.20 -7.80
N VAL F 108 41.38 54.24 -8.95
CA VAL F 108 40.24 53.35 -9.18
C VAL F 108 40.71 51.94 -9.52
N ARG F 109 41.86 51.80 -10.19
CA ARG F 109 42.44 50.46 -10.39
C ARG F 109 42.83 49.86 -9.05
N ALA F 110 43.44 50.66 -8.18
CA ALA F 110 43.81 50.17 -6.86
C ALA F 110 42.59 49.77 -6.08
N LEU F 111 41.52 50.56 -6.19
CA LEU F 111 40.28 50.24 -5.50
C LEU F 111 39.78 48.87 -5.91
N ALA F 112 39.79 48.58 -7.22
CA ALA F 112 39.31 47.29 -7.69
C ALA F 112 40.19 46.15 -7.22
N ASP F 113 41.50 46.37 -7.18
CA ASP F 113 42.40 45.34 -6.68
C ASP F 113 42.13 45.00 -5.23
N ARG F 114 41.74 45.99 -4.43
CA ARG F 114 41.53 45.76 -3.01
C ARG F 114 40.33 44.87 -2.75
N VAL F 115 39.20 45.14 -3.41
CA VAL F 115 38.00 44.32 -3.18
C VAL F 115 38.26 42.88 -3.60
N ASP F 116 38.94 42.70 -4.72
CA ASP F 116 39.28 41.35 -5.13
C ASP F 116 40.21 40.72 -4.10
N THR F 117 41.18 41.49 -3.64
CA THR F 117 42.11 40.99 -2.64
C THR F 117 41.38 40.63 -1.36
N GLU F 118 40.47 41.47 -0.91
CA GLU F 118 39.83 41.19 0.36
C GLU F 118 38.64 40.27 0.22
N GLN F 119 37.89 40.33 -0.86
CA GLN F 119 36.62 39.63 -0.96
C GLN F 119 36.52 38.62 -2.08
N GLY F 120 37.28 38.79 -3.16
CA GLY F 120 37.18 37.91 -4.29
C GLY F 120 35.89 38.06 -5.04
N ARG F 121 35.11 39.09 -4.74
CA ARG F 121 33.79 39.23 -5.32
C ARG F 121 33.32 40.66 -5.25
N LEU F 122 32.36 40.99 -6.11
CA LEU F 122 31.65 42.26 -6.07
C LEU F 122 30.26 41.95 -6.59
N ASP F 123 29.26 42.10 -5.75
CA ASP F 123 27.91 41.72 -6.11
C ASP F 123 27.08 42.88 -6.60
N VAL F 124 27.23 44.06 -6.00
CA VAL F 124 26.44 45.23 -6.33
C VAL F 124 27.38 46.41 -6.51
N LEU F 125 27.26 47.10 -7.63
CA LEU F 125 28.06 48.29 -7.89
C LEU F 125 27.13 49.47 -8.11
N VAL F 126 27.30 50.51 -7.31
CA VAL F 126 26.48 51.71 -7.39
C VAL F 126 27.39 52.89 -7.67
N ASN F 127 27.12 53.61 -8.77
CA ASN F 127 27.90 54.77 -9.21
C ASN F 127 27.08 56.00 -8.91
N ASP F 128 27.51 56.76 -7.90
CA ASP F 128 26.80 57.98 -7.54
C ASP F 128 27.75 59.16 -7.54
N VAL F 129 28.88 59.05 -8.20
CA VAL F 129 29.84 60.13 -8.27
C VAL F 129 29.45 61.11 -9.37
N LEU F 135 28.14 73.95 -9.07
CA LEU F 135 28.73 74.25 -10.38
C LEU F 135 27.68 74.48 -11.45
N PHE F 136 26.52 73.88 -11.27
CA PHE F 136 25.47 74.07 -12.24
C PHE F 136 24.78 75.40 -11.96
N GLU F 137 24.29 76.03 -13.01
CA GLU F 137 23.56 77.28 -12.89
C GLU F 137 22.19 77.06 -13.52
N PHE F 138 21.14 77.28 -12.74
CA PHE F 138 19.79 76.83 -13.12
C PHE F 138 19.03 77.84 -13.96
N ASP F 139 19.62 78.98 -14.26
CA ASP F 139 18.89 80.07 -14.88
C ASP F 139 19.56 80.60 -16.14
N LYS F 140 20.54 79.89 -16.69
CA LYS F 140 21.38 80.40 -17.76
C LYS F 140 21.47 79.44 -18.93
N LYS F 141 21.58 80.03 -20.12
CA LYS F 141 21.78 79.29 -21.36
C LYS F 141 23.23 78.84 -21.49
N VAL F 142 23.46 77.93 -22.43
CA VAL F 142 24.79 77.37 -22.60
C VAL F 142 25.78 78.48 -22.89
N TRP F 143 25.34 79.55 -23.56
CA TRP F 143 26.22 80.66 -23.83
C TRP F 143 26.28 81.67 -22.71
N GLU F 144 25.39 81.58 -21.73
CA GLU F 144 25.51 82.41 -20.54
C GLU F 144 26.23 81.69 -19.42
N HIS F 145 26.08 80.38 -19.40
CA HIS F 145 26.73 79.55 -18.40
C HIS F 145 28.23 79.74 -18.47
N ASP F 146 28.88 79.65 -17.31
CA ASP F 146 30.35 79.64 -17.27
C ASP F 146 30.85 78.36 -17.90
N LEU F 147 31.70 78.49 -18.91
CA LEU F 147 32.05 77.32 -19.73
C LEU F 147 32.92 76.35 -18.96
N ASP F 148 33.92 76.84 -18.25
CA ASP F 148 34.84 75.95 -17.54
C ASP F 148 34.10 75.13 -16.48
N ALA F 149 33.18 75.75 -15.76
CA ALA F 149 32.42 75.00 -14.79
C ALA F 149 31.58 73.94 -15.48
N GLY F 150 31.05 74.27 -16.66
CA GLY F 150 30.24 73.31 -17.40
C GLY F 150 31.02 72.12 -17.93
N LEU F 151 32.21 72.36 -18.44
CA LEU F 151 33.03 71.25 -18.91
C LEU F 151 33.51 70.41 -17.76
N ARG F 152 33.90 71.06 -16.65
CA ARG F 152 34.31 70.31 -15.47
C ARG F 152 33.14 69.54 -14.86
N LEU F 153 31.95 70.14 -14.86
CA LEU F 153 30.77 69.44 -14.37
C LEU F 153 30.52 68.19 -15.19
N MET F 154 30.72 68.27 -16.51
CA MET F 154 30.48 67.10 -17.33
C MET F 154 31.56 66.06 -17.12
N ARG F 155 32.78 66.48 -16.84
CA ARG F 155 33.83 65.51 -16.57
C ARG F 155 33.61 64.79 -15.25
N LEU F 156 33.24 65.52 -14.20
CA LEU F 156 33.04 64.90 -12.90
C LEU F 156 31.84 63.98 -12.88
N GLY F 157 30.86 64.24 -13.73
CA GLY F 157 29.61 63.50 -13.68
C GLY F 157 29.52 62.33 -14.63
N VAL F 158 30.36 62.30 -15.66
CA VAL F 158 30.31 61.29 -16.70
C VAL F 158 31.57 60.42 -16.71
N ASP F 159 32.74 61.06 -16.70
CA ASP F 159 33.99 60.30 -16.73
C ASP F 159 34.20 59.45 -15.49
N THR F 160 33.75 59.91 -14.33
CA THR F 160 33.94 59.12 -13.12
C THR F 160 33.21 57.79 -13.22
N HIS F 161 32.03 57.77 -13.84
CA HIS F 161 31.31 56.51 -14.03
C HIS F 161 32.00 55.60 -15.03
N ALA F 162 32.53 56.18 -16.12
CA ALA F 162 33.19 55.38 -17.15
C ALA F 162 34.46 54.74 -16.62
N ILE F 163 35.26 55.50 -15.88
CA ILE F 163 36.47 54.96 -15.27
C ILE F 163 36.11 53.86 -14.29
N SER F 164 35.06 54.09 -13.51
CA SER F 164 34.64 53.12 -12.52
C SER F 164 34.19 51.81 -13.17
N SER F 165 33.33 51.90 -14.20
CA SER F 165 32.91 50.67 -14.88
C SER F 165 34.09 50.00 -15.56
N HIS F 166 35.01 50.79 -16.10
CA HIS F 166 36.16 50.25 -16.80
C HIS F 166 37.02 49.38 -15.88
N PHE F 167 37.19 49.78 -14.62
CA PHE F 167 38.07 49.05 -13.73
C PHE F 167 37.35 48.05 -12.84
N LEU F 168 36.09 48.28 -12.50
CA LEU F 168 35.41 47.45 -11.53
C LEU F 168 34.53 46.37 -12.16
N LEU F 169 34.10 46.53 -13.39
CA LEU F 169 33.18 45.55 -13.95
C LEU F 169 33.79 44.17 -14.10
N PRO F 170 35.10 44.01 -14.37
CA PRO F 170 35.65 42.64 -14.44
C PRO F 170 35.34 41.78 -13.21
N LEU F 171 35.48 42.32 -11.99
CA LEU F 171 35.18 41.52 -10.81
C LEU F 171 33.72 41.14 -10.75
N LEU F 172 32.84 42.04 -11.16
CA LEU F 172 31.40 41.79 -11.06
C LEU F 172 30.93 40.74 -12.06
N VAL F 173 31.52 40.70 -13.25
CA VAL F 173 31.08 39.75 -14.27
C VAL F 173 31.80 38.41 -14.11
N ARG F 174 32.57 38.27 -13.03
CA ARG F 174 33.29 37.02 -12.81
C ARG F 174 32.30 35.87 -12.64
N ARG F 175 31.18 36.13 -11.98
CA ARG F 175 30.10 35.16 -11.87
C ARG F 175 28.77 35.85 -12.10
N PRO F 176 27.77 35.10 -12.54
CA PRO F 176 26.47 35.70 -12.83
C PRO F 176 25.80 36.20 -11.57
N GLY F 177 24.86 37.12 -11.77
CA GLY F 177 24.08 37.70 -10.70
C GLY F 177 24.51 39.07 -10.22
N GLY F 178 25.55 39.65 -10.80
CA GLY F 178 25.97 40.97 -10.38
C GLY F 178 24.99 42.04 -10.81
N LEU F 179 24.99 43.15 -10.07
CA LEU F 179 24.08 44.27 -10.30
C LEU F 179 24.86 45.58 -10.34
N VAL F 180 24.60 46.38 -11.36
CA VAL F 180 25.16 47.73 -11.47
C VAL F 180 24.00 48.70 -11.37
N VAL F 181 24.15 49.71 -10.53
CA VAL F 181 23.14 50.74 -10.37
C VAL F 181 23.79 52.07 -10.69
N GLU F 182 23.33 52.72 -11.77
CA GLU F 182 23.78 54.06 -12.10
C GLU F 182 22.79 55.06 -11.52
N MET F 183 23.26 55.94 -10.64
CA MET F 183 22.39 56.94 -10.03
C MET F 183 22.30 58.19 -10.90
N THR F 184 21.09 58.71 -11.06
CA THR F 184 20.89 59.88 -11.89
C THR F 184 19.73 60.69 -11.32
N ASP F 185 19.41 61.78 -12.02
CA ASP F 185 18.32 62.69 -11.66
C ASP F 185 17.26 62.57 -12.74
N GLY F 186 16.16 61.92 -12.42
CA GLY F 186 15.03 61.79 -13.33
C GLY F 186 14.96 60.42 -13.99
N THR F 187 13.78 60.09 -14.51
CA THR F 187 13.63 58.89 -15.32
C THR F 187 13.77 59.25 -16.79
N ALA F 188 13.93 58.24 -17.62
CA ALA F 188 13.99 58.46 -19.06
C ALA F 188 12.69 59.06 -19.56
N ALA F 189 11.56 58.63 -18.98
CA ALA F 189 10.26 59.14 -19.41
C ALA F 189 10.12 60.62 -19.13
N TYR F 190 10.57 61.05 -17.95
CA TYR F 190 10.45 62.45 -17.60
C TYR F 190 11.46 63.30 -18.36
N ASN F 191 12.74 62.91 -18.35
CA ASN F 191 13.77 63.70 -19.04
C ASN F 191 13.56 63.74 -20.54
N GLY F 192 12.90 62.73 -21.10
CA GLY F 192 12.65 62.74 -22.51
C GLY F 192 11.74 63.88 -22.94
N SER F 193 10.99 64.46 -22.00
CA SER F 193 10.08 65.55 -22.32
C SER F 193 10.30 66.75 -21.42
N HIS F 194 11.45 66.82 -20.75
CA HIS F 194 11.72 67.91 -19.82
C HIS F 194 13.18 68.32 -19.89
N TYR F 195 13.41 69.61 -20.08
CA TYR F 195 14.74 70.18 -19.97
C TYR F 195 15.16 70.25 -18.52
N ARG F 196 16.37 69.77 -18.22
CA ARG F 196 16.80 69.61 -16.83
C ARG F 196 17.85 70.65 -16.45
N ASN F 197 17.37 71.75 -15.88
CA ASN F 197 18.19 72.73 -15.16
C ASN F 197 19.13 73.55 -16.04
N SER F 198 20.09 72.89 -16.67
CA SER F 198 21.03 73.62 -17.52
C SER F 198 21.52 72.68 -18.61
N TYR F 199 22.19 73.25 -19.60
CA TYR F 199 22.73 72.45 -20.70
C TYR F 199 23.68 71.38 -20.18
N PHE F 200 24.61 71.77 -19.32
CA PHE F 200 25.61 70.81 -18.84
C PHE F 200 24.99 69.82 -17.86
N TYR F 201 24.12 70.29 -16.98
CA TYR F 201 23.47 69.39 -16.05
C TYR F 201 22.65 68.37 -16.79
N ASP F 202 21.85 68.83 -17.75
CA ASP F 202 20.98 67.96 -18.51
C ASP F 202 21.77 66.92 -19.28
N LEU F 203 22.89 67.31 -19.87
CA LEU F 203 23.69 66.35 -20.63
C LEU F 203 24.24 65.28 -19.72
N VAL F 204 24.67 65.64 -18.51
CA VAL F 204 25.25 64.66 -17.60
C VAL F 204 24.19 63.65 -17.16
N LYS F 205 23.02 64.13 -16.76
CA LYS F 205 22.04 63.22 -16.21
C LYS F 205 21.51 62.28 -17.27
N ASN F 206 21.44 62.72 -18.52
CA ASN F 206 20.93 61.87 -19.57
C ASN F 206 21.99 60.90 -20.09
N SER F 207 23.27 61.23 -19.97
CA SER F 207 24.29 60.22 -20.24
C SER F 207 24.20 59.08 -19.26
N VAL F 208 23.93 59.40 -17.99
CA VAL F 208 23.89 58.34 -17.01
C VAL F 208 22.68 57.43 -17.23
N LEU F 209 21.56 58.00 -17.72
CA LEU F 209 20.46 57.17 -18.19
C LEU F 209 20.92 56.21 -19.29
N ARG F 210 21.69 56.72 -20.26
CA ARG F 210 22.15 55.91 -21.38
C ARG F 210 23.14 54.86 -20.90
N MET F 211 23.95 55.18 -19.90
CA MET F 211 24.92 54.25 -19.35
C MET F 211 24.26 52.99 -18.85
N GLY F 212 23.08 53.11 -18.25
CA GLY F 212 22.38 51.93 -17.79
C GLY F 212 21.96 51.04 -18.93
N TYR F 213 21.55 51.65 -20.05
CA TYR F 213 21.19 50.87 -21.22
C TYR F 213 22.41 50.23 -21.86
N VAL F 214 23.50 50.97 -21.98
CA VAL F 214 24.71 50.45 -22.62
C VAL F 214 25.30 49.31 -21.81
N LEU F 215 25.44 49.52 -20.50
CA LEU F 215 26.03 48.48 -19.66
C LEU F 215 25.13 47.25 -19.57
N ALA F 216 23.82 47.42 -19.63
CA ALA F 216 22.94 46.27 -19.62
C ALA F 216 23.21 45.36 -20.80
N HIS F 217 23.54 45.93 -21.94
CA HIS F 217 23.88 45.14 -23.12
C HIS F 217 25.21 44.42 -22.94
N GLU F 218 26.18 45.05 -22.27
CA GLU F 218 27.49 44.44 -22.07
C GLU F 218 27.48 43.39 -20.98
N LEU F 219 26.58 43.48 -20.02
CA LEU F 219 26.57 42.57 -18.88
C LEU F 219 25.69 41.34 -19.07
N GLU F 220 24.69 41.40 -19.94
CA GLU F 220 23.74 40.29 -20.08
C GLU F 220 24.41 38.95 -20.40
N PRO F 221 25.39 38.86 -21.29
CA PRO F 221 26.03 37.56 -21.52
C PRO F 221 26.74 37.01 -20.31
N TYR F 222 27.01 37.85 -19.33
CA TYR F 222 27.65 37.42 -18.11
C TYR F 222 26.65 37.17 -17.01
N GLY F 223 25.37 37.23 -17.31
CA GLY F 223 24.42 37.15 -16.24
C GLY F 223 24.41 38.38 -15.36
N GLY F 224 24.96 39.50 -15.86
CA GLY F 224 24.98 40.73 -15.11
C GLY F 224 23.83 41.62 -15.52
N THR F 225 23.44 42.53 -14.60
CA THR F 225 22.31 43.44 -14.77
C THR F 225 22.77 44.87 -14.52
N ALA F 226 22.29 45.80 -15.34
CA ALA F 226 22.54 47.22 -15.13
C ALA F 226 21.22 47.96 -15.21
N VAL F 227 20.99 48.88 -14.27
CA VAL F 227 19.84 49.74 -14.30
C VAL F 227 20.30 51.15 -13.97
N THR F 228 19.48 52.12 -14.35
CA THR F 228 19.64 53.51 -13.93
C THR F 228 18.52 53.84 -12.97
N LEU F 229 18.85 54.40 -11.82
CA LEU F 229 17.88 54.66 -10.79
C LEU F 229 17.88 56.15 -10.48
N THR F 230 16.70 56.71 -10.27
CA THR F 230 16.68 58.07 -9.77
C THR F 230 15.89 58.14 -8.47
N PRO F 231 16.31 58.96 -7.52
CA PRO F 231 15.45 59.26 -6.38
C PRO F 231 14.40 60.29 -6.77
N GLY F 232 13.58 60.65 -5.80
CA GLY F 232 12.63 61.71 -5.97
C GLY F 232 13.24 63.00 -5.50
N TRP F 233 12.50 63.79 -4.74
CA TRP F 233 13.01 65.03 -4.13
C TRP F 233 13.55 64.66 -2.76
N MET F 234 14.88 64.57 -2.66
CA MET F 234 15.53 64.04 -1.48
C MET F 234 15.66 65.10 -0.40
N ARG F 235 15.31 64.72 0.82
CA ARG F 235 15.59 65.55 1.99
C ARG F 235 17.03 65.29 2.43
N SER F 236 17.95 65.65 1.55
CA SER F 236 19.35 65.48 1.87
C SER F 236 19.75 66.43 2.97
N GLU F 237 20.92 66.13 3.54
CA GLU F 237 21.46 66.94 4.62
C GLU F 237 21.62 68.39 4.17
N MET F 238 22.00 68.59 2.92
CA MET F 238 22.17 69.92 2.40
C MET F 238 20.82 70.56 2.12
N MET F 239 19.87 69.77 1.63
CA MET F 239 18.54 70.29 1.37
C MET F 239 17.89 70.67 2.69
N LEU F 240 18.05 69.86 3.73
CA LEU F 240 17.47 70.23 5.00
C LEU F 240 18.11 71.50 5.53
N GLU F 241 19.43 71.58 5.43
CA GLU F 241 20.13 72.76 5.92
C GLU F 241 19.80 73.99 5.09
N THR F 242 19.63 73.83 3.78
CA THR F 242 19.26 74.95 2.92
C THR F 242 17.92 75.55 3.30
N LEU F 243 16.97 74.72 3.73
CA LEU F 243 15.65 75.19 4.13
C LEU F 243 15.58 75.52 5.62
N GLY F 244 16.66 75.31 6.37
CA GLY F 244 16.65 75.67 7.76
C GLY F 244 15.84 74.75 8.63
N VAL F 245 15.69 73.48 8.26
CA VAL F 245 14.89 72.55 9.03
C VAL F 245 15.70 71.29 9.28
N THR F 246 15.22 70.50 10.23
CA THR F 246 15.73 69.17 10.45
C THR F 246 14.73 68.15 9.96
N GLU F 247 15.17 66.90 9.90
CA GLU F 247 14.26 65.85 9.46
C GLU F 247 13.10 65.68 10.43
N GLU F 248 13.32 65.86 11.74
CA GLU F 248 12.21 65.64 12.66
C GLU F 248 11.08 66.62 12.46
N ASN F 249 11.35 67.77 11.88
CA ASN F 249 10.33 68.78 11.67
C ASN F 249 10.44 69.39 10.28
N TRP F 250 10.62 68.53 9.27
CA TRP F 250 10.90 69.02 7.92
C TRP F 250 9.70 69.71 7.29
N ARG F 251 8.48 69.41 7.72
CA ARG F 251 7.33 70.09 7.10
C ARG F 251 7.21 71.54 7.50
N ASP F 252 8.05 72.04 8.40
CA ASP F 252 8.11 73.47 8.64
C ASP F 252 8.46 74.20 7.37
N ALA F 253 9.17 73.55 6.45
CA ALA F 253 9.60 74.23 5.24
C ALA F 253 8.47 74.39 4.24
N LEU F 254 7.32 73.78 4.47
CA LEU F 254 6.29 73.82 3.44
C LEU F 254 5.78 75.24 3.22
N THR F 255 5.86 76.10 4.23
CA THR F 255 5.42 77.47 4.01
C THR F 255 6.26 78.13 2.94
N GLU F 256 7.58 77.91 2.95
CA GLU F 256 8.41 78.52 1.91
C GLU F 256 8.41 77.69 0.64
N VAL F 257 8.46 76.36 0.74
CA VAL F 257 8.38 75.52 -0.45
C VAL F 257 7.22 74.55 -0.31
N PRO F 258 6.04 74.94 -0.76
CA PRO F 258 4.86 74.06 -0.58
C PRO F 258 4.96 72.76 -1.35
N HIS F 259 5.59 72.76 -2.52
CA HIS F 259 5.70 71.52 -3.27
C HIS F 259 6.73 70.57 -2.69
N PHE F 260 7.44 70.97 -1.64
CA PHE F 260 8.31 70.09 -0.90
C PHE F 260 7.54 69.00 -0.18
N CYS F 261 6.22 69.07 -0.17
CA CYS F 261 5.39 68.07 0.48
C CYS F 261 5.48 66.70 -0.19
N ILE F 262 6.10 66.60 -1.37
CA ILE F 262 6.33 65.31 -2.04
C ILE F 262 7.71 64.71 -1.72
N SER F 263 8.51 65.36 -0.88
CA SER F 263 9.89 64.97 -0.66
C SER F 263 9.97 63.63 0.07
N GLU F 264 11.14 63.01 -0.02
CA GLU F 264 11.40 61.72 0.59
C GLU F 264 12.69 61.75 1.37
N SER F 265 12.79 60.90 2.33
CA SER F 265 14.09 60.83 2.96
C SER F 265 15.06 60.10 2.03
N PRO F 266 16.35 60.33 2.21
CA PRO F 266 17.33 59.65 1.35
C PRO F 266 17.30 58.14 1.47
N SER F 267 16.87 57.59 2.61
CA SER F 267 16.82 56.14 2.77
C SER F 267 15.84 55.48 1.84
N TYR F 268 14.87 56.23 1.32
CA TYR F 268 13.91 55.70 0.37
C TYR F 268 14.61 55.14 -0.87
N VAL F 269 15.48 55.93 -1.49
CA VAL F 269 16.21 55.42 -2.65
C VAL F 269 17.21 54.36 -2.20
N GLY F 270 17.65 54.43 -0.95
CA GLY F 270 18.51 53.37 -0.44
C GLY F 270 17.78 52.05 -0.38
N ARG F 271 16.53 52.07 0.07
CA ARG F 271 15.74 50.85 0.13
C ARG F 271 15.42 50.33 -1.26
N ALA F 272 15.37 51.20 -2.27
CA ALA F 272 15.16 50.74 -3.63
C ALA F 272 16.34 49.93 -4.14
N VAL F 273 17.56 50.37 -3.86
CA VAL F 273 18.73 49.60 -4.27
C VAL F 273 18.76 48.27 -3.53
N ALA F 274 18.45 48.29 -2.24
CA ALA F 274 18.44 47.05 -1.49
C ALA F 274 17.39 46.08 -2.03
N ALA F 275 16.24 46.59 -2.46
CA ALA F 275 15.22 45.72 -3.04
C ALA F 275 15.68 45.11 -4.34
N LEU F 276 16.36 45.89 -5.19
CA LEU F 276 16.90 45.32 -6.42
C LEU F 276 17.94 44.27 -6.11
N ALA F 277 18.85 44.59 -5.19
CA ALA F 277 19.92 43.65 -4.89
C ALA F 277 19.39 42.38 -4.26
N GLY F 278 18.23 42.42 -3.64
CA GLY F 278 17.59 41.24 -3.10
C GLY F 278 16.63 40.54 -4.04
N ASP F 279 16.42 41.09 -5.23
CA ASP F 279 15.52 40.49 -6.20
C ASP F 279 16.25 39.43 -6.98
N ALA F 280 15.81 38.17 -6.83
CA ALA F 280 16.46 37.07 -7.55
C ALA F 280 16.24 37.19 -9.04
N ASP F 281 15.14 37.81 -9.45
CA ASP F 281 14.84 38.04 -10.85
C ASP F 281 15.10 39.49 -11.21
N VAL F 282 16.13 40.08 -10.63
CA VAL F 282 16.42 41.47 -10.88
C VAL F 282 16.70 41.72 -12.35
N ALA F 283 17.09 40.67 -13.09
CA ALA F 283 17.38 40.83 -14.50
C ALA F 283 16.19 41.28 -15.32
N ARG F 284 14.96 41.17 -14.76
CA ARG F 284 13.79 41.67 -15.46
C ARG F 284 13.83 43.17 -15.66
N TRP F 285 14.68 43.87 -14.91
CA TRP F 285 14.81 45.31 -15.01
C TRP F 285 15.92 45.73 -15.96
N ASN F 286 16.64 44.77 -16.54
CA ASN F 286 17.91 45.06 -17.21
C ASN F 286 17.73 46.15 -18.25
N GLY F 287 18.56 47.20 -18.15
CA GLY F 287 18.54 48.26 -19.13
C GLY F 287 17.50 49.33 -18.93
N GLN F 288 16.67 49.22 -17.91
CA GLN F 288 15.58 50.16 -17.74
C GLN F 288 16.00 51.33 -16.87
N SER F 289 15.26 52.42 -17.04
CA SER F 289 15.27 53.55 -16.12
C SER F 289 14.16 53.35 -15.10
N VAL F 290 14.50 53.51 -13.82
CA VAL F 290 13.55 53.28 -12.75
C VAL F 290 13.67 54.41 -11.74
N SER F 291 12.64 54.56 -10.91
CA SER F 291 12.66 55.58 -9.87
C SER F 291 12.37 54.94 -8.53
N SER F 292 12.70 55.66 -7.46
CA SER F 292 12.40 55.14 -6.12
C SER F 292 10.90 55.00 -5.91
N GLY F 293 10.13 55.95 -6.43
CA GLY F 293 8.68 55.87 -6.29
C GLY F 293 8.05 54.74 -7.07
N GLN F 294 8.57 54.47 -8.26
CA GLN F 294 8.10 53.32 -9.00
C GLN F 294 8.47 52.02 -8.31
N LEU F 295 9.70 51.93 -7.82
CA LEU F 295 10.14 50.69 -7.20
C LEU F 295 9.49 50.46 -5.84
N ALA F 296 9.08 51.52 -5.13
CA ALA F 296 8.38 51.29 -3.88
C ALA F 296 7.03 50.63 -4.14
N GLN F 297 6.35 51.02 -5.19
CA GLN F 297 5.09 50.36 -5.50
C GLN F 297 5.31 48.91 -5.90
N GLU F 298 6.40 48.60 -6.59
CA GLU F 298 6.60 47.24 -7.04
C GLU F 298 7.00 46.31 -5.91
N TYR F 299 7.95 46.74 -5.07
CA TYR F 299 8.49 45.86 -4.06
C TYR F 299 7.78 45.99 -2.73
N GLY F 300 7.20 47.16 -2.43
CA GLY F 300 6.42 47.33 -1.23
C GLY F 300 7.15 47.97 -0.09
N PHE F 301 8.40 48.37 -0.27
CA PHE F 301 9.07 49.07 0.81
C PHE F 301 8.48 50.46 0.94
N THR F 302 8.76 51.10 2.08
CA THR F 302 8.32 52.45 2.35
C THR F 302 9.53 53.28 2.73
N ASP F 303 9.34 54.59 2.77
CA ASP F 303 10.30 55.48 3.39
C ASP F 303 10.28 55.22 4.90
N LEU F 304 11.15 55.89 5.62
CA LEU F 304 11.22 55.65 7.05
C LEU F 304 9.91 55.94 7.74
N ASP F 305 9.17 56.94 7.29
CA ASP F 305 7.93 57.33 7.93
C ASP F 305 6.74 56.53 7.44
N GLY F 306 6.96 55.49 6.64
CA GLY F 306 5.86 54.68 6.19
C GLY F 306 5.16 55.17 4.95
N SER F 307 5.60 56.26 4.35
CA SER F 307 4.97 56.73 3.13
C SER F 307 5.71 56.19 1.90
N ARG F 308 5.13 56.44 0.73
CA ARG F 308 5.72 56.03 -0.55
C ARG F 308 5.67 57.19 -1.54
N PRO F 309 6.55 58.19 -1.39
CA PRO F 309 6.52 59.33 -2.31
C PRO F 309 6.71 58.89 -3.76
N ASP F 310 5.91 59.50 -4.66
CA ASP F 310 5.95 59.26 -6.10
C ASP F 310 6.24 60.57 -6.82
N CYS F 311 7.51 60.97 -6.79
CA CYS F 311 7.89 62.34 -7.16
C CYS F 311 7.57 62.64 -8.62
N TRP F 312 7.95 61.74 -9.53
CA TRP F 312 7.94 62.14 -10.92
C TRP F 312 6.54 62.18 -11.49
N ARG F 313 5.62 61.42 -10.92
CA ARG F 313 4.22 61.56 -11.29
C ARG F 313 3.61 62.81 -10.70
N TYR F 314 4.02 63.19 -9.48
CA TYR F 314 3.49 64.40 -8.86
C TYR F 314 3.87 65.66 -9.63
N LEU F 315 5.13 65.75 -10.06
CA LEU F 315 5.57 66.94 -10.78
C LEU F 315 4.75 67.15 -12.03
N VAL F 316 4.42 66.06 -12.72
CA VAL F 316 3.70 66.16 -13.97
C VAL F 316 2.22 66.42 -13.72
N GLU F 317 1.60 65.65 -12.85
CA GLU F 317 0.16 65.69 -12.69
C GLU F 317 -0.31 66.79 -11.76
N VAL F 318 0.55 67.25 -10.85
CA VAL F 318 0.13 68.26 -9.89
C VAL F 318 0.89 69.55 -10.13
N GLN F 319 2.19 69.53 -9.91
CA GLN F 319 2.94 70.77 -9.88
C GLN F 319 2.95 71.44 -11.25
N GLU F 320 3.40 70.74 -12.28
CA GLU F 320 3.45 71.38 -13.60
C GLU F 320 2.07 71.59 -14.18
N ALA F 321 1.06 70.91 -13.65
CA ALA F 321 -0.31 71.11 -14.08
C ALA F 321 -0.93 72.36 -13.51
N GLY F 322 -0.18 73.13 -12.73
CA GLY F 322 -0.72 74.33 -12.13
C GLY F 322 -1.58 74.09 -10.92
N LYS F 323 -1.72 72.85 -10.47
CA LYS F 323 -2.57 72.58 -9.33
C LYS F 323 -1.88 73.01 -8.05
N PRO F 324 -2.65 73.23 -6.98
CA PRO F 324 -2.04 73.56 -5.69
C PRO F 324 -1.29 72.37 -5.10
N ALA F 325 -0.35 72.68 -4.23
CA ALA F 325 0.42 71.66 -3.55
C ALA F 325 -0.51 70.81 -2.71
N ASP F 326 -0.51 69.53 -2.99
CA ASP F 326 -1.38 68.59 -2.31
C ASP F 326 -0.80 67.20 -2.53
N PRO F 327 -0.25 66.58 -1.49
CA PRO F 327 0.38 65.27 -1.67
C PRO F 327 -0.60 64.13 -1.78
N SER F 328 -1.90 64.41 -1.75
CA SER F 328 -2.90 63.36 -1.73
C SER F 328 -2.77 62.50 -2.97
N GLY F 329 -2.65 61.19 -2.77
CA GLY F 329 -2.55 60.26 -3.86
C GLY F 329 -1.16 60.07 -4.40
N TYR F 330 -0.17 60.73 -3.83
CA TYR F 330 1.17 60.63 -4.35
C TYR F 330 2.17 60.18 -3.30
N ARG F 331 1.74 59.86 -2.09
CA ARG F 331 2.62 59.33 -1.08
C ARG F 331 1.78 58.54 -0.08
N ALA G 29 -43.66 53.00 -5.34
CA ALA G 29 -44.81 52.39 -6.00
C ALA G 29 -45.57 53.41 -6.84
N PRO G 30 -46.06 52.97 -8.01
CA PRO G 30 -46.76 53.89 -8.90
C PRO G 30 -48.10 54.31 -8.33
N ASP G 31 -48.46 55.55 -8.57
CA ASP G 31 -49.76 56.10 -8.23
C ASP G 31 -50.50 56.25 -9.54
N LEU G 32 -51.46 55.37 -9.78
CA LEU G 32 -52.22 55.42 -11.02
C LEU G 32 -53.66 55.81 -10.78
N ARG G 33 -53.92 56.47 -9.66
CA ARG G 33 -55.27 56.94 -9.37
C ARG G 33 -55.72 57.90 -10.45
N GLY G 34 -56.95 57.74 -10.89
CA GLY G 34 -57.49 58.55 -11.95
C GLY G 34 -57.16 58.11 -13.35
N LYS G 35 -56.25 57.15 -13.52
CA LYS G 35 -55.90 56.67 -14.84
C LYS G 35 -56.86 55.57 -15.27
N ILE G 36 -57.10 55.50 -16.57
CA ILE G 36 -57.98 54.50 -17.16
C ILE G 36 -57.14 53.52 -17.97
N ALA G 37 -57.25 52.24 -17.64
CA ALA G 37 -56.53 51.17 -18.30
C ALA G 37 -57.51 50.10 -18.76
N LEU G 38 -57.09 49.35 -19.77
CA LEU G 38 -57.85 48.23 -20.25
C LEU G 38 -56.87 47.09 -20.46
N VAL G 39 -57.19 45.92 -19.96
CA VAL G 39 -56.39 44.74 -20.18
C VAL G 39 -57.22 43.78 -21.00
N ALA G 40 -56.84 43.58 -22.25
CA ALA G 40 -57.52 42.65 -23.14
C ALA G 40 -56.95 41.26 -22.90
N GLY G 41 -57.80 40.31 -22.59
CA GLY G 41 -57.32 38.99 -22.25
C GLY G 41 -56.83 38.96 -20.84
N ALA G 42 -57.73 39.22 -19.89
CA ALA G 42 -57.36 39.36 -18.49
C ALA G 42 -58.00 38.30 -17.60
N THR G 43 -58.51 37.22 -18.18
CA THR G 43 -59.12 36.17 -17.37
C THR G 43 -58.07 35.46 -16.53
N ARG G 44 -56.88 35.25 -17.10
CA ARG G 44 -55.87 34.48 -16.40
C ARG G 44 -54.51 35.02 -16.78
N GLY G 45 -53.47 34.44 -16.17
CA GLY G 45 -52.10 34.65 -16.57
C GLY G 45 -51.60 36.05 -16.35
N ALA G 46 -50.76 36.51 -17.28
CA ALA G 46 -50.19 37.85 -17.16
C ALA G 46 -51.28 38.90 -17.19
N GLY G 47 -52.30 38.70 -18.02
CA GLY G 47 -53.35 39.69 -18.14
C GLY G 47 -54.03 39.97 -16.81
N ARG G 48 -54.39 38.93 -16.07
CA ARG G 48 -55.01 39.13 -14.78
C ARG G 48 -54.07 39.84 -13.81
N ALA G 49 -52.83 39.37 -13.72
CA ALA G 49 -51.89 39.98 -12.79
C ALA G 49 -51.58 41.41 -13.18
N ILE G 50 -51.50 41.71 -14.47
CA ILE G 50 -51.32 43.08 -14.92
C ILE G 50 -52.52 43.94 -14.52
N ALA G 51 -53.73 43.44 -14.77
CA ALA G 51 -54.92 44.19 -14.39
C ALA G 51 -54.97 44.38 -12.88
N VAL G 52 -54.64 43.34 -12.14
CA VAL G 52 -54.70 43.42 -10.68
C VAL G 52 -53.66 44.40 -10.15
N GLN G 53 -52.42 44.34 -10.66
CA GLN G 53 -51.37 45.23 -10.19
C GLN G 53 -51.63 46.66 -10.58
N LEU G 54 -52.38 46.89 -11.65
CA LEU G 54 -52.80 48.24 -12.00
C LEU G 54 -53.85 48.76 -11.02
N GLY G 55 -54.76 47.90 -10.57
CA GLY G 55 -55.71 48.31 -9.56
C GLY G 55 -55.05 48.58 -8.23
N ALA G 56 -54.04 47.80 -7.89
CA ALA G 56 -53.27 48.07 -6.68
C ALA G 56 -52.58 49.42 -6.76
N ALA G 57 -52.23 49.89 -7.95
CA ALA G 57 -51.68 51.22 -8.10
C ALA G 57 -52.76 52.29 -8.18
N GLY G 58 -54.02 51.88 -8.12
CA GLY G 58 -55.14 52.78 -8.03
C GLY G 58 -55.94 52.98 -9.29
N ALA G 59 -55.72 52.20 -10.33
CA ALA G 59 -56.35 52.47 -11.62
C ALA G 59 -57.72 51.79 -11.73
N THR G 60 -58.53 52.34 -12.63
CA THR G 60 -59.73 51.69 -13.13
C THR G 60 -59.35 50.80 -14.30
N VAL G 61 -59.65 49.51 -14.21
CA VAL G 61 -59.20 48.57 -15.20
C VAL G 61 -60.41 47.89 -15.80
N TYR G 62 -60.61 48.12 -17.09
CA TYR G 62 -61.53 47.32 -17.86
C TYR G 62 -60.79 46.02 -18.18
N VAL G 63 -61.44 44.89 -17.92
CA VAL G 63 -60.83 43.59 -18.14
C VAL G 63 -61.76 42.83 -19.07
N THR G 64 -61.19 42.24 -20.12
CA THR G 64 -61.99 41.60 -21.15
C THR G 64 -61.54 40.16 -21.37
N GLY G 65 -62.44 39.36 -21.92
CA GLY G 65 -62.21 37.95 -22.10
C GLY G 65 -63.50 37.30 -22.54
N ARG G 66 -63.38 36.05 -22.96
CA ARG G 66 -64.51 35.26 -23.45
C ARG G 66 -65.16 34.45 -22.34
N THR G 67 -64.39 34.04 -21.34
CA THR G 67 -64.83 33.16 -20.27
C THR G 67 -65.62 33.97 -19.26
N THR G 68 -66.93 33.78 -19.21
CA THR G 68 -67.82 34.49 -18.30
C THR G 68 -68.48 33.54 -17.31
N ARG G 69 -69.14 34.10 -16.29
CA ARG G 69 -69.79 33.27 -15.28
C ARG G 69 -71.11 32.67 -15.78
N SER G 78 -64.47 31.45 -10.45
CA SER G 78 -63.21 32.07 -10.05
C SER G 78 -62.26 32.15 -11.23
N GLU G 79 -62.48 31.30 -12.24
CA GLU G 79 -61.71 31.31 -13.48
C GLU G 79 -62.45 32.06 -14.58
N THR G 80 -62.88 33.28 -14.26
CA THR G 80 -63.68 34.09 -15.14
C THR G 80 -63.12 35.50 -15.17
N ILE G 81 -63.59 36.26 -16.16
CA ILE G 81 -63.19 37.66 -16.27
C ILE G 81 -63.81 38.49 -15.15
N GLU G 82 -65.02 38.14 -14.72
CA GLU G 82 -65.64 38.88 -13.61
C GLU G 82 -64.85 38.70 -12.35
N GLU G 83 -64.30 37.50 -12.15
CA GLU G 83 -63.44 37.29 -11.00
C GLU G 83 -62.21 38.18 -11.10
N THR G 84 -61.65 38.33 -12.30
CA THR G 84 -60.54 39.26 -12.45
C THR G 84 -60.95 40.65 -12.06
N ALA G 85 -62.13 41.10 -12.51
CA ALA G 85 -62.59 42.43 -12.18
C ALA G 85 -62.73 42.63 -10.67
N GLU G 86 -63.25 41.62 -9.98
CA GLU G 86 -63.41 41.71 -8.53
C GLU G 86 -62.07 41.78 -7.80
N LEU G 87 -61.06 41.08 -8.30
CA LEU G 87 -59.74 41.15 -7.68
C LEU G 87 -59.10 42.51 -7.86
N VAL G 88 -59.34 43.16 -9.01
CA VAL G 88 -58.80 44.48 -9.24
C VAL G 88 -59.36 45.45 -8.22
N THR G 89 -60.64 45.35 -7.94
CA THR G 89 -61.24 46.23 -6.96
C THR G 89 -60.70 45.93 -5.57
N GLU G 90 -60.64 44.64 -5.22
CA GLU G 90 -60.12 44.25 -3.91
C GLU G 90 -58.73 44.80 -3.70
N ALA G 91 -57.92 44.82 -4.76
CA ALA G 91 -56.58 45.35 -4.65
C ALA G 91 -56.58 46.85 -4.44
N GLY G 92 -57.71 47.51 -4.59
CA GLY G 92 -57.74 48.93 -4.32
C GLY G 92 -58.05 49.78 -5.52
N GLY G 93 -58.47 49.14 -6.61
CA GLY G 93 -58.85 49.89 -7.79
C GLY G 93 -60.28 49.61 -8.12
N THR G 94 -60.63 49.72 -9.40
CA THR G 94 -61.97 49.45 -9.89
C THR G 94 -61.83 48.60 -11.15
N GLY G 95 -62.28 47.35 -11.07
CA GLY G 95 -62.26 46.46 -12.21
C GLY G 95 -63.65 46.39 -12.83
N ILE G 96 -63.71 46.57 -14.13
CA ILE G 96 -64.96 46.55 -14.86
C ILE G 96 -64.82 45.45 -15.90
N ALA G 97 -65.60 44.39 -15.74
CA ALA G 97 -65.51 43.25 -16.64
C ALA G 97 -66.39 43.50 -17.85
N VAL G 98 -65.81 43.36 -19.03
CA VAL G 98 -66.57 43.46 -20.27
C VAL G 98 -66.28 42.22 -21.09
N PRO G 99 -67.14 41.20 -21.06
CA PRO G 99 -66.90 40.02 -21.90
C PRO G 99 -66.87 40.40 -23.37
N THR G 100 -65.82 39.96 -24.05
CA THR G 100 -65.55 40.34 -25.42
C THR G 100 -64.93 39.15 -26.13
N ASP G 101 -65.42 38.85 -27.33
CA ASP G 101 -64.71 37.98 -28.26
C ASP G 101 -63.87 38.91 -29.12
N HIS G 102 -62.57 38.92 -28.87
CA HIS G 102 -61.67 39.82 -29.58
C HIS G 102 -61.43 39.43 -31.02
N LEU G 103 -61.99 38.31 -31.48
CA LEU G 103 -62.00 38.00 -32.90
C LEU G 103 -63.25 38.53 -33.58
N VAL G 104 -64.19 39.08 -32.82
CA VAL G 104 -65.41 39.67 -33.35
C VAL G 104 -65.27 41.18 -33.32
N PRO G 105 -65.04 41.84 -34.45
CA PRO G 105 -64.86 43.28 -34.42
C PRO G 105 -66.04 44.04 -33.84
N GLU G 106 -67.26 43.58 -34.11
CA GLU G 106 -68.41 44.29 -33.58
C GLU G 106 -68.36 44.35 -32.05
N GLN G 107 -67.86 43.28 -31.42
CA GLN G 107 -67.77 43.29 -29.97
C GLN G 107 -66.66 44.20 -29.48
N VAL G 108 -65.56 44.30 -30.24
CA VAL G 108 -64.47 45.16 -29.82
C VAL G 108 -64.79 46.61 -30.03
N ARG G 109 -65.55 46.95 -31.08
CA ARG G 109 -65.97 48.33 -31.27
C ARG G 109 -66.92 48.75 -30.15
N ALA G 110 -67.84 47.88 -29.76
CA ALA G 110 -68.72 48.19 -28.64
C ALA G 110 -67.92 48.38 -27.37
N LEU G 111 -66.86 47.59 -27.20
CA LEU G 111 -66.00 47.75 -26.04
C LEU G 111 -65.40 49.15 -26.00
N ALA G 112 -64.85 49.60 -27.14
CA ALA G 112 -64.25 50.94 -27.19
C ALA G 112 -65.29 52.04 -27.03
N ASP G 113 -66.47 51.87 -27.62
CA ASP G 113 -67.53 52.87 -27.43
C ASP G 113 -67.87 53.00 -25.96
N ARG G 114 -67.87 51.87 -25.25
CA ARG G 114 -68.27 51.85 -23.86
C ARG G 114 -67.28 52.63 -22.98
N VAL G 115 -65.98 52.44 -23.19
CA VAL G 115 -64.99 53.18 -22.41
C VAL G 115 -65.12 54.67 -22.65
N ASP G 116 -65.35 55.06 -23.90
CA ASP G 116 -65.55 56.46 -24.18
C ASP G 116 -66.79 56.97 -23.49
N THR G 117 -67.86 56.20 -23.52
CA THR G 117 -69.10 56.61 -22.87
C THR G 117 -68.90 56.77 -21.38
N GLU G 118 -68.21 55.83 -20.74
CA GLU G 118 -68.09 55.88 -19.30
C GLU G 118 -66.94 56.78 -18.85
N GLN G 119 -65.86 56.84 -19.60
CA GLN G 119 -64.66 57.51 -19.12
C GLN G 119 -64.21 58.66 -19.97
N GLY G 120 -64.47 58.63 -21.27
CA GLY G 120 -63.97 59.68 -22.13
C GLY G 120 -62.47 59.67 -22.34
N ARG G 121 -61.78 58.63 -21.90
CA ARG G 121 -60.33 58.58 -22.00
C ARG G 121 -59.86 57.16 -21.82
N LEU G 122 -58.65 56.89 -22.31
CA LEU G 122 -57.97 55.63 -22.14
C LEU G 122 -56.49 55.93 -21.98
N ASP G 123 -55.91 55.61 -20.83
CA ASP G 123 -54.52 55.95 -20.59
C ASP G 123 -53.55 54.82 -20.89
N VAL G 124 -53.93 53.59 -20.58
CA VAL G 124 -53.07 52.42 -20.75
C VAL G 124 -53.88 51.31 -21.39
N LEU G 125 -53.32 50.73 -22.45
CA LEU G 125 -53.95 49.59 -23.10
C LEU G 125 -52.98 48.42 -23.08
N VAL G 126 -53.43 47.29 -22.53
CA VAL G 126 -52.60 46.09 -22.46
C VAL G 126 -53.33 44.99 -23.22
N ASN G 127 -52.65 44.39 -24.20
CA ASN G 127 -53.17 43.30 -25.03
C ASN G 127 -52.50 42.01 -24.62
N ASP G 128 -53.24 41.12 -24.00
CA ASP G 128 -52.68 39.83 -23.64
C ASP G 128 -53.55 38.71 -24.17
N VAL G 129 -54.21 38.94 -25.29
CA VAL G 129 -55.08 37.94 -25.88
C VAL G 129 -54.22 36.92 -26.60
N TRP G 130 -54.48 35.63 -26.34
CA TRP G 130 -53.76 34.59 -27.05
C TRP G 130 -54.67 33.49 -27.52
N PHE G 136 -50.51 24.85 -29.98
CA PHE G 136 -49.11 24.69 -30.33
C PHE G 136 -48.63 23.30 -29.97
N GLU G 137 -47.73 22.77 -30.81
CA GLU G 137 -47.17 21.43 -30.70
C GLU G 137 -45.65 21.58 -30.64
N PHE G 138 -45.04 21.15 -29.53
CA PHE G 138 -43.73 21.67 -29.14
C PHE G 138 -42.57 21.11 -29.94
N ASP G 139 -42.59 19.83 -30.29
CA ASP G 139 -41.44 19.21 -30.92
C ASP G 139 -41.65 18.96 -32.41
N LYS G 140 -42.65 19.58 -33.02
CA LYS G 140 -43.07 19.23 -34.38
C LYS G 140 -42.60 20.26 -35.41
N LYS G 141 -42.26 19.75 -36.58
CA LYS G 141 -41.95 20.62 -37.69
C LYS G 141 -43.24 21.19 -38.28
N VAL G 142 -43.07 22.24 -39.10
CA VAL G 142 -44.25 22.89 -39.66
C VAL G 142 -45.07 21.89 -40.44
N TRP G 143 -44.42 20.93 -41.06
CA TRP G 143 -45.13 19.93 -41.83
C TRP G 143 -45.62 18.78 -40.97
N GLU G 144 -45.15 18.66 -39.74
CA GLU G 144 -45.73 17.68 -38.85
C GLU G 144 -46.83 18.26 -37.99
N HIS G 145 -46.74 19.54 -37.72
CA HIS G 145 -47.73 20.26 -36.95
C HIS G 145 -49.12 20.10 -37.58
N ASP G 146 -50.15 20.07 -36.74
CA ASP G 146 -51.51 20.13 -37.26
C ASP G 146 -51.75 21.51 -37.86
N LEU G 147 -52.16 21.54 -39.13
CA LEU G 147 -52.23 22.80 -39.85
C LEU G 147 -53.39 23.66 -39.36
N ASP G 148 -54.57 23.08 -39.17
CA ASP G 148 -55.72 23.90 -38.76
C ASP G 148 -55.47 24.55 -37.41
N ALA G 149 -54.89 23.81 -36.48
CA ALA G 149 -54.59 24.38 -35.19
C ALA G 149 -53.53 25.46 -35.31
N GLY G 150 -52.53 25.24 -36.16
CA GLY G 150 -51.50 26.25 -36.32
C GLY G 150 -52.03 27.54 -36.89
N LEU G 151 -52.92 27.46 -37.87
CA LEU G 151 -53.54 28.65 -38.45
C LEU G 151 -54.48 29.34 -37.47
N ARG G 152 -55.26 28.56 -36.72
CA ARG G 152 -56.10 29.14 -35.67
C ARG G 152 -55.24 29.81 -34.62
N LEU G 153 -54.11 29.18 -34.29
CA LEU G 153 -53.19 29.78 -33.34
C LEU G 153 -52.70 31.12 -33.84
N MET G 154 -52.37 31.23 -35.13
CA MET G 154 -51.87 32.51 -35.62
C MET G 154 -52.99 33.54 -35.68
N ARG G 155 -54.20 33.13 -36.00
CA ARG G 155 -55.31 34.08 -36.02
C ARG G 155 -55.66 34.57 -34.63
N LEU G 156 -55.71 33.67 -33.65
CA LEU G 156 -56.04 34.06 -32.28
C LEU G 156 -54.95 34.92 -31.67
N GLY G 157 -53.72 34.80 -32.14
CA GLY G 157 -52.63 35.51 -31.52
C GLY G 157 -52.28 36.83 -32.19
N VAL G 158 -52.65 37.02 -33.45
CA VAL G 158 -52.26 38.21 -34.21
C VAL G 158 -53.47 39.06 -34.57
N ASP G 159 -54.53 38.44 -35.11
CA ASP G 159 -55.69 39.21 -35.53
C ASP G 159 -56.35 39.92 -34.35
N THR G 160 -56.35 39.29 -33.18
CA THR G 160 -56.97 39.88 -32.00
C THR G 160 -56.28 41.16 -31.58
N HIS G 161 -54.95 41.23 -31.72
CA HIS G 161 -54.25 42.46 -31.39
C HIS G 161 -54.53 43.56 -32.40
N ALA G 162 -54.62 43.20 -33.69
CA ALA G 162 -54.90 44.19 -34.73
C ALA G 162 -56.31 44.76 -34.62
N ILE G 163 -57.30 43.90 -34.36
CA ILE G 163 -58.67 44.36 -34.17
C ILE G 163 -58.75 45.26 -32.95
N SER G 164 -58.04 44.88 -31.90
CA SER G 164 -58.04 45.66 -30.66
C SER G 164 -57.39 47.02 -30.89
N SER G 165 -56.22 47.04 -31.53
CA SER G 165 -55.55 48.31 -31.79
C SER G 165 -56.39 49.20 -32.70
N HIS G 166 -57.06 48.58 -33.68
CA HIS G 166 -57.85 49.32 -34.65
C HIS G 166 -58.98 50.09 -33.98
N PHE G 167 -59.61 49.51 -32.97
CA PHE G 167 -60.78 50.10 -32.35
C PHE G 167 -60.46 50.91 -31.11
N LEU G 168 -59.41 50.57 -30.37
CA LEU G 168 -59.15 51.22 -29.08
C LEU G 168 -58.11 52.31 -29.18
N LEU G 169 -57.24 52.29 -30.17
CA LEU G 169 -56.20 53.32 -30.23
C LEU G 169 -56.77 54.72 -30.47
N PRO G 170 -57.88 54.91 -31.21
CA PRO G 170 -58.40 56.29 -31.34
C PRO G 170 -58.65 56.99 -30.02
N LEU G 171 -59.28 56.30 -29.06
CA LEU G 171 -59.51 56.91 -27.76
C LEU G 171 -58.19 57.18 -27.05
N LEU G 172 -57.20 56.32 -27.23
CA LEU G 172 -55.93 56.50 -26.53
C LEU G 172 -55.14 57.66 -27.12
N VAL G 173 -55.20 57.88 -28.43
CA VAL G 173 -54.43 58.96 -29.04
C VAL G 173 -55.18 60.29 -28.98
N ARG G 174 -56.34 60.33 -28.34
CA ARG G 174 -57.12 61.55 -28.25
C ARG G 174 -56.36 62.65 -27.52
N ARG G 175 -55.56 62.28 -26.52
CA ARG G 175 -54.63 63.17 -25.83
C ARG G 175 -53.32 62.44 -25.64
N PRO G 176 -52.21 63.17 -25.63
CA PRO G 176 -50.92 62.54 -25.43
C PRO G 176 -50.77 61.95 -24.05
N GLY G 177 -49.81 61.04 -23.93
CA GLY G 177 -49.50 60.34 -22.70
C GLY G 177 -50.01 58.92 -22.61
N GLY G 178 -50.67 58.41 -23.64
CA GLY G 178 -51.16 57.06 -23.59
C GLY G 178 -50.03 56.06 -23.62
N LEU G 179 -50.33 54.88 -23.09
CA LEU G 179 -49.37 53.79 -23.03
C LEU G 179 -50.03 52.54 -23.57
N VAL G 180 -49.38 51.88 -24.51
CA VAL G 180 -49.83 50.59 -25.03
C VAL G 180 -48.76 49.56 -24.72
N VAL G 181 -49.18 48.42 -24.16
CA VAL G 181 -48.29 47.34 -23.80
C VAL G 181 -48.71 46.10 -24.57
N GLU G 182 -47.87 45.66 -25.52
CA GLU G 182 -48.09 44.42 -26.25
C GLU G 182 -47.35 43.30 -25.54
N MET G 183 -48.09 42.30 -25.06
CA MET G 183 -47.49 41.20 -24.31
C MET G 183 -47.01 40.12 -25.26
N THR G 184 -45.82 39.58 -25.01
CA THR G 184 -45.27 38.54 -25.86
C THR G 184 -44.44 37.58 -25.02
N ASP G 185 -43.83 36.61 -25.69
CA ASP G 185 -42.93 35.61 -25.12
C ASP G 185 -41.55 35.85 -25.73
N GLY G 186 -40.63 36.36 -24.94
CA GLY G 186 -39.26 36.59 -25.32
C GLY G 186 -38.99 38.04 -25.63
N THR G 187 -37.72 38.42 -25.55
CA THR G 187 -37.29 39.73 -25.99
C THR G 187 -36.83 39.64 -27.43
N ALA G 188 -36.64 40.80 -28.05
CA ALA G 188 -36.11 40.81 -29.40
C ALA G 188 -34.70 40.25 -29.41
N ALA G 189 -33.90 40.56 -28.38
CA ALA G 189 -32.53 40.05 -28.33
C ALA G 189 -32.53 38.54 -28.20
N TYR G 190 -33.41 38.00 -27.37
CA TYR G 190 -33.48 36.57 -27.19
C TYR G 190 -34.11 35.89 -28.40
N ASN G 191 -35.31 36.34 -28.80
CA ASN G 191 -35.99 35.68 -29.90
C ASN G 191 -35.21 35.77 -31.20
N GLY G 192 -34.36 36.80 -31.32
CA GLY G 192 -33.59 36.95 -32.54
C GLY G 192 -32.60 35.84 -32.78
N SER G 193 -32.23 35.08 -31.75
CA SER G 193 -31.26 34.00 -31.94
C SER G 193 -31.78 32.69 -31.42
N HIS G 194 -33.09 32.58 -31.23
CA HIS G 194 -33.70 31.39 -30.67
C HIS G 194 -35.03 31.11 -31.35
N TYR G 195 -35.15 29.91 -31.88
CA TYR G 195 -36.42 29.39 -32.37
C TYR G 195 -37.32 29.09 -31.18
N ARG G 196 -38.57 29.54 -31.24
CA ARG G 196 -39.48 29.50 -30.08
C ARG G 196 -40.58 28.46 -30.30
N ASN G 197 -40.35 27.25 -29.79
CA ASN G 197 -41.36 26.20 -29.63
C ASN G 197 -41.85 25.59 -30.94
N SER G 198 -42.50 26.36 -31.80
CA SER G 198 -43.02 25.81 -33.05
C SER G 198 -43.06 26.94 -34.08
N TYR G 199 -43.30 26.55 -35.33
CA TYR G 199 -43.39 27.54 -36.40
C TYR G 199 -44.50 28.54 -36.10
N PHE G 200 -45.69 28.05 -35.79
CA PHE G 200 -46.81 28.97 -35.58
C PHE G 200 -46.64 29.75 -34.31
N TYR G 201 -46.16 29.10 -33.25
CA TYR G 201 -45.90 29.79 -31.99
C TYR G 201 -44.80 30.83 -32.18
N ASP G 202 -43.73 30.46 -32.86
CA ASP G 202 -42.64 31.39 -33.09
C ASP G 202 -43.12 32.57 -33.91
N LEU G 203 -43.93 32.34 -34.94
CA LEU G 203 -44.37 33.46 -35.77
C LEU G 203 -45.24 34.43 -34.98
N VAL G 204 -46.12 33.93 -34.13
CA VAL G 204 -47.01 34.81 -33.38
C VAL G 204 -46.21 35.70 -32.42
N LYS G 205 -45.29 35.10 -31.69
CA LYS G 205 -44.54 35.85 -30.69
C LYS G 205 -43.66 36.91 -31.32
N ASN G 206 -43.11 36.64 -32.51
CA ASN G 206 -42.27 37.65 -33.16
C ASN G 206 -43.09 38.70 -33.90
N SER G 207 -44.33 38.37 -34.31
CA SER G 207 -45.23 39.39 -34.81
C SER G 207 -45.61 40.38 -33.73
N VAL G 208 -45.83 39.90 -32.50
CA VAL G 208 -46.21 40.85 -31.48
C VAL G 208 -45.06 41.77 -31.12
N LEU G 209 -43.82 41.26 -31.20
CA LEU G 209 -42.65 42.13 -31.03
C LEU G 209 -42.67 43.28 -32.02
N ARG G 210 -42.92 42.98 -33.30
CA ARG G 210 -42.93 44.01 -34.33
C ARG G 210 -44.06 45.00 -34.12
N MET G 211 -45.19 44.53 -33.58
CA MET G 211 -46.32 45.39 -33.30
C MET G 211 -45.94 46.54 -32.39
N GLY G 212 -45.07 46.28 -31.41
CA GLY G 212 -44.63 47.36 -30.55
C GLY G 212 -43.81 48.38 -31.30
N TYR G 213 -42.97 47.92 -32.20
CA TYR G 213 -42.18 48.81 -33.02
C TYR G 213 -43.07 49.58 -33.99
N VAL G 214 -44.02 48.89 -34.62
CA VAL G 214 -44.89 49.55 -35.58
C VAL G 214 -45.78 50.57 -34.89
N LEU G 215 -46.41 50.18 -33.79
CA LEU G 215 -47.29 51.11 -33.11
C LEU G 215 -46.52 52.28 -32.53
N ALA G 216 -45.27 52.09 -32.12
CA ALA G 216 -44.48 53.22 -31.65
C ALA G 216 -44.31 54.25 -32.76
N HIS G 217 -44.14 53.80 -34.00
CA HIS G 217 -44.05 54.72 -35.12
C HIS G 217 -45.39 55.41 -35.37
N GLU G 218 -46.51 54.73 -35.15
CA GLU G 218 -47.81 55.36 -35.41
C GLU G 218 -48.27 56.28 -34.29
N LEU G 219 -47.86 56.04 -33.06
CA LEU G 219 -48.37 56.79 -31.92
C LEU G 219 -47.58 58.05 -31.59
N GLU G 220 -46.33 58.15 -32.03
CA GLU G 220 -45.49 59.27 -31.65
C GLU G 220 -46.10 60.65 -31.91
N PRO G 221 -46.75 60.94 -33.05
CA PRO G 221 -47.33 62.28 -33.22
C PRO G 221 -48.41 62.60 -32.24
N TYR G 222 -49.00 61.59 -31.59
CA TYR G 222 -50.07 61.83 -30.65
C TYR G 222 -49.56 61.84 -29.23
N GLY G 223 -48.26 61.79 -29.05
CA GLY G 223 -47.74 61.67 -27.71
C GLY G 223 -47.95 60.33 -27.08
N GLY G 224 -48.19 59.29 -27.86
CA GLY G 224 -48.39 57.96 -27.32
C GLY G 224 -47.11 57.16 -27.34
N THR G 225 -47.05 56.14 -26.48
CA THR G 225 -45.91 55.25 -26.35
C THR G 225 -46.38 53.82 -26.48
N ALA G 226 -45.63 53.02 -27.23
CA ALA G 226 -45.89 51.59 -27.32
C ALA G 226 -44.61 50.82 -27.05
N VAL G 227 -44.74 49.74 -26.28
CA VAL G 227 -43.67 48.81 -26.04
C VAL G 227 -44.24 47.41 -26.17
N THR G 228 -43.34 46.46 -26.39
CA THR G 228 -43.66 45.05 -26.30
C THR G 228 -42.96 44.51 -25.07
N LEU G 229 -43.70 43.83 -24.22
CA LEU G 229 -43.19 43.38 -22.94
C LEU G 229 -43.31 41.88 -22.83
N THR G 230 -42.29 41.24 -22.26
CA THR G 230 -42.41 39.83 -21.97
C THR G 230 -42.19 39.58 -20.49
N PRO G 231 -42.92 38.66 -19.90
CA PRO G 231 -42.58 38.18 -18.55
C PRO G 231 -41.46 37.17 -18.63
N GLY G 232 -41.10 36.64 -17.47
CA GLY G 232 -40.16 35.54 -17.43
C GLY G 232 -40.90 34.23 -17.45
N TRP G 233 -40.48 33.29 -16.63
CA TRP G 233 -41.18 32.01 -16.48
C TRP G 233 -42.17 32.17 -15.35
N MET G 234 -43.44 32.37 -15.69
CA MET G 234 -44.45 32.73 -14.72
C MET G 234 -45.00 31.52 -13.97
N ARG G 235 -45.14 31.68 -12.67
CA ARG G 235 -45.83 30.69 -11.85
C ARG G 235 -47.34 30.90 -11.98
N SER G 236 -47.82 30.69 -13.20
CA SER G 236 -49.24 30.85 -13.45
C SER G 236 -50.01 29.75 -12.74
N GLU G 237 -51.31 29.95 -12.67
CA GLU G 237 -52.19 28.97 -12.03
C GLU G 237 -52.10 27.63 -12.74
N MET G 238 -52.02 27.65 -14.06
CA MET G 238 -51.96 26.41 -14.82
C MET G 238 -50.57 25.80 -14.75
N MET G 239 -49.53 26.64 -14.72
CA MET G 239 -48.17 26.12 -14.58
C MET G 239 -48.01 25.43 -13.24
N LEU G 240 -48.56 26.02 -12.18
CA LEU G 240 -48.45 25.40 -10.87
C LEU G 240 -49.24 24.10 -10.82
N GLU G 241 -50.43 24.08 -11.42
CA GLU G 241 -51.27 22.88 -11.43
C GLU G 241 -50.60 21.76 -12.18
N THR G 242 -49.89 22.10 -13.26
CA THR G 242 -49.13 21.10 -14.00
C THR G 242 -48.06 20.48 -13.14
N LEU G 243 -47.46 21.25 -12.26
CA LEU G 243 -46.40 20.75 -11.39
C LEU G 243 -46.92 20.21 -10.07
N GLY G 244 -48.20 20.34 -9.79
CA GLY G 244 -48.78 19.79 -8.59
C GLY G 244 -48.47 20.54 -7.32
N VAL G 245 -48.21 21.84 -7.40
CA VAL G 245 -47.85 22.63 -6.24
C VAL G 245 -48.73 23.87 -6.17
N THR G 246 -48.70 24.52 -5.03
CA THR G 246 -49.29 25.83 -4.88
C THR G 246 -48.17 26.85 -4.80
N GLU G 247 -48.56 28.11 -4.85
CA GLU G 247 -47.58 29.16 -4.72
C GLU G 247 -46.89 29.10 -3.37
N GLU G 248 -47.61 28.70 -2.33
CA GLU G 248 -47.01 28.70 -1.00
C GLU G 248 -45.87 27.72 -0.90
N ASN G 249 -45.86 26.70 -1.74
CA ASN G 249 -44.84 25.67 -1.69
C ASN G 249 -44.31 25.40 -3.08
N TRP G 250 -44.11 26.45 -3.88
CA TRP G 250 -43.80 26.23 -5.27
C TRP G 250 -42.43 25.59 -5.47
N ARG G 251 -41.50 25.80 -4.55
CA ARG G 251 -40.18 25.21 -4.75
C ARG G 251 -40.15 23.70 -4.59
N ASP G 252 -41.26 23.06 -4.22
CA ASP G 252 -41.33 21.61 -4.25
C ASP G 252 -41.14 21.06 -5.65
N ALA G 253 -41.46 21.84 -6.67
CA ALA G 253 -41.35 21.36 -8.04
C ALA G 253 -39.91 21.34 -8.53
N LEU G 254 -38.98 21.88 -7.76
CA LEU G 254 -37.61 22.00 -8.23
C LEU G 254 -36.96 20.64 -8.41
N THR G 255 -37.40 19.61 -7.69
CA THR G 255 -36.88 18.28 -7.97
C THR G 255 -37.28 17.85 -9.37
N GLU G 256 -38.50 18.19 -9.78
CA GLU G 256 -38.94 17.73 -11.08
C GLU G 256 -38.41 18.60 -12.22
N VAL G 257 -38.47 19.92 -12.05
CA VAL G 257 -37.94 20.87 -13.02
C VAL G 257 -36.93 21.75 -12.29
N PRO G 258 -35.65 21.39 -12.28
CA PRO G 258 -34.68 22.17 -11.50
C PRO G 258 -34.53 23.61 -11.95
N HIS G 259 -34.63 23.89 -13.23
CA HIS G 259 -34.47 25.25 -13.71
C HIS G 259 -35.66 26.14 -13.43
N PHE G 260 -36.72 25.61 -12.82
CA PHE G 260 -37.85 26.40 -12.36
C PHE G 260 -37.45 27.35 -11.24
N CYS G 261 -36.22 27.26 -10.74
CA CYS G 261 -35.74 28.14 -9.70
C CYS G 261 -35.63 29.58 -10.16
N ILE G 262 -35.75 29.85 -11.47
CA ILE G 262 -35.76 31.21 -12.00
C ILE G 262 -37.18 31.79 -12.12
N SER G 263 -38.21 31.05 -11.74
CA SER G 263 -39.58 31.46 -11.98
C SER G 263 -39.96 32.68 -11.15
N GLU G 264 -41.01 33.36 -11.59
CA GLU G 264 -41.53 34.55 -10.95
C GLU G 264 -43.03 34.41 -10.83
N SER G 265 -43.61 35.13 -9.88
CA SER G 265 -45.06 35.15 -9.86
C SER G 265 -45.58 36.03 -10.98
N PRO G 266 -46.82 35.82 -11.42
CA PRO G 266 -47.38 36.68 -12.46
C PRO G 266 -47.44 38.15 -12.09
N SER G 267 -47.49 38.48 -10.80
CA SER G 267 -47.52 39.87 -10.37
C SER G 267 -46.26 40.63 -10.71
N TYR G 268 -45.16 39.92 -10.98
CA TYR G 268 -43.90 40.56 -11.36
C TYR G 268 -44.08 41.40 -12.62
N VAL G 269 -44.62 40.81 -13.68
CA VAL G 269 -44.84 41.56 -14.91
C VAL G 269 -45.97 42.56 -14.71
N GLY G 270 -46.89 42.31 -13.78
CA GLY G 270 -47.90 43.31 -13.47
C GLY G 270 -47.30 44.56 -12.90
N ARG G 271 -46.28 44.42 -12.04
CA ARG G 271 -45.56 45.58 -11.53
C ARG G 271 -44.71 46.22 -12.62
N ALA G 272 -44.28 45.45 -13.61
CA ALA G 272 -43.54 46.03 -14.72
C ALA G 272 -44.41 46.96 -15.53
N VAL G 273 -45.63 46.55 -15.84
CA VAL G 273 -46.55 47.42 -16.57
C VAL G 273 -46.93 48.63 -15.72
N ALA G 274 -47.22 48.40 -14.44
CA ALA G 274 -47.58 49.50 -13.55
C ALA G 274 -46.45 50.51 -13.41
N ALA G 275 -45.21 50.03 -13.45
CA ALA G 275 -44.08 50.96 -13.39
C ALA G 275 -44.03 51.82 -14.64
N LEU G 276 -44.29 51.23 -15.81
CA LEU G 276 -44.33 52.00 -17.05
C LEU G 276 -45.45 53.00 -17.02
N ALA G 277 -46.64 52.59 -16.59
CA ALA G 277 -47.77 53.48 -16.58
C ALA G 277 -47.57 54.63 -15.60
N GLY G 278 -46.68 54.46 -14.62
CA GLY G 278 -46.34 55.53 -13.71
C GLY G 278 -45.14 56.35 -14.11
N ASP G 279 -44.49 56.02 -15.21
CA ASP G 279 -43.30 56.72 -15.63
C ASP G 279 -43.68 57.94 -16.45
N ALA G 280 -43.37 59.14 -15.95
CA ALA G 280 -43.69 60.35 -16.70
C ALA G 280 -42.86 60.46 -17.96
N ASP G 281 -41.68 59.85 -17.97
CA ASP G 281 -40.85 59.79 -19.16
C ASP G 281 -40.90 58.41 -19.80
N VAL G 282 -42.07 57.77 -19.77
CA VAL G 282 -42.16 56.42 -20.30
C VAL G 282 -41.86 56.41 -21.78
N ALA G 283 -41.96 57.58 -22.43
CA ALA G 283 -41.69 57.65 -23.86
C ALA G 283 -40.27 57.25 -24.20
N ARG G 284 -39.37 57.22 -23.20
CA ARG G 284 -38.01 56.76 -23.43
C ARG G 284 -37.96 55.30 -23.84
N TRP G 285 -39.04 54.56 -23.64
CA TRP G 285 -39.13 53.15 -24.01
C TRP G 285 -39.78 52.91 -25.36
N ASN G 286 -40.16 53.95 -26.07
CA ASN G 286 -41.06 53.82 -27.22
C ASN G 286 -40.51 52.85 -28.25
N GLY G 287 -41.30 51.83 -28.59
CA GLY G 287 -40.93 50.89 -29.64
C GLY G 287 -40.01 49.79 -29.23
N GLN G 288 -39.60 49.77 -27.97
CA GLN G 288 -38.60 48.82 -27.54
C GLN G 288 -39.21 47.53 -27.07
N SER G 289 -38.41 46.48 -27.14
CA SER G 289 -38.71 45.21 -26.52
C SER G 289 -38.10 45.19 -25.11
N VAL G 290 -38.91 44.84 -24.13
CA VAL G 290 -38.48 44.84 -22.74
C VAL G 290 -38.95 43.55 -22.08
N SER G 291 -38.35 43.24 -20.95
CA SER G 291 -38.71 42.07 -20.17
C SER G 291 -39.04 42.50 -18.75
N SER G 292 -39.77 41.64 -18.04
CA SER G 292 -40.14 41.96 -16.66
C SER G 292 -38.90 42.05 -15.77
N GLY G 293 -37.93 41.18 -16.00
CA GLY G 293 -36.71 41.23 -15.21
C GLY G 293 -35.90 42.48 -15.49
N GLN G 294 -35.88 42.92 -16.73
CA GLN G 294 -35.18 44.16 -17.07
C GLN G 294 -35.84 45.37 -16.42
N LEU G 295 -37.16 45.42 -16.41
CA LEU G 295 -37.85 46.57 -15.83
C LEU G 295 -37.74 46.55 -14.31
N ALA G 296 -37.58 45.38 -13.70
CA ALA G 296 -37.36 45.34 -12.26
C ALA G 296 -36.01 45.96 -11.90
N GLN G 297 -34.98 45.70 -12.70
CA GLN G 297 -33.71 46.35 -12.46
C GLN G 297 -33.79 47.85 -12.71
N GLU G 298 -34.55 48.26 -13.71
CA GLU G 298 -34.55 49.67 -14.09
C GLU G 298 -35.36 50.50 -13.10
N TYR G 299 -36.53 49.99 -12.70
CA TYR G 299 -37.45 50.73 -11.83
C TYR G 299 -37.28 50.39 -10.35
N GLY G 300 -36.81 49.20 -10.02
CA GLY G 300 -36.51 48.87 -8.64
C GLY G 300 -37.57 48.10 -7.89
N PHE G 301 -38.67 47.74 -8.54
CA PHE G 301 -39.65 46.91 -7.87
C PHE G 301 -39.10 45.49 -7.72
N THR G 302 -39.78 44.69 -6.90
CA THR G 302 -39.43 43.30 -6.71
C THR G 302 -40.65 42.44 -6.96
N ASP G 303 -40.45 41.14 -7.08
CA ASP G 303 -41.57 40.23 -7.06
C ASP G 303 -42.18 40.23 -5.67
N LEU G 304 -43.29 39.53 -5.52
CA LEU G 304 -43.96 39.52 -4.24
C LEU G 304 -43.05 39.00 -3.15
N ASP G 305 -42.15 38.10 -3.49
CA ASP G 305 -41.26 37.56 -2.49
C ASP G 305 -40.00 38.40 -2.32
N GLY G 306 -39.92 39.55 -2.96
CA GLY G 306 -38.78 40.41 -2.80
C GLY G 306 -37.62 40.12 -3.70
N SER G 307 -37.72 39.12 -4.55
CA SER G 307 -36.62 38.82 -5.45
C SER G 307 -36.82 39.56 -6.77
N ARG G 308 -35.82 39.49 -7.64
CA ARG G 308 -35.87 40.12 -8.97
C ARG G 308 -35.37 39.16 -10.04
N PRO G 309 -36.17 38.14 -10.40
CA PRO G 309 -35.74 37.18 -11.42
C PRO G 309 -35.41 37.83 -12.75
N ASP G 310 -34.33 37.37 -13.37
CA ASP G 310 -33.87 37.83 -14.68
C ASP G 310 -33.87 36.63 -15.61
N CYS G 311 -35.05 36.28 -16.13
CA CYS G 311 -35.23 34.99 -16.80
C CYS G 311 -34.39 34.88 -18.07
N TRP G 312 -34.38 35.91 -18.91
CA TRP G 312 -33.80 35.74 -20.23
C TRP G 312 -32.28 35.78 -20.18
N ARG G 313 -31.71 36.45 -19.19
CA ARG G 313 -30.27 36.38 -18.97
C ARG G 313 -29.87 35.04 -18.35
N TYR G 314 -30.70 34.49 -17.48
CA TYR G 314 -30.44 33.18 -16.88
C TYR G 314 -30.48 32.08 -17.92
N LEU G 315 -31.48 32.12 -18.82
CA LEU G 315 -31.66 31.04 -19.79
C LEU G 315 -30.43 30.89 -20.66
N VAL G 316 -29.83 32.00 -21.07
CA VAL G 316 -28.68 31.98 -21.95
C VAL G 316 -27.42 31.60 -21.18
N GLU G 317 -27.21 32.24 -20.03
CA GLU G 317 -25.95 32.13 -19.33
C GLU G 317 -25.89 30.87 -18.47
N VAL G 318 -27.01 30.31 -18.08
CA VAL G 318 -26.99 29.13 -17.24
C VAL G 318 -27.59 27.94 -17.95
N GLN G 319 -28.89 28.02 -18.23
CA GLN G 319 -29.64 26.85 -18.70
C GLN G 319 -29.13 26.38 -20.06
N GLU G 320 -29.06 27.28 -21.04
CA GLU G 320 -28.56 26.90 -22.35
C GLU G 320 -27.06 26.70 -22.39
N ALA G 321 -26.33 27.23 -21.43
CA ALA G 321 -24.89 27.02 -21.36
C ALA G 321 -24.51 25.68 -20.76
N GLY G 322 -25.48 24.84 -20.43
CA GLY G 322 -25.20 23.54 -19.88
C GLY G 322 -24.81 23.52 -18.42
N LYS G 323 -24.81 24.65 -17.76
CA LYS G 323 -24.43 24.68 -16.37
C LYS G 323 -25.57 24.13 -15.53
N PRO G 324 -25.29 23.69 -14.30
CA PRO G 324 -26.38 23.18 -13.45
C PRO G 324 -27.30 24.31 -13.02
N ALA G 325 -28.54 23.93 -12.67
CA ALA G 325 -29.52 24.89 -12.21
C ALA G 325 -29.05 25.57 -10.93
N ASP G 326 -28.94 26.88 -10.97
CA ASP G 326 -28.43 27.67 -9.86
C ASP G 326 -28.88 29.11 -10.05
N PRO G 327 -29.78 29.60 -9.22
CA PRO G 327 -30.32 30.95 -9.43
C PRO G 327 -29.43 32.07 -8.94
N SER G 328 -28.24 31.78 -8.38
CA SER G 328 -27.41 32.81 -7.77
C SER G 328 -27.06 33.89 -8.78
N GLY G 329 -27.34 35.15 -8.43
CA GLY G 329 -27.01 36.25 -9.29
C GLY G 329 -28.02 36.54 -10.36
N TYR G 330 -29.13 35.80 -10.38
CA TYR G 330 -30.15 35.96 -11.40
C TYR G 330 -31.53 36.21 -10.79
N ARG G 331 -31.60 36.43 -9.48
CA ARG G 331 -32.86 36.80 -8.85
C ARG G 331 -32.58 37.53 -7.55
N ALA H 29 -21.81 -10.19 -7.23
CA ALA H 29 -22.94 -10.82 -7.90
C ALA H 29 -23.74 -9.83 -8.73
N PRO H 30 -24.23 -10.29 -9.89
CA PRO H 30 -25.00 -9.42 -10.78
C PRO H 30 -26.36 -9.05 -10.21
N ASP H 31 -26.76 -7.81 -10.47
CA ASP H 31 -28.07 -7.33 -10.08
C ASP H 31 -28.88 -7.22 -11.37
N LEU H 32 -29.83 -8.14 -11.54
CA LEU H 32 -30.63 -8.17 -12.75
C LEU H 32 -32.08 -7.83 -12.48
N ARG H 33 -32.35 -7.15 -11.37
CA ARG H 33 -33.70 -6.70 -11.10
C ARG H 33 -34.12 -5.74 -12.19
N GLY H 34 -35.36 -5.89 -12.66
CA GLY H 34 -35.86 -5.07 -13.73
C GLY H 34 -35.55 -5.54 -15.13
N LYS H 35 -34.72 -6.56 -15.29
CA LYS H 35 -34.39 -7.10 -16.60
C LYS H 35 -35.45 -8.10 -17.05
N ILE H 36 -35.68 -8.15 -18.36
CA ILE H 36 -36.57 -9.12 -18.97
C ILE H 36 -35.71 -10.09 -19.77
N ALA H 37 -35.81 -11.38 -19.45
CA ALA H 37 -35.04 -12.43 -20.12
C ALA H 37 -35.96 -13.53 -20.64
N LEU H 38 -35.51 -14.23 -21.67
CA LEU H 38 -36.22 -15.38 -22.17
C LEU H 38 -35.23 -16.50 -22.41
N VAL H 39 -35.51 -17.68 -21.87
CA VAL H 39 -34.68 -18.84 -22.11
C VAL H 39 -35.53 -19.84 -22.87
N ALA H 40 -35.19 -20.03 -24.15
CA ALA H 40 -35.89 -20.99 -25.00
C ALA H 40 -35.29 -22.36 -24.77
N GLY H 41 -36.13 -23.32 -24.43
CA GLY H 41 -35.67 -24.65 -24.06
C GLY H 41 -35.23 -24.69 -22.62
N ALA H 42 -36.16 -24.43 -21.71
CA ALA H 42 -35.82 -24.33 -20.30
C ALA H 42 -36.51 -25.42 -19.47
N THR H 43 -36.97 -26.49 -20.10
CA THR H 43 -37.64 -27.53 -19.33
C THR H 43 -36.65 -28.22 -18.41
N ARG H 44 -35.45 -28.48 -18.89
CA ARG H 44 -34.48 -29.24 -18.12
C ARG H 44 -33.09 -28.76 -18.50
N GLY H 45 -32.09 -29.35 -17.86
CA GLY H 45 -30.71 -29.17 -18.26
C GLY H 45 -30.24 -27.74 -18.08
N ALA H 46 -29.36 -27.32 -18.99
CA ALA H 46 -28.77 -26.00 -18.86
C ALA H 46 -29.83 -24.91 -18.95
N GLY H 47 -30.84 -25.10 -19.81
CA GLY H 47 -31.86 -24.09 -19.95
C GLY H 47 -32.58 -23.79 -18.65
N ARG H 48 -32.95 -24.83 -17.91
CA ARG H 48 -33.61 -24.61 -16.63
C ARG H 48 -32.66 -23.93 -15.66
N ALA H 49 -31.42 -24.41 -15.57
CA ALA H 49 -30.48 -23.83 -14.63
C ALA H 49 -30.16 -22.38 -14.98
N ILE H 50 -30.07 -22.07 -16.28
CA ILE H 50 -29.85 -20.68 -16.68
C ILE H 50 -31.03 -19.82 -16.24
N ALA H 51 -32.25 -20.31 -16.44
CA ALA H 51 -33.44 -19.56 -16.05
C ALA H 51 -33.46 -19.32 -14.56
N VAL H 52 -33.10 -20.34 -13.77
CA VAL H 52 -33.13 -20.21 -12.31
C VAL H 52 -32.08 -19.22 -11.85
N GLN H 53 -30.86 -19.31 -12.38
CA GLN H 53 -29.81 -18.39 -11.98
C GLN H 53 -30.09 -16.97 -12.45
N LEU H 54 -30.84 -16.80 -13.53
CA LEU H 54 -31.28 -15.46 -13.90
C LEU H 54 -32.35 -14.97 -12.92
N GLY H 55 -33.23 -15.85 -12.48
CA GLY H 55 -34.20 -15.47 -11.48
C GLY H 55 -33.56 -15.18 -10.13
N ALA H 56 -32.51 -15.93 -9.78
CA ALA H 56 -31.80 -15.66 -8.55
C ALA H 56 -31.21 -14.27 -8.53
N ALA H 57 -30.88 -13.73 -9.69
CA ALA H 57 -30.39 -12.37 -9.80
C ALA H 57 -31.52 -11.36 -9.86
N GLY H 58 -32.76 -11.82 -9.80
CA GLY H 58 -33.90 -10.93 -9.68
C GLY H 58 -34.65 -10.66 -10.97
N ALA H 59 -34.36 -11.38 -12.03
CA ALA H 59 -34.94 -11.05 -13.32
C ALA H 59 -36.30 -11.73 -13.50
N THR H 60 -37.07 -11.18 -14.43
CA THR H 60 -38.26 -11.85 -14.94
C THR H 60 -37.82 -12.74 -16.10
N VAL H 61 -38.07 -14.04 -16.00
CA VAL H 61 -37.58 -14.98 -16.99
C VAL H 61 -38.76 -15.70 -17.61
N TYR H 62 -38.95 -15.50 -18.90
CA TYR H 62 -39.86 -16.35 -19.66
C TYR H 62 -39.13 -17.64 -20.00
N VAL H 63 -39.77 -18.77 -19.75
CA VAL H 63 -39.19 -20.08 -19.95
C VAL H 63 -40.10 -20.87 -20.88
N THR H 64 -39.52 -21.51 -21.91
CA THR H 64 -40.34 -22.20 -22.89
C THR H 64 -39.89 -23.64 -23.09
N GLY H 65 -40.83 -24.43 -23.54
CA GLY H 65 -40.65 -25.86 -23.73
C GLY H 65 -42.00 -26.46 -24.05
N ARG H 66 -41.97 -27.70 -24.52
CA ARG H 66 -43.20 -28.38 -24.92
C ARG H 66 -43.84 -29.19 -23.81
N THR H 67 -43.05 -29.69 -22.90
CA THR H 67 -43.50 -30.60 -21.86
C THR H 67 -44.20 -29.81 -20.77
N THR H 68 -45.52 -29.93 -20.70
CA THR H 68 -46.32 -29.24 -19.70
C THR H 68 -46.99 -30.22 -18.77
N ARG H 69 -47.64 -29.67 -17.74
CA ARG H 69 -48.30 -30.48 -16.74
C ARG H 69 -49.60 -31.13 -17.24
N GLU H 79 -39.92 -32.00 -14.04
CA GLU H 79 -39.45 -32.15 -15.40
C GLU H 79 -40.36 -31.46 -16.40
N THR H 80 -40.98 -30.36 -15.97
CA THR H 80 -41.86 -29.58 -16.82
C THR H 80 -41.43 -28.13 -16.86
N ILE H 81 -41.97 -27.42 -17.86
CA ILE H 81 -41.69 -26.00 -18.01
C ILE H 81 -42.36 -25.20 -16.90
N GLU H 82 -43.52 -25.66 -16.42
CA GLU H 82 -44.17 -25.00 -15.29
C GLU H 82 -43.35 -25.12 -14.04
N GLU H 83 -42.74 -26.28 -13.84
CA GLU H 83 -41.87 -26.42 -12.69
C GLU H 83 -40.70 -25.46 -12.81
N THR H 84 -40.15 -25.31 -14.02
CA THR H 84 -39.05 -24.39 -14.23
C THR H 84 -39.44 -22.98 -13.87
N ALA H 85 -40.64 -22.55 -14.27
CA ALA H 85 -41.07 -21.20 -13.92
C ALA H 85 -41.17 -21.04 -12.41
N GLU H 86 -41.71 -22.04 -11.72
CA GLU H 86 -41.83 -21.95 -10.27
C GLU H 86 -40.47 -21.93 -9.60
N LEU H 87 -39.50 -22.66 -10.14
CA LEU H 87 -38.16 -22.61 -9.57
C LEU H 87 -37.55 -21.23 -9.75
N VAL H 88 -37.86 -20.56 -10.85
CA VAL H 88 -37.37 -19.20 -11.07
C VAL H 88 -37.96 -18.25 -10.03
N THR H 89 -39.23 -18.42 -9.70
CA THR H 89 -39.85 -17.56 -8.70
C THR H 89 -39.26 -17.83 -7.32
N GLU H 90 -39.11 -19.10 -6.97
CA GLU H 90 -38.53 -19.45 -5.68
C GLU H 90 -37.14 -18.88 -5.54
N ALA H 91 -36.37 -18.88 -6.63
CA ALA H 91 -34.99 -18.39 -6.58
C ALA H 91 -34.90 -16.90 -6.36
N GLY H 92 -36.01 -16.17 -6.48
CA GLY H 92 -35.95 -14.75 -6.24
C GLY H 92 -36.29 -13.99 -7.50
N GLY H 93 -36.74 -14.70 -8.52
CA GLY H 93 -37.10 -14.01 -9.72
C GLY H 93 -38.57 -14.20 -10.05
N THR H 94 -38.90 -14.08 -11.33
CA THR H 94 -40.26 -14.29 -11.80
C THR H 94 -40.16 -15.13 -13.05
N GLY H 95 -40.63 -16.37 -12.97
CA GLY H 95 -40.65 -17.25 -14.12
C GLY H 95 -42.05 -17.34 -14.68
N ILE H 96 -42.15 -17.15 -15.99
CA ILE H 96 -43.41 -17.21 -16.70
C ILE H 96 -43.28 -18.27 -17.76
N ALA H 97 -44.04 -19.34 -17.63
CA ALA H 97 -43.95 -20.47 -18.54
C ALA H 97 -44.82 -20.20 -19.76
N VAL H 98 -44.24 -20.38 -20.94
CA VAL H 98 -45.00 -20.27 -22.17
C VAL H 98 -44.74 -21.55 -22.96
N PRO H 99 -45.62 -22.55 -22.89
CA PRO H 99 -45.44 -23.75 -23.69
C PRO H 99 -45.42 -23.39 -25.17
N THR H 100 -44.36 -23.81 -25.84
CA THR H 100 -44.13 -23.41 -27.22
C THR H 100 -43.44 -24.54 -27.96
N ASP H 101 -43.91 -24.85 -29.15
CA ASP H 101 -43.17 -25.72 -30.06
C ASP H 101 -42.34 -24.81 -30.94
N HIS H 102 -41.03 -24.76 -30.65
CA HIS H 102 -40.16 -23.85 -31.37
C HIS H 102 -39.91 -24.27 -32.81
N LEU H 103 -40.47 -25.40 -33.26
CA LEU H 103 -40.48 -25.69 -34.68
C LEU H 103 -41.71 -25.15 -35.36
N VAL H 104 -42.65 -24.61 -34.60
CA VAL H 104 -43.88 -24.03 -35.13
C VAL H 104 -43.73 -22.51 -35.09
N PRO H 105 -43.50 -21.86 -36.24
CA PRO H 105 -43.27 -20.43 -36.24
C PRO H 105 -44.40 -19.62 -35.63
N GLU H 106 -45.64 -20.03 -35.86
CA GLU H 106 -46.76 -19.27 -35.33
C GLU H 106 -46.72 -19.25 -33.82
N GLN H 107 -46.27 -20.34 -33.19
CA GLN H 107 -46.19 -20.35 -31.74
C GLN H 107 -45.05 -19.46 -31.26
N VAL H 108 -44.00 -19.36 -32.05
CA VAL H 108 -42.91 -18.48 -31.66
C VAL H 108 -43.30 -17.03 -31.93
N ARG H 109 -44.13 -16.79 -32.95
CA ARG H 109 -44.63 -15.43 -33.17
C ARG H 109 -45.52 -14.98 -32.03
N ALA H 110 -46.42 -15.85 -31.57
CA ALA H 110 -47.25 -15.52 -30.43
C ALA H 110 -46.39 -15.29 -29.19
N LEU H 111 -45.34 -16.09 -29.03
CA LEU H 111 -44.43 -15.92 -27.91
C LEU H 111 -43.85 -14.52 -27.89
N ALA H 112 -43.37 -14.03 -29.03
CA ALA H 112 -42.80 -12.70 -29.12
C ALA H 112 -43.82 -11.61 -28.88
N ASP H 113 -45.05 -11.81 -29.39
CA ASP H 113 -46.11 -10.84 -29.16
C ASP H 113 -46.45 -10.76 -27.68
N ARG H 114 -46.36 -11.88 -26.97
CA ARG H 114 -46.71 -11.91 -25.56
C ARG H 114 -45.72 -11.12 -24.72
N VAL H 115 -44.43 -11.31 -24.95
CA VAL H 115 -43.43 -10.59 -24.17
C VAL H 115 -43.54 -9.10 -24.41
N ASP H 116 -43.75 -8.71 -25.66
CA ASP H 116 -43.93 -7.31 -25.96
C ASP H 116 -45.18 -6.77 -25.30
N THR H 117 -46.25 -7.57 -25.31
CA THR H 117 -47.50 -7.15 -24.70
C THR H 117 -47.35 -6.97 -23.20
N GLU H 118 -46.66 -7.90 -22.53
CA GLU H 118 -46.59 -7.80 -21.08
C GLU H 118 -45.50 -6.86 -20.64
N GLN H 119 -44.38 -6.84 -21.34
CA GLN H 119 -43.19 -6.17 -20.86
C GLN H 119 -42.72 -5.05 -21.75
N GLY H 120 -42.96 -5.11 -23.05
CA GLY H 120 -42.47 -4.07 -23.93
C GLY H 120 -40.97 -4.06 -24.14
N ARG H 121 -40.25 -5.09 -23.73
CA ARG H 121 -38.80 -5.10 -23.84
C ARG H 121 -38.32 -6.53 -23.67
N LEU H 122 -37.11 -6.79 -24.17
CA LEU H 122 -36.44 -8.07 -23.95
C LEU H 122 -34.96 -7.78 -23.86
N ASP H 123 -34.36 -8.05 -22.71
CA ASP H 123 -32.97 -7.68 -22.49
C ASP H 123 -32.00 -8.81 -22.77
N VAL H 124 -32.37 -10.05 -22.47
CA VAL H 124 -31.49 -11.18 -22.64
C VAL H 124 -32.26 -12.30 -23.30
N LEU H 125 -31.70 -12.87 -24.35
CA LEU H 125 -32.30 -14.00 -25.05
C LEU H 125 -31.30 -15.16 -25.07
N VAL H 126 -31.72 -16.31 -24.55
CA VAL H 126 -30.88 -17.50 -24.51
C VAL H 126 -31.60 -18.64 -25.23
N ASN H 127 -30.93 -19.24 -26.23
CA ASN H 127 -31.48 -20.34 -27.04
C ASN H 127 -30.83 -21.63 -26.62
N ASP H 128 -31.58 -22.50 -25.96
CA ASP H 128 -31.06 -23.79 -25.57
C ASP H 128 -31.94 -24.91 -26.10
N VAL H 129 -32.78 -24.65 -27.10
CA VAL H 129 -33.70 -25.66 -27.55
C VAL H 129 -32.91 -26.80 -28.17
N TRP H 130 -33.28 -28.04 -27.84
CA TRP H 130 -32.62 -29.20 -28.42
C TRP H 130 -33.63 -30.31 -28.62
N GLY H 131 -33.20 -31.32 -29.34
CA GLY H 131 -34.04 -32.43 -29.71
C GLY H 131 -33.54 -33.73 -29.15
N LEU H 135 -31.84 -39.34 -30.48
CA LEU H 135 -31.52 -39.33 -31.90
C LEU H 135 -30.02 -39.37 -32.11
N PHE H 136 -29.28 -38.99 -31.09
CA PHE H 136 -27.84 -39.09 -31.15
C PHE H 136 -27.45 -40.56 -31.20
N GLU H 137 -26.49 -40.89 -32.09
CA GLU H 137 -25.84 -42.20 -32.15
C GLU H 137 -24.35 -41.96 -32.07
N PHE H 138 -23.73 -42.37 -30.97
CA PHE H 138 -22.37 -41.95 -30.67
C PHE H 138 -21.29 -42.81 -31.27
N ASP H 139 -21.65 -43.84 -32.02
CA ASP H 139 -20.64 -44.80 -32.47
C ASP H 139 -20.68 -45.03 -33.97
N LYS H 140 -21.27 -44.12 -34.75
CA LYS H 140 -21.69 -44.44 -36.09
C LYS H 140 -21.16 -43.42 -37.09
N LYS H 141 -20.81 -43.90 -38.28
CA LYS H 141 -20.49 -43.00 -39.37
C LYS H 141 -21.76 -42.45 -40.00
N VAL H 142 -21.59 -41.37 -40.77
CA VAL H 142 -22.74 -40.73 -41.38
C VAL H 142 -23.48 -41.74 -42.22
N TRP H 143 -22.76 -42.69 -42.81
CA TRP H 143 -23.44 -43.72 -43.57
C TRP H 143 -23.89 -44.87 -42.70
N GLU H 144 -23.44 -44.97 -41.46
CA GLU H 144 -24.02 -45.97 -40.58
C GLU H 144 -25.14 -45.40 -39.76
N HIS H 145 -25.06 -44.11 -39.50
CA HIS H 145 -26.07 -43.42 -38.74
C HIS H 145 -27.43 -43.61 -39.38
N ASP H 146 -28.46 -43.64 -38.57
CA ASP H 146 -29.82 -43.58 -39.08
C ASP H 146 -30.05 -42.22 -39.73
N LEU H 147 -30.45 -42.20 -41.00
CA LEU H 147 -30.48 -40.93 -41.71
C LEU H 147 -31.60 -40.04 -41.21
N ASP H 148 -32.80 -40.60 -41.04
CA ASP H 148 -33.93 -39.78 -40.60
C ASP H 148 -33.69 -39.14 -39.25
N ALA H 149 -33.06 -39.87 -38.33
CA ALA H 149 -32.74 -39.30 -37.04
C ALA H 149 -31.73 -38.17 -37.19
N GLY H 150 -30.77 -38.32 -38.09
CA GLY H 150 -29.77 -37.27 -38.28
C GLY H 150 -30.35 -36.00 -38.84
N LEU H 151 -31.24 -36.12 -39.82
CA LEU H 151 -31.89 -34.94 -40.39
C LEU H 151 -32.86 -34.32 -39.40
N ARG H 152 -33.58 -35.14 -38.64
CA ARG H 152 -34.46 -34.62 -37.59
C ARG H 152 -33.64 -33.94 -36.50
N LEU H 153 -32.50 -34.52 -36.14
CA LEU H 153 -31.61 -33.91 -35.15
C LEU H 153 -31.13 -32.54 -35.64
N MET H 154 -30.83 -32.42 -36.93
CA MET H 154 -30.35 -31.13 -37.42
C MET H 154 -31.44 -30.10 -37.49
N ARG H 155 -32.67 -30.51 -37.76
CA ARG H 155 -33.75 -29.54 -37.77
C ARG H 155 -34.05 -29.04 -36.38
N LEU H 156 -34.12 -29.93 -35.40
CA LEU H 156 -34.44 -29.54 -34.04
C LEU H 156 -33.34 -28.69 -33.42
N GLY H 157 -32.12 -28.85 -33.89
CA GLY H 157 -31.01 -28.15 -33.26
C GLY H 157 -30.66 -26.87 -33.95
N VAL H 158 -31.06 -26.68 -35.21
CA VAL H 158 -30.67 -25.53 -36.01
C VAL H 158 -31.86 -24.65 -36.37
N ASP H 159 -32.93 -25.25 -36.88
CA ASP H 159 -34.06 -24.44 -37.30
C ASP H 159 -34.73 -23.77 -36.11
N THR H 160 -34.77 -24.46 -34.96
CA THR H 160 -35.43 -23.88 -33.80
C THR H 160 -34.75 -22.57 -33.38
N HIS H 161 -33.42 -22.51 -33.48
CA HIS H 161 -32.70 -21.29 -33.15
C HIS H 161 -32.92 -20.21 -34.21
N ALA H 162 -32.98 -20.57 -35.49
CA ALA H 162 -33.17 -19.59 -36.54
C ALA H 162 -34.55 -18.95 -36.46
N ILE H 163 -35.57 -19.76 -36.20
CA ILE H 163 -36.93 -19.25 -36.02
C ILE H 163 -36.98 -18.32 -34.81
N SER H 164 -36.28 -18.70 -33.75
CA SER H 164 -36.27 -17.90 -32.53
C SER H 164 -35.62 -16.53 -32.78
N SER H 165 -34.47 -16.50 -33.44
CA SER H 165 -33.83 -15.23 -33.74
C SER H 165 -34.71 -14.38 -34.63
N HIS H 166 -35.38 -15.03 -35.57
CA HIS H 166 -36.21 -14.33 -36.53
C HIS H 166 -37.35 -13.58 -35.86
N PHE H 167 -37.97 -14.18 -34.85
CA PHE H 167 -39.15 -13.57 -34.25
C PHE H 167 -38.86 -12.74 -33.01
N LEU H 168 -37.83 -13.06 -32.23
CA LEU H 168 -37.60 -12.38 -30.96
C LEU H 168 -36.58 -11.26 -31.04
N LEU H 169 -35.73 -11.26 -32.05
CA LEU H 169 -34.72 -10.21 -32.12
C LEU H 169 -35.30 -8.82 -32.37
N PRO H 170 -36.43 -8.64 -33.08
CA PRO H 170 -36.99 -7.28 -33.18
C PRO H 170 -37.25 -6.61 -31.82
N LEU H 171 -37.84 -7.32 -30.86
CA LEU H 171 -38.09 -6.75 -29.54
C LEU H 171 -36.79 -6.46 -28.79
N LEU H 172 -35.79 -7.30 -28.97
CA LEU H 172 -34.55 -7.13 -28.25
C LEU H 172 -33.74 -5.97 -28.80
N VAL H 173 -33.79 -5.72 -30.11
CA VAL H 173 -33.01 -4.63 -30.70
C VAL H 173 -33.75 -3.30 -30.63
N ARG H 174 -34.91 -3.27 -29.98
CA ARG H 174 -35.65 -2.03 -29.84
C ARG H 174 -34.84 -1.02 -29.03
N ARG H 175 -34.04 -1.47 -28.09
CA ARG H 175 -33.22 -0.65 -27.23
C ARG H 175 -31.80 -1.21 -27.25
N PRO H 176 -30.79 -0.37 -27.09
CA PRO H 176 -29.42 -0.88 -26.99
C PRO H 176 -29.21 -1.62 -25.68
N GLY H 177 -28.20 -2.47 -25.68
CA GLY H 177 -27.87 -3.23 -24.49
C GLY H 177 -28.38 -4.65 -24.43
N GLY H 178 -29.09 -5.11 -25.45
CA GLY H 178 -29.59 -6.45 -25.44
C GLY H 178 -28.48 -7.46 -25.54
N LEU H 179 -28.73 -8.66 -25.04
CA LEU H 179 -27.77 -9.76 -25.03
C LEU H 179 -28.43 -11.02 -25.57
N VAL H 180 -27.77 -11.67 -26.53
CA VAL H 180 -28.19 -12.96 -27.05
C VAL H 180 -27.14 -13.99 -26.68
N VAL H 181 -27.57 -15.12 -26.13
CA VAL H 181 -26.68 -16.22 -25.80
C VAL H 181 -27.18 -17.48 -26.50
N GLU H 182 -26.39 -17.98 -27.45
CA GLU H 182 -26.68 -19.24 -28.11
C GLU H 182 -25.95 -20.35 -27.38
N MET H 183 -26.68 -21.34 -26.89
CA MET H 183 -26.06 -22.42 -26.13
C MET H 183 -25.56 -23.50 -27.06
N THR H 184 -24.37 -24.02 -26.77
CA THR H 184 -23.81 -25.07 -27.61
C THR H 184 -22.98 -26.00 -26.75
N ASP H 185 -22.39 -26.99 -27.40
CA ASP H 185 -21.50 -27.96 -26.77
C ASP H 185 -20.11 -27.77 -27.36
N GLY H 186 -19.20 -27.22 -26.56
CA GLY H 186 -17.82 -27.03 -26.92
C GLY H 186 -17.50 -25.58 -27.28
N THR H 187 -16.21 -25.25 -27.23
CA THR H 187 -15.79 -23.94 -27.73
C THR H 187 -15.34 -24.05 -29.18
N ALA H 188 -15.23 -22.90 -29.83
CA ALA H 188 -14.75 -22.90 -31.21
C ALA H 188 -13.32 -23.42 -31.28
N ALA H 189 -12.51 -23.10 -30.28
CA ALA H 189 -11.13 -23.58 -30.25
C ALA H 189 -11.09 -25.09 -30.10
N TYR H 190 -11.94 -25.63 -29.24
CA TYR H 190 -11.96 -27.07 -29.07
C TYR H 190 -12.54 -27.76 -30.30
N ASN H 191 -13.72 -27.35 -30.74
CA ASN H 191 -14.39 -28.00 -31.87
C ASN H 191 -13.59 -27.89 -33.15
N GLY H 192 -12.77 -26.85 -33.27
CA GLY H 192 -11.98 -26.70 -34.47
C GLY H 192 -10.96 -27.79 -34.67
N SER H 193 -10.58 -28.50 -33.60
CA SER H 193 -9.58 -29.55 -33.71
C SER H 193 -10.09 -30.86 -33.15
N HIS H 194 -11.41 -31.01 -33.01
CA HIS H 194 -11.98 -32.21 -32.45
C HIS H 194 -13.27 -32.55 -33.17
N TYR H 195 -13.36 -33.78 -33.65
CA TYR H 195 -14.59 -34.33 -34.15
C TYR H 195 -15.53 -34.60 -32.98
N ARG H 196 -16.77 -34.12 -33.09
CA ARG H 196 -17.70 -34.13 -31.96
C ARG H 196 -18.80 -35.16 -32.18
N ASN H 197 -18.57 -36.36 -31.67
CA ASN H 197 -19.56 -37.43 -31.48
C ASN H 197 -20.05 -38.06 -32.78
N SER H 198 -20.70 -37.29 -33.65
CA SER H 198 -21.22 -37.85 -34.89
C SER H 198 -21.26 -36.75 -35.94
N TYR H 199 -21.51 -37.16 -37.18
CA TYR H 199 -21.60 -36.21 -38.26
C TYR H 199 -22.68 -35.18 -37.98
N PHE H 200 -23.88 -35.65 -37.62
CA PHE H 200 -25.01 -34.74 -37.42
C PHE H 200 -24.87 -33.95 -36.14
N TYR H 201 -24.39 -34.58 -35.07
CA TYR H 201 -24.18 -33.84 -33.83
C TYR H 201 -23.14 -32.75 -34.02
N ASP H 202 -22.04 -33.10 -34.66
CA ASP H 202 -20.96 -32.13 -34.89
C ASP H 202 -21.45 -30.95 -35.72
N LEU H 203 -22.26 -31.20 -36.74
CA LEU H 203 -22.74 -30.12 -37.58
C LEU H 203 -23.65 -29.17 -36.82
N VAL H 204 -24.53 -29.71 -35.97
CA VAL H 204 -25.47 -28.86 -35.24
C VAL H 204 -24.74 -27.95 -34.26
N LYS H 205 -23.85 -28.51 -33.47
CA LYS H 205 -23.18 -27.72 -32.45
C LYS H 205 -22.29 -26.66 -33.07
N ASN H 206 -21.71 -26.94 -34.23
CA ASN H 206 -20.86 -25.95 -34.86
C ASN H 206 -21.64 -24.91 -35.64
N SER H 207 -22.85 -25.21 -36.09
CA SER H 207 -23.70 -24.14 -36.61
C SER H 207 -24.06 -23.16 -35.53
N VAL H 208 -24.34 -23.64 -34.33
CA VAL H 208 -24.73 -22.72 -33.27
C VAL H 208 -23.55 -21.84 -32.87
N LEU H 209 -22.32 -22.36 -32.95
CA LEU H 209 -21.15 -21.51 -32.83
C LEU H 209 -21.14 -20.39 -33.87
N ARG H 210 -21.43 -20.73 -35.12
CA ARG H 210 -21.44 -19.72 -36.17
C ARG H 210 -22.55 -18.71 -35.94
N MET H 211 -23.67 -19.16 -35.38
CA MET H 211 -24.80 -18.27 -35.10
C MET H 211 -24.39 -17.11 -34.21
N GLY H 212 -23.56 -17.37 -33.21
CA GLY H 212 -23.12 -16.29 -32.35
C GLY H 212 -22.30 -15.27 -33.10
N TYR H 213 -21.47 -15.73 -34.03
CA TYR H 213 -20.71 -14.81 -34.86
C TYR H 213 -21.62 -14.03 -35.79
N VAL H 214 -22.56 -14.72 -36.44
CA VAL H 214 -23.46 -14.09 -37.39
C VAL H 214 -24.34 -13.07 -36.71
N LEU H 215 -24.96 -13.47 -35.59
CA LEU H 215 -25.86 -12.57 -34.89
C LEU H 215 -25.13 -11.37 -34.31
N ALA H 216 -23.88 -11.52 -33.91
CA ALA H 216 -23.13 -10.37 -33.42
C ALA H 216 -23.02 -9.30 -34.48
N HIS H 217 -22.87 -9.70 -35.74
CA HIS H 217 -22.81 -8.75 -36.85
C HIS H 217 -24.13 -8.04 -37.05
N GLU H 218 -25.25 -8.75 -36.87
CA GLU H 218 -26.53 -8.12 -37.11
C GLU H 218 -26.96 -7.23 -35.95
N LEU H 219 -26.52 -7.52 -34.74
CA LEU H 219 -26.97 -6.77 -33.58
C LEU H 219 -26.10 -5.58 -33.23
N GLU H 220 -24.83 -5.58 -33.62
CA GLU H 220 -23.94 -4.52 -33.16
C GLU H 220 -24.45 -3.13 -33.50
N PRO H 221 -24.97 -2.84 -34.70
CA PRO H 221 -25.49 -1.50 -34.99
C PRO H 221 -26.66 -1.10 -34.13
N TYR H 222 -27.31 -2.04 -33.46
CA TYR H 222 -28.40 -1.72 -32.57
C TYR H 222 -27.91 -1.67 -31.13
N GLY H 223 -26.61 -1.76 -30.92
CA GLY H 223 -26.11 -1.86 -29.57
C GLY H 223 -26.35 -3.20 -28.92
N GLY H 224 -26.61 -4.25 -29.72
CA GLY H 224 -26.83 -5.58 -29.21
C GLY H 224 -25.57 -6.42 -29.25
N THR H 225 -25.54 -7.46 -28.41
CA THR H 225 -24.40 -8.36 -28.25
C THR H 225 -24.86 -9.80 -28.43
N ALA H 226 -24.04 -10.60 -29.11
CA ALA H 226 -24.28 -12.03 -29.23
C ALA H 226 -23.02 -12.79 -28.87
N VAL H 227 -23.19 -13.86 -28.10
CA VAL H 227 -22.10 -14.78 -27.81
C VAL H 227 -22.65 -16.19 -27.90
N THR H 228 -21.74 -17.15 -28.09
CA THR H 228 -22.10 -18.56 -27.99
C THR H 228 -21.45 -19.12 -26.74
N LEU H 229 -22.22 -19.80 -25.91
CA LEU H 229 -21.76 -20.27 -24.62
C LEU H 229 -21.88 -21.79 -24.56
N THR H 230 -20.88 -22.45 -24.00
CA THR H 230 -21.00 -23.87 -23.76
C THR H 230 -20.79 -24.15 -22.28
N PRO H 231 -21.52 -25.08 -21.70
CA PRO H 231 -21.18 -25.55 -20.36
C PRO H 231 -20.01 -26.51 -20.45
N GLY H 232 -19.62 -27.03 -19.30
CA GLY H 232 -18.62 -28.07 -19.32
C GLY H 232 -19.33 -29.39 -19.35
N TRP H 233 -18.88 -30.31 -18.50
CA TRP H 233 -19.53 -31.60 -18.32
C TRP H 233 -20.54 -31.40 -17.21
N MET H 234 -21.81 -31.26 -17.59
CA MET H 234 -22.85 -30.90 -16.65
C MET H 234 -23.37 -32.11 -15.89
N ARG H 235 -23.51 -31.95 -14.57
CA ARG H 235 -24.19 -32.94 -13.74
C ARG H 235 -25.70 -32.72 -13.81
N SER H 236 -26.22 -32.90 -15.01
CA SER H 236 -27.64 -32.75 -15.22
C SER H 236 -28.38 -33.89 -14.55
N GLU H 237 -29.70 -33.72 -14.42
CA GLU H 237 -30.56 -34.74 -13.83
C GLU H 237 -30.44 -36.04 -14.62
N MET H 238 -30.32 -35.92 -15.93
CA MET H 238 -30.21 -37.11 -16.75
C MET H 238 -28.85 -37.74 -16.59
N MET H 239 -27.82 -36.92 -16.49
CA MET H 239 -26.48 -37.45 -16.29
C MET H 239 -26.38 -38.13 -14.94
N LEU H 240 -26.98 -37.55 -13.91
CA LEU H 240 -26.90 -38.16 -12.59
C LEU H 240 -27.64 -39.49 -12.56
N GLU H 241 -28.86 -39.53 -13.11
CA GLU H 241 -29.63 -40.77 -13.10
C GLU H 241 -28.98 -41.82 -13.98
N THR H 242 -28.32 -41.39 -15.06
CA THR H 242 -27.59 -42.32 -15.90
C THR H 242 -26.51 -43.02 -15.10
N LEU H 243 -25.87 -42.29 -14.18
CA LEU H 243 -24.83 -42.86 -13.33
C LEU H 243 -25.38 -43.40 -12.02
N GLY H 244 -26.66 -43.23 -11.75
CA GLY H 244 -27.24 -43.78 -10.55
C GLY H 244 -26.88 -43.06 -9.29
N VAL H 245 -26.59 -41.76 -9.37
CA VAL H 245 -26.18 -41.00 -8.22
C VAL H 245 -27.02 -39.74 -8.12
N THR H 246 -26.97 -39.10 -6.96
CA THR H 246 -27.53 -37.78 -6.76
C THR H 246 -26.41 -36.75 -6.69
N GLU H 247 -26.80 -35.48 -6.73
CA GLU H 247 -25.80 -34.43 -6.63
C GLU H 247 -25.06 -34.49 -5.30
N GLU H 248 -25.76 -34.82 -4.22
CA GLU H 248 -25.09 -34.88 -2.93
C GLU H 248 -24.04 -35.97 -2.88
N ASN H 249 -24.15 -36.98 -3.73
CA ASN H 249 -23.23 -38.11 -3.75
C ASN H 249 -22.69 -38.29 -5.15
N TRP H 250 -22.41 -37.20 -5.85
CA TRP H 250 -22.05 -37.34 -7.25
C TRP H 250 -20.69 -37.99 -7.43
N ARG H 251 -19.78 -37.85 -6.46
CA ARG H 251 -18.48 -38.46 -6.61
C ARG H 251 -18.49 -39.99 -6.42
N ASP H 252 -19.63 -40.58 -6.04
CA ASP H 252 -19.75 -42.03 -6.05
C ASP H 252 -19.56 -42.59 -7.44
N ALA H 253 -19.85 -41.80 -8.46
CA ALA H 253 -19.73 -42.25 -9.84
C ALA H 253 -18.30 -42.27 -10.33
N LEU H 254 -17.35 -41.78 -9.54
CA LEU H 254 -15.99 -41.68 -10.03
C LEU H 254 -15.38 -43.05 -10.28
N THR H 255 -15.85 -44.08 -9.57
CA THR H 255 -15.34 -45.42 -9.80
C THR H 255 -15.63 -45.88 -11.22
N GLU H 256 -16.83 -45.59 -11.72
CA GLU H 256 -17.20 -45.95 -13.08
C GLU H 256 -16.67 -44.98 -14.12
N VAL H 257 -16.77 -43.69 -13.85
CA VAL H 257 -16.26 -42.68 -14.77
C VAL H 257 -15.26 -41.78 -14.05
N PRO H 258 -13.99 -42.15 -14.00
CA PRO H 258 -13.03 -41.35 -13.24
C PRO H 258 -12.88 -39.94 -13.77
N HIS H 259 -13.02 -39.74 -15.07
CA HIS H 259 -12.88 -38.38 -15.58
C HIS H 259 -14.09 -37.51 -15.27
N PHE H 260 -15.12 -38.05 -14.63
CA PHE H 260 -16.24 -37.24 -14.17
C PHE H 260 -15.82 -36.28 -13.07
N CYS H 261 -14.59 -36.38 -12.58
CA CYS H 261 -14.10 -35.49 -11.53
C CYS H 261 -14.01 -34.04 -11.98
N ILE H 262 -14.13 -33.76 -13.29
CA ILE H 262 -14.12 -32.39 -13.82
C ILE H 262 -15.52 -31.79 -13.97
N SER H 263 -16.57 -32.50 -13.56
CA SER H 263 -17.94 -32.09 -13.82
C SER H 263 -18.34 -30.85 -13.02
N GLU H 264 -19.41 -30.22 -13.49
CA GLU H 264 -19.98 -29.03 -12.87
C GLU H 264 -21.49 -29.20 -12.74
N SER H 265 -22.06 -28.51 -11.77
CA SER H 265 -23.51 -28.50 -11.68
C SER H 265 -24.08 -27.59 -12.74
N PRO H 266 -25.34 -27.80 -13.12
CA PRO H 266 -25.93 -26.96 -14.16
C PRO H 266 -25.93 -25.48 -13.78
N SER H 267 -25.97 -25.16 -12.49
CA SER H 267 -26.00 -23.76 -12.08
C SER H 267 -24.73 -23.01 -12.46
N TYR H 268 -23.64 -23.70 -12.73
CA TYR H 268 -22.38 -23.07 -13.13
C TYR H 268 -22.53 -22.30 -14.44
N VAL H 269 -23.02 -22.95 -15.49
CA VAL H 269 -23.16 -22.23 -16.74
C VAL H 269 -24.30 -21.22 -16.63
N GLY H 270 -25.26 -21.47 -15.74
CA GLY H 270 -26.32 -20.50 -15.49
C GLY H 270 -25.79 -19.22 -14.88
N ARG H 271 -24.84 -19.34 -13.95
CA ARG H 271 -24.23 -18.14 -13.37
C ARG H 271 -23.34 -17.42 -14.36
N ALA H 272 -22.83 -18.13 -15.38
CA ALA H 272 -22.07 -17.47 -16.42
C ALA H 272 -22.96 -16.54 -17.24
N VAL H 273 -24.18 -16.97 -17.56
CA VAL H 273 -25.10 -16.13 -18.32
C VAL H 273 -25.45 -14.88 -17.52
N ALA H 274 -25.68 -15.04 -16.21
CA ALA H 274 -25.99 -13.90 -15.39
C ALA H 274 -24.83 -12.92 -15.34
N ALA H 275 -23.61 -13.44 -15.29
CA ALA H 275 -22.44 -12.56 -15.28
C ALA H 275 -22.36 -11.78 -16.57
N LEU H 276 -22.66 -12.43 -17.69
CA LEU H 276 -22.69 -11.71 -18.95
C LEU H 276 -23.80 -10.67 -18.94
N ALA H 277 -24.99 -11.07 -18.50
CA ALA H 277 -26.10 -10.14 -18.53
C ALA H 277 -25.90 -8.97 -17.59
N GLY H 278 -25.10 -9.13 -16.55
CA GLY H 278 -24.78 -8.06 -15.63
C GLY H 278 -23.54 -7.27 -15.96
N ASP H 279 -22.83 -7.63 -17.02
CA ASP H 279 -21.62 -6.93 -17.40
C ASP H 279 -22.03 -5.74 -18.26
N ALA H 280 -21.79 -4.53 -17.75
CA ALA H 280 -22.18 -3.33 -18.49
C ALA H 280 -21.41 -3.20 -19.78
N ASP H 281 -20.20 -3.74 -19.84
CA ASP H 281 -19.39 -3.75 -21.04
C ASP H 281 -19.42 -5.12 -21.71
N VAL H 282 -20.57 -5.78 -21.68
CA VAL H 282 -20.64 -7.12 -22.21
C VAL H 282 -20.30 -7.15 -23.70
N ALA H 283 -20.41 -6.02 -24.39
CA ALA H 283 -20.12 -5.96 -25.82
C ALA H 283 -18.68 -6.30 -26.14
N ARG H 284 -17.80 -6.32 -25.14
CA ARG H 284 -16.42 -6.74 -25.38
C ARG H 284 -16.32 -8.19 -25.81
N TRP H 285 -17.38 -8.97 -25.60
CA TRP H 285 -17.43 -10.37 -25.99
C TRP H 285 -18.07 -10.62 -27.35
N ASN H 286 -18.56 -9.58 -28.00
CA ASN H 286 -19.46 -9.75 -29.13
C ASN H 286 -18.86 -10.66 -30.20
N GLY H 287 -19.60 -11.68 -30.59
CA GLY H 287 -19.16 -12.57 -31.63
C GLY H 287 -18.27 -13.69 -31.17
N GLN H 288 -17.95 -13.76 -29.89
CA GLN H 288 -17.01 -14.77 -29.43
C GLN H 288 -17.74 -16.02 -28.97
N SER H 289 -17.01 -17.13 -28.99
CA SER H 289 -17.38 -18.36 -28.33
C SER H 289 -16.77 -18.40 -26.94
N VAL H 290 -17.59 -18.74 -25.92
CA VAL H 290 -17.16 -18.74 -24.53
C VAL H 290 -17.61 -20.01 -23.82
N SER H 291 -16.96 -20.31 -22.69
CA SER H 291 -17.30 -21.48 -21.89
C SER H 291 -17.58 -21.06 -20.46
N SER H 292 -18.27 -21.93 -19.71
CA SER H 292 -18.55 -21.62 -18.32
C SER H 292 -17.27 -21.56 -17.51
N GLY H 293 -16.33 -22.47 -17.78
CA GLY H 293 -15.09 -22.43 -17.03
C GLY H 293 -14.26 -21.22 -17.36
N GLN H 294 -14.26 -20.80 -18.62
CA GLN H 294 -13.55 -19.58 -18.97
C GLN H 294 -14.14 -18.35 -18.30
N LEU H 295 -15.47 -18.24 -18.28
CA LEU H 295 -16.08 -17.06 -17.71
C LEU H 295 -15.98 -17.04 -16.20
N ALA H 296 -15.90 -18.19 -15.54
CA ALA H 296 -15.71 -18.17 -14.09
C ALA H 296 -14.37 -17.57 -13.75
N GLN H 297 -13.35 -17.90 -14.52
CA GLN H 297 -12.06 -17.27 -14.27
C GLN H 297 -12.13 -15.78 -14.52
N GLU H 298 -12.89 -15.36 -15.52
CA GLU H 298 -12.92 -13.93 -15.84
C GLU H 298 -13.78 -13.15 -14.85
N TYR H 299 -14.96 -13.68 -14.48
CA TYR H 299 -15.85 -12.92 -13.62
C TYR H 299 -15.70 -13.27 -12.14
N GLY H 300 -15.27 -14.46 -11.80
CA GLY H 300 -15.02 -14.79 -10.42
C GLY H 300 -16.12 -15.54 -9.71
N PHE H 301 -17.20 -15.90 -10.40
CA PHE H 301 -18.23 -16.70 -9.79
C PHE H 301 -17.73 -18.12 -9.61
N THR H 302 -18.45 -18.90 -8.79
CA THR H 302 -18.12 -20.30 -8.56
C THR H 302 -19.36 -21.16 -8.82
N ASP H 303 -19.15 -22.47 -8.94
CA ASP H 303 -20.26 -23.42 -8.89
C ASP H 303 -20.84 -23.41 -7.49
N LEU H 304 -21.91 -24.16 -7.29
CA LEU H 304 -22.55 -24.12 -5.98
C LEU H 304 -21.57 -24.53 -4.90
N ASP H 305 -20.67 -25.45 -5.20
CA ASP H 305 -19.75 -25.97 -4.21
C ASP H 305 -18.50 -25.15 -4.08
N GLY H 306 -18.42 -23.99 -4.72
CA GLY H 306 -17.24 -23.18 -4.55
C GLY H 306 -16.10 -23.51 -5.47
N SER H 307 -16.26 -24.48 -6.36
CA SER H 307 -15.20 -24.80 -7.29
C SER H 307 -15.38 -24.04 -8.59
N ARG H 308 -14.38 -24.14 -9.47
CA ARG H 308 -14.43 -23.52 -10.80
C ARG H 308 -13.95 -24.51 -11.86
N PRO H 309 -14.77 -25.50 -12.21
CA PRO H 309 -14.34 -26.49 -13.22
C PRO H 309 -13.95 -25.82 -14.53
N ASP H 310 -12.86 -26.32 -15.13
CA ASP H 310 -12.35 -25.86 -16.42
C ASP H 310 -12.34 -27.05 -17.36
N CYS H 311 -13.50 -27.40 -17.89
CA CYS H 311 -13.65 -28.67 -18.58
C CYS H 311 -12.79 -28.74 -19.83
N TRP H 312 -12.80 -27.70 -20.65
CA TRP H 312 -12.24 -27.85 -21.98
C TRP H 312 -10.72 -27.83 -21.96
N ARG H 313 -10.12 -27.18 -20.97
CA ARG H 313 -8.67 -27.32 -20.82
C ARG H 313 -8.32 -28.68 -20.24
N TYR H 314 -9.16 -29.23 -19.36
CA TYR H 314 -8.90 -30.55 -18.78
C TYR H 314 -8.92 -31.64 -19.85
N LEU H 315 -9.89 -31.59 -20.77
CA LEU H 315 -10.00 -32.63 -21.78
C LEU H 315 -8.74 -32.70 -22.61
N VAL H 316 -8.19 -31.55 -22.96
CA VAL H 316 -7.03 -31.50 -23.83
C VAL H 316 -5.77 -31.90 -23.07
N GLU H 317 -5.59 -31.31 -21.89
CA GLU H 317 -4.34 -31.45 -21.15
C GLU H 317 -4.29 -32.70 -20.29
N VAL H 318 -5.43 -33.26 -19.90
CA VAL H 318 -5.39 -34.45 -19.05
C VAL H 318 -5.96 -35.65 -19.78
N GLN H 319 -7.25 -35.62 -20.08
CA GLN H 319 -7.92 -36.81 -20.58
C GLN H 319 -7.35 -37.24 -21.92
N GLU H 320 -7.32 -36.35 -22.90
CA GLU H 320 -6.82 -36.78 -24.20
C GLU H 320 -5.34 -37.01 -24.22
N ALA H 321 -4.61 -36.49 -23.25
CA ALA H 321 -3.18 -36.71 -23.14
C ALA H 321 -2.81 -38.06 -22.55
N GLY H 322 -3.79 -38.89 -22.21
CA GLY H 322 -3.52 -40.18 -21.63
C GLY H 322 -3.18 -40.19 -20.16
N LYS H 323 -3.23 -39.05 -19.49
CA LYS H 323 -2.91 -39.02 -18.08
C LYS H 323 -4.08 -39.57 -17.26
N PRO H 324 -3.83 -40.01 -16.02
CA PRO H 324 -4.92 -40.48 -15.17
C PRO H 324 -5.84 -39.35 -14.75
N ALA H 325 -7.06 -39.73 -14.39
CA ALA H 325 -8.03 -38.75 -13.91
C ALA H 325 -7.51 -38.08 -12.65
N ASP H 326 -7.42 -36.76 -12.70
CA ASP H 326 -6.92 -35.94 -11.61
C ASP H 326 -7.41 -34.52 -11.83
N PRO H 327 -8.29 -34.03 -10.96
CA PRO H 327 -8.84 -32.68 -11.15
C PRO H 327 -7.92 -31.56 -10.70
N SER H 328 -6.72 -31.87 -10.21
CA SER H 328 -5.85 -30.85 -9.65
C SER H 328 -5.50 -29.77 -10.67
N GLY H 329 -5.75 -28.52 -10.32
CA GLY H 329 -5.43 -27.41 -11.18
C GLY H 329 -6.49 -27.08 -12.20
N TYR H 330 -7.62 -27.77 -12.19
CA TYR H 330 -8.68 -27.59 -13.17
C TYR H 330 -10.04 -27.29 -12.54
N ARG H 331 -10.12 -27.14 -11.23
CA ARG H 331 -11.36 -26.75 -10.57
C ARG H 331 -11.07 -26.13 -9.21
#